data_3FHW
# 
_entry.id   3FHW 
# 
_audit_conform.dict_name       mmcif_pdbx.dic 
_audit_conform.dict_version    5.399 
_audit_conform.dict_location   http://mmcif.pdb.org/dictionaries/ascii/mmcif_pdbx.dic 
# 
loop_
_database_2.database_id 
_database_2.database_code 
_database_2.pdbx_database_accession 
_database_2.pdbx_DOI 
PDB   3FHW         pdb_00003fhw 10.2210/pdb3fhw/pdb 
RCSB  RCSB050611   ?            ?                   
WWPDB D_1000050611 ?            ?                   
# 
loop_
_pdbx_audit_revision_history.ordinal 
_pdbx_audit_revision_history.data_content_type 
_pdbx_audit_revision_history.major_revision 
_pdbx_audit_revision_history.minor_revision 
_pdbx_audit_revision_history.revision_date 
1 'Structure model' 1 0 2008-12-30 
2 'Structure model' 1 1 2011-07-13 
3 'Structure model' 1 2 2017-11-01 
4 'Structure model' 1 3 2024-11-20 
# 
_pdbx_audit_revision_details.ordinal             1 
_pdbx_audit_revision_details.revision_ordinal    1 
_pdbx_audit_revision_details.data_content_type   'Structure model' 
_pdbx_audit_revision_details.provider            repository 
_pdbx_audit_revision_details.type                'Initial release' 
_pdbx_audit_revision_details.description         ? 
_pdbx_audit_revision_details.details             ? 
# 
loop_
_pdbx_audit_revision_group.ordinal 
_pdbx_audit_revision_group.revision_ordinal 
_pdbx_audit_revision_group.data_content_type 
_pdbx_audit_revision_group.group 
1  2 'Structure model' Advisory                    
2  2 'Structure model' 'Refinement description'    
3  2 'Structure model' 'Version format compliance' 
4  3 'Structure model' Advisory                    
5  3 'Structure model' 'Refinement description'    
6  4 'Structure model' Advisory                    
7  4 'Structure model' 'Data collection'           
8  4 'Structure model' 'Database references'       
9  4 'Structure model' 'Derived calculations'      
10 4 'Structure model' 'Structure summary'         
# 
loop_
_pdbx_audit_revision_category.ordinal 
_pdbx_audit_revision_category.revision_ordinal 
_pdbx_audit_revision_category.data_content_type 
_pdbx_audit_revision_category.category 
1  3 'Structure model' pdbx_unobs_or_zero_occ_atoms 
2  3 'Structure model' software                     
3  4 'Structure model' chem_comp_atom               
4  4 'Structure model' chem_comp_bond               
5  4 'Structure model' database_2                   
6  4 'Structure model' pdbx_entry_details           
7  4 'Structure model' pdbx_modification_feature    
8  4 'Structure model' pdbx_unobs_or_zero_occ_atoms 
9  4 'Structure model' struct_conn                  
10 4 'Structure model' struct_site                  
# 
loop_
_pdbx_audit_revision_item.ordinal 
_pdbx_audit_revision_item.revision_ordinal 
_pdbx_audit_revision_item.data_content_type 
_pdbx_audit_revision_item.item 
1  4 'Structure model' '_database_2.pdbx_DOI'                
2  4 'Structure model' '_database_2.pdbx_database_accession' 
3  4 'Structure model' '_struct_conn.pdbx_dist_value'        
4  4 'Structure model' '_struct_conn.pdbx_leaving_atom_flag' 
5  4 'Structure model' '_struct_conn.ptnr1_auth_asym_id'     
6  4 'Structure model' '_struct_conn.ptnr1_auth_comp_id'     
7  4 'Structure model' '_struct_conn.ptnr1_auth_seq_id'      
8  4 'Structure model' '_struct_conn.ptnr1_label_asym_id'    
9  4 'Structure model' '_struct_conn.ptnr1_label_atom_id'    
10 4 'Structure model' '_struct_conn.ptnr1_label_comp_id'    
11 4 'Structure model' '_struct_conn.ptnr1_label_seq_id'     
12 4 'Structure model' '_struct_conn.ptnr2_auth_asym_id'     
13 4 'Structure model' '_struct_conn.ptnr2_auth_comp_id'     
14 4 'Structure model' '_struct_conn.ptnr2_auth_seq_id'      
15 4 'Structure model' '_struct_conn.ptnr2_label_asym_id'    
16 4 'Structure model' '_struct_conn.ptnr2_label_atom_id'    
17 4 'Structure model' '_struct_conn.ptnr2_label_comp_id'    
18 4 'Structure model' '_struct_site.pdbx_auth_asym_id'      
19 4 'Structure model' '_struct_site.pdbx_auth_comp_id'      
20 4 'Structure model' '_struct_site.pdbx_auth_seq_id'       
# 
_pdbx_database_status.status_code                     REL 
_pdbx_database_status.entry_id                        3FHW 
_pdbx_database_status.recvd_initial_deposition_date   2008-12-10 
_pdbx_database_status.deposit_site                    RCSB 
_pdbx_database_status.process_site                    RCSB 
_pdbx_database_status.status_code_sf                  REL 
_pdbx_database_status.status_code_mr                  ? 
_pdbx_database_status.SG_entry                        Y 
_pdbx_database_status.pdb_format_compatible           Y 
_pdbx_database_status.status_code_cs                  ? 
_pdbx_database_status.methods_development_category    ? 
_pdbx_database_status.status_code_nmr_data            ? 
# 
loop_
_pdbx_database_related.db_name 
_pdbx_database_related.db_id 
_pdbx_database_related.details 
_pdbx_database_related.content_type 
PDB      3DM4   . unspecified 
TargetDB BpR162 . unspecified 
# 
loop_
_audit_author.name 
_audit_author.pdbx_ordinal 
'Kuzin, A.P.'                                     1  
'Neely, H.'                                       2  
'Seetharaman, J.'                                 3  
'Forouhar, F.'                                    4  
'Wang, D.'                                        5  
'Mao, L.'                                         6  
'Maglaqui, M.'                                    7  
'Xiao, R.'                                        8  
'Liu, J.'                                         9  
'Baran, M.C.'                                     10 
'Acton, T.B.'                                     11 
'Rost, B.'                                        12 
'Montelione, G.T.'                                13 
'Hunt, J.F.'                                      14 
'Tong, L.'                                        15 
'Northeast Structural Genomics Consortium (NESG)' 16 
# 
_citation.id                        primary 
_citation.title                     
'Crystal structure of the protein priB from Bordetella parapertussis. Northeast Structural Genomics Consortium target BpR162.' 
_citation.journal_abbrev            'To be Published' 
_citation.journal_volume            ? 
_citation.page_first                ? 
_citation.page_last                 ? 
_citation.year                      ? 
_citation.journal_id_ASTM           ? 
_citation.country                   ? 
_citation.journal_id_ISSN           ? 
_citation.journal_id_CSD            0353 
_citation.book_publisher            ? 
_citation.pdbx_database_id_PubMed   ? 
_citation.pdbx_database_id_DOI      ? 
# 
loop_
_citation_author.citation_id 
_citation_author.name 
_citation_author.ordinal 
_citation_author.identifier_ORCID 
primary 'Kuzin, A.P.'      1  ? 
primary 'Neely, H.'        2  ? 
primary 'Seetharaman, J.'  3  ? 
primary 'Forouhar, F.'     4  ? 
primary 'Wang, D.'         5  ? 
primary 'Mao, L.'          6  ? 
primary 'Maglaqui, M.'     7  ? 
primary 'Xiao, R.'         8  ? 
primary 'Liu, J.'          9  ? 
primary 'Baran, M.C.'      10 ? 
primary 'Acton, T.B.'      11 ? 
primary 'Rost, B.'         12 ? 
primary 'Montelione, G.T.' 13 ? 
primary 'Hunt, J.F.'       14 ? 
primary 'Tong, L.'         15 ? 
# 
loop_
_entity.id 
_entity.type 
_entity.src_method 
_entity.pdbx_description 
_entity.formula_weight 
_entity.pdbx_number_of_molecules 
_entity.pdbx_ec 
_entity.pdbx_mutation 
_entity.pdbx_fragment 
_entity.details 
1 polymer     man 'Primosomal replication protein n' 12698.100 2   ? ? ? ? 
2 non-polymer syn 'SODIUM ION'                       22.990    3   ? ? ? ? 
3 non-polymer syn 'DI(HYDROXYETHYL)ETHER'            106.120   1   ? ? ? ? 
4 water       nat water                              18.015    121 ? ? ? ? 
# 
_entity_poly.entity_id                      1 
_entity_poly.type                           'polypeptide(L)' 
_entity_poly.nstd_linkage                   no 
_entity_poly.nstd_monomer                   yes 
_entity_poly.pdbx_seq_one_letter_code       
;(MSE)NTLELSARVLECGA(MSE)RHTPAGLPALELLLVHESEVVEAGHPRRVELTISAVALGDLALLLADTPLGTE
(MSE)QVQGFLAPARKDSVKVKLHLQQARRIAGS(MSE)GRDPLVGLEHHHHHH
;
_entity_poly.pdbx_seq_one_letter_code_can   
;MNTLELSARVLECGAMRHTPAGLPALELLLVHESEVVEAGHPRRVELTISAVALGDLALLLADTPLGTEMQVQGFLAPAR
KDSVKVKLHLQQARRIAGSMGRDPLVGLEHHHHHH
;
_entity_poly.pdbx_strand_id                 A,B 
_entity_poly.pdbx_target_identifier         BpR162 
# 
loop_
_pdbx_entity_nonpoly.entity_id 
_pdbx_entity_nonpoly.name 
_pdbx_entity_nonpoly.comp_id 
2 'SODIUM ION'            NA  
3 'DI(HYDROXYETHYL)ETHER' PEG 
4 water                   HOH 
# 
loop_
_entity_poly_seq.entity_id 
_entity_poly_seq.num 
_entity_poly_seq.mon_id 
_entity_poly_seq.hetero 
1 1   MSE n 
1 2   ASN n 
1 3   THR n 
1 4   LEU n 
1 5   GLU n 
1 6   LEU n 
1 7   SER n 
1 8   ALA n 
1 9   ARG n 
1 10  VAL n 
1 11  LEU n 
1 12  GLU n 
1 13  CYS n 
1 14  GLY n 
1 15  ALA n 
1 16  MSE n 
1 17  ARG n 
1 18  HIS n 
1 19  THR n 
1 20  PRO n 
1 21  ALA n 
1 22  GLY n 
1 23  LEU n 
1 24  PRO n 
1 25  ALA n 
1 26  LEU n 
1 27  GLU n 
1 28  LEU n 
1 29  LEU n 
1 30  LEU n 
1 31  VAL n 
1 32  HIS n 
1 33  GLU n 
1 34  SER n 
1 35  GLU n 
1 36  VAL n 
1 37  VAL n 
1 38  GLU n 
1 39  ALA n 
1 40  GLY n 
1 41  HIS n 
1 42  PRO n 
1 43  ARG n 
1 44  ARG n 
1 45  VAL n 
1 46  GLU n 
1 47  LEU n 
1 48  THR n 
1 49  ILE n 
1 50  SER n 
1 51  ALA n 
1 52  VAL n 
1 53  ALA n 
1 54  LEU n 
1 55  GLY n 
1 56  ASP n 
1 57  LEU n 
1 58  ALA n 
1 59  LEU n 
1 60  LEU n 
1 61  LEU n 
1 62  ALA n 
1 63  ASP n 
1 64  THR n 
1 65  PRO n 
1 66  LEU n 
1 67  GLY n 
1 68  THR n 
1 69  GLU n 
1 70  MSE n 
1 71  GLN n 
1 72  VAL n 
1 73  GLN n 
1 74  GLY n 
1 75  PHE n 
1 76  LEU n 
1 77  ALA n 
1 78  PRO n 
1 79  ALA n 
1 80  ARG n 
1 81  LYS n 
1 82  ASP n 
1 83  SER n 
1 84  VAL n 
1 85  LYS n 
1 86  VAL n 
1 87  LYS n 
1 88  LEU n 
1 89  HIS n 
1 90  LEU n 
1 91  GLN n 
1 92  GLN n 
1 93  ALA n 
1 94  ARG n 
1 95  ARG n 
1 96  ILE n 
1 97  ALA n 
1 98  GLY n 
1 99  SER n 
1 100 MSE n 
1 101 GLY n 
1 102 ARG n 
1 103 ASP n 
1 104 PRO n 
1 105 LEU n 
1 106 VAL n 
1 107 GLY n 
1 108 LEU n 
1 109 GLU n 
1 110 HIS n 
1 111 HIS n 
1 112 HIS n 
1 113 HIS n 
1 114 HIS n 
1 115 HIS n 
# 
_entity_src_gen.entity_id                          1 
_entity_src_gen.pdbx_src_id                        1 
_entity_src_gen.pdbx_alt_source_flag               sample 
_entity_src_gen.pdbx_seq_type                      ? 
_entity_src_gen.pdbx_beg_seq_num                   ? 
_entity_src_gen.pdbx_end_seq_num                   ? 
_entity_src_gen.gene_src_common_name               ? 
_entity_src_gen.gene_src_genus                     ? 
_entity_src_gen.pdbx_gene_src_gene                 'priB, BPP2467' 
_entity_src_gen.gene_src_species                   ? 
_entity_src_gen.gene_src_strain                    ? 
_entity_src_gen.gene_src_tissue                    ? 
_entity_src_gen.gene_src_tissue_fraction           ? 
_entity_src_gen.gene_src_details                   ? 
_entity_src_gen.pdbx_gene_src_fragment             ? 
_entity_src_gen.pdbx_gene_src_scientific_name      'Bordetella parapertussis' 
_entity_src_gen.pdbx_gene_src_ncbi_taxonomy_id     519 
_entity_src_gen.pdbx_gene_src_variant              ? 
_entity_src_gen.pdbx_gene_src_cell_line            ? 
_entity_src_gen.pdbx_gene_src_atcc                 ? 
_entity_src_gen.pdbx_gene_src_organ                ? 
_entity_src_gen.pdbx_gene_src_organelle            ? 
_entity_src_gen.pdbx_gene_src_cell                 ? 
_entity_src_gen.pdbx_gene_src_cellular_location    ? 
_entity_src_gen.host_org_common_name               ? 
_entity_src_gen.pdbx_host_org_scientific_name      ? 
_entity_src_gen.pdbx_host_org_ncbi_taxonomy_id     ? 
_entity_src_gen.host_org_genus                     ? 
_entity_src_gen.pdbx_host_org_gene                 ? 
_entity_src_gen.pdbx_host_org_organ                ? 
_entity_src_gen.host_org_species                   ? 
_entity_src_gen.pdbx_host_org_tissue               ? 
_entity_src_gen.pdbx_host_org_tissue_fraction      ? 
_entity_src_gen.pdbx_host_org_strain               ? 
_entity_src_gen.pdbx_host_org_variant              ? 
_entity_src_gen.pdbx_host_org_cell_line            ? 
_entity_src_gen.pdbx_host_org_atcc                 ? 
_entity_src_gen.pdbx_host_org_culture_collection   ? 
_entity_src_gen.pdbx_host_org_cell                 ? 
_entity_src_gen.pdbx_host_org_organelle            ? 
_entity_src_gen.pdbx_host_org_cellular_location    ? 
_entity_src_gen.pdbx_host_org_vector_type          ? 
_entity_src_gen.pdbx_host_org_vector               ? 
_entity_src_gen.host_org_details                   ? 
_entity_src_gen.expression_system_id               ? 
_entity_src_gen.plasmid_name                       ? 
_entity_src_gen.plasmid_details                    ? 
_entity_src_gen.pdbx_description                   ? 
# 
loop_
_chem_comp.id 
_chem_comp.type 
_chem_comp.mon_nstd_flag 
_chem_comp.name 
_chem_comp.pdbx_synonyms 
_chem_comp.formula 
_chem_comp.formula_weight 
ALA 'L-peptide linking' y ALANINE                 ? 'C3 H7 N O2'     89.093  
ARG 'L-peptide linking' y ARGININE                ? 'C6 H15 N4 O2 1' 175.209 
ASN 'L-peptide linking' y ASPARAGINE              ? 'C4 H8 N2 O3'    132.118 
ASP 'L-peptide linking' y 'ASPARTIC ACID'         ? 'C4 H7 N O4'     133.103 
CYS 'L-peptide linking' y CYSTEINE                ? 'C3 H7 N O2 S'   121.158 
GLN 'L-peptide linking' y GLUTAMINE               ? 'C5 H10 N2 O3'   146.144 
GLU 'L-peptide linking' y 'GLUTAMIC ACID'         ? 'C5 H9 N O4'     147.129 
GLY 'peptide linking'   y GLYCINE                 ? 'C2 H5 N O2'     75.067  
HIS 'L-peptide linking' y HISTIDINE               ? 'C6 H10 N3 O2 1' 156.162 
HOH non-polymer         . WATER                   ? 'H2 O'           18.015  
ILE 'L-peptide linking' y ISOLEUCINE              ? 'C6 H13 N O2'    131.173 
LEU 'L-peptide linking' y LEUCINE                 ? 'C6 H13 N O2'    131.173 
LYS 'L-peptide linking' y LYSINE                  ? 'C6 H15 N2 O2 1' 147.195 
MSE 'L-peptide linking' n SELENOMETHIONINE        ? 'C5 H11 N O2 Se' 196.106 
NA  non-polymer         . 'SODIUM ION'            ? 'Na 1'           22.990  
PEG non-polymer         . 'DI(HYDROXYETHYL)ETHER' ? 'C4 H10 O3'      106.120 
PHE 'L-peptide linking' y PHENYLALANINE           ? 'C9 H11 N O2'    165.189 
PRO 'L-peptide linking' y PROLINE                 ? 'C5 H9 N O2'     115.130 
SER 'L-peptide linking' y SERINE                  ? 'C3 H7 N O3'     105.093 
THR 'L-peptide linking' y THREONINE               ? 'C4 H9 N O3'     119.119 
VAL 'L-peptide linking' y VALINE                  ? 'C5 H11 N O2'    117.146 
# 
loop_
_pdbx_poly_seq_scheme.asym_id 
_pdbx_poly_seq_scheme.entity_id 
_pdbx_poly_seq_scheme.seq_id 
_pdbx_poly_seq_scheme.mon_id 
_pdbx_poly_seq_scheme.ndb_seq_num 
_pdbx_poly_seq_scheme.pdb_seq_num 
_pdbx_poly_seq_scheme.auth_seq_num 
_pdbx_poly_seq_scheme.pdb_mon_id 
_pdbx_poly_seq_scheme.auth_mon_id 
_pdbx_poly_seq_scheme.pdb_strand_id 
_pdbx_poly_seq_scheme.pdb_ins_code 
_pdbx_poly_seq_scheme.hetero 
A 1 1   MSE 1   1   1   MSE MSE A . n 
A 1 2   ASN 2   2   2   ASN ASN A . n 
A 1 3   THR 3   3   3   THR THR A . n 
A 1 4   LEU 4   4   4   LEU LEU A . n 
A 1 5   GLU 5   5   5   GLU GLU A . n 
A 1 6   LEU 6   6   6   LEU LEU A . n 
A 1 7   SER 7   7   7   SER SER A . n 
A 1 8   ALA 8   8   8   ALA ALA A . n 
A 1 9   ARG 9   9   9   ARG ARG A . n 
A 1 10  VAL 10  10  10  VAL VAL A . n 
A 1 11  LEU 11  11  11  LEU LEU A . n 
A 1 12  GLU 12  12  12  GLU GLU A . n 
A 1 13  CYS 13  13  13  CYS CYS A . n 
A 1 14  GLY 14  14  14  GLY GLY A . n 
A 1 15  ALA 15  15  15  ALA ALA A . n 
A 1 16  MSE 16  16  16  MSE MSE A . n 
A 1 17  ARG 17  17  17  ARG ARG A . n 
A 1 18  HIS 18  18  18  HIS HIS A . n 
A 1 19  THR 19  19  19  THR THR A . n 
A 1 20  PRO 20  20  20  PRO PRO A . n 
A 1 21  ALA 21  21  21  ALA ALA A . n 
A 1 22  GLY 22  22  22  GLY GLY A . n 
A 1 23  LEU 23  23  23  LEU LEU A . n 
A 1 24  PRO 24  24  24  PRO PRO A . n 
A 1 25  ALA 25  25  25  ALA ALA A . n 
A 1 26  LEU 26  26  26  LEU LEU A . n 
A 1 27  GLU 27  27  27  GLU GLU A . n 
A 1 28  LEU 28  28  28  LEU LEU A . n 
A 1 29  LEU 29  29  29  LEU LEU A . n 
A 1 30  LEU 30  30  30  LEU LEU A . n 
A 1 31  VAL 31  31  31  VAL VAL A . n 
A 1 32  HIS 32  32  32  HIS HIS A . n 
A 1 33  GLU 33  33  33  GLU GLU A . n 
A 1 34  SER 34  34  34  SER SER A . n 
A 1 35  GLU 35  35  35  GLU GLU A . n 
A 1 36  VAL 36  36  36  VAL VAL A . n 
A 1 37  VAL 37  37  37  VAL VAL A . n 
A 1 38  GLU 38  38  38  GLU GLU A . n 
A 1 39  ALA 39  39  39  ALA ALA A . n 
A 1 40  GLY 40  40  40  GLY GLY A . n 
A 1 41  HIS 41  41  ?   ?   ?   A . n 
A 1 42  PRO 42  42  ?   ?   ?   A . n 
A 1 43  ARG 43  43  43  ARG ARG A . n 
A 1 44  ARG 44  44  44  ARG ARG A . n 
A 1 45  VAL 45  45  45  VAL VAL A . n 
A 1 46  GLU 46  46  46  GLU GLU A . n 
A 1 47  LEU 47  47  47  LEU LEU A . n 
A 1 48  THR 48  48  48  THR THR A . n 
A 1 49  ILE 49  49  49  ILE ILE A . n 
A 1 50  SER 50  50  50  SER SER A . n 
A 1 51  ALA 51  51  51  ALA ALA A . n 
A 1 52  VAL 52  52  52  VAL VAL A . n 
A 1 53  ALA 53  53  53  ALA ALA A . n 
A 1 54  LEU 54  54  54  LEU LEU A . n 
A 1 55  GLY 55  55  55  GLY GLY A . n 
A 1 56  ASP 56  56  56  ASP ASP A . n 
A 1 57  LEU 57  57  57  LEU LEU A . n 
A 1 58  ALA 58  58  58  ALA ALA A . n 
A 1 59  LEU 59  59  59  LEU LEU A . n 
A 1 60  LEU 60  60  60  LEU LEU A . n 
A 1 61  LEU 61  61  61  LEU LEU A . n 
A 1 62  ALA 62  62  62  ALA ALA A . n 
A 1 63  ASP 63  63  63  ASP ASP A . n 
A 1 64  THR 64  64  64  THR THR A . n 
A 1 65  PRO 65  65  65  PRO PRO A . n 
A 1 66  LEU 66  66  66  LEU LEU A . n 
A 1 67  GLY 67  67  67  GLY GLY A . n 
A 1 68  THR 68  68  68  THR THR A . n 
A 1 69  GLU 69  69  69  GLU GLU A . n 
A 1 70  MSE 70  70  70  MSE MSE A . n 
A 1 71  GLN 71  71  71  GLN GLN A . n 
A 1 72  VAL 72  72  72  VAL VAL A . n 
A 1 73  GLN 73  73  73  GLN GLN A . n 
A 1 74  GLY 74  74  74  GLY GLY A . n 
A 1 75  PHE 75  75  75  PHE PHE A . n 
A 1 76  LEU 76  76  76  LEU LEU A . n 
A 1 77  ALA 77  77  77  ALA ALA A . n 
A 1 78  PRO 78  78  78  PRO PRO A . n 
A 1 79  ALA 79  79  79  ALA ALA A . n 
A 1 80  ARG 80  80  80  ARG ARG A . n 
A 1 81  LYS 81  81  81  LYS LYS A . n 
A 1 82  ASP 82  82  82  ASP ASP A . n 
A 1 83  SER 83  83  83  SER SER A . n 
A 1 84  VAL 84  84  84  VAL VAL A . n 
A 1 85  LYS 85  85  85  LYS LYS A . n 
A 1 86  VAL 86  86  86  VAL VAL A . n 
A 1 87  LYS 87  87  87  LYS LYS A . n 
A 1 88  LEU 88  88  88  LEU LEU A . n 
A 1 89  HIS 89  89  89  HIS HIS A . n 
A 1 90  LEU 90  90  90  LEU LEU A . n 
A 1 91  GLN 91  91  91  GLN GLN A . n 
A 1 92  GLN 92  92  92  GLN GLN A . n 
A 1 93  ALA 93  93  93  ALA ALA A . n 
A 1 94  ARG 94  94  94  ARG ARG A . n 
A 1 95  ARG 95  95  95  ARG ARG A . n 
A 1 96  ILE 96  96  96  ILE ILE A . n 
A 1 97  ALA 97  97  97  ALA ALA A . n 
A 1 98  GLY 98  98  98  GLY GLY A . n 
A 1 99  SER 99  99  99  SER SER A . n 
A 1 100 MSE 100 100 100 MSE MSE A . n 
A 1 101 GLY 101 101 101 GLY GLY A . n 
A 1 102 ARG 102 102 102 ARG ARG A . n 
A 1 103 ASP 103 103 ?   ?   ?   A . n 
A 1 104 PRO 104 104 ?   ?   ?   A . n 
A 1 105 LEU 105 105 ?   ?   ?   A . n 
A 1 106 VAL 106 106 ?   ?   ?   A . n 
A 1 107 GLY 107 107 ?   ?   ?   A . n 
A 1 108 LEU 108 108 ?   ?   ?   A . n 
A 1 109 GLU 109 109 ?   ?   ?   A . n 
A 1 110 HIS 110 110 ?   ?   ?   A . n 
A 1 111 HIS 111 111 ?   ?   ?   A . n 
A 1 112 HIS 112 112 ?   ?   ?   A . n 
A 1 113 HIS 113 113 ?   ?   ?   A . n 
A 1 114 HIS 114 114 ?   ?   ?   A . n 
A 1 115 HIS 115 115 ?   ?   ?   A . n 
B 1 1   MSE 1   1   1   MSE MSE B . n 
B 1 2   ASN 2   2   2   ASN ASN B . n 
B 1 3   THR 3   3   3   THR THR B . n 
B 1 4   LEU 4   4   4   LEU LEU B . n 
B 1 5   GLU 5   5   5   GLU GLU B . n 
B 1 6   LEU 6   6   6   LEU LEU B . n 
B 1 7   SER 7   7   7   SER SER B . n 
B 1 8   ALA 8   8   8   ALA ALA B . n 
B 1 9   ARG 9   9   9   ARG ARG B . n 
B 1 10  VAL 10  10  10  VAL VAL B . n 
B 1 11  LEU 11  11  11  LEU LEU B . n 
B 1 12  GLU 12  12  12  GLU GLU B . n 
B 1 13  CYS 13  13  13  CYS CYS B . n 
B 1 14  GLY 14  14  14  GLY GLY B . n 
B 1 15  ALA 15  15  15  ALA ALA B . n 
B 1 16  MSE 16  16  16  MSE MSE B . n 
B 1 17  ARG 17  17  17  ARG ARG B . n 
B 1 18  HIS 18  18  18  HIS HIS B . n 
B 1 19  THR 19  19  19  THR THR B . n 
B 1 20  PRO 20  20  20  PRO PRO B . n 
B 1 21  ALA 21  21  21  ALA ALA B . n 
B 1 22  GLY 22  22  22  GLY GLY B . n 
B 1 23  LEU 23  23  23  LEU LEU B . n 
B 1 24  PRO 24  24  24  PRO PRO B . n 
B 1 25  ALA 25  25  25  ALA ALA B . n 
B 1 26  LEU 26  26  26  LEU LEU B . n 
B 1 27  GLU 27  27  27  GLU GLU B . n 
B 1 28  LEU 28  28  28  LEU LEU B . n 
B 1 29  LEU 29  29  29  LEU LEU B . n 
B 1 30  LEU 30  30  30  LEU LEU B . n 
B 1 31  VAL 31  31  31  VAL VAL B . n 
B 1 32  HIS 32  32  32  HIS HIS B . n 
B 1 33  GLU 33  33  33  GLU GLU B . n 
B 1 34  SER 34  34  34  SER SER B . n 
B 1 35  GLU 35  35  35  GLU GLU B . n 
B 1 36  VAL 36  36  36  VAL VAL B . n 
B 1 37  VAL 37  37  37  VAL VAL B . n 
B 1 38  GLU 38  38  38  GLU GLU B . n 
B 1 39  ALA 39  39  39  ALA ALA B . n 
B 1 40  GLY 40  40  40  GLY GLY B . n 
B 1 41  HIS 41  41  ?   ?   ?   B . n 
B 1 42  PRO 42  42  ?   ?   ?   B . n 
B 1 43  ARG 43  43  43  ARG ARG B . n 
B 1 44  ARG 44  44  44  ARG ARG B . n 
B 1 45  VAL 45  45  45  VAL VAL B . n 
B 1 46  GLU 46  46  46  GLU GLU B . n 
B 1 47  LEU 47  47  47  LEU LEU B . n 
B 1 48  THR 48  48  48  THR THR B . n 
B 1 49  ILE 49  49  49  ILE ILE B . n 
B 1 50  SER 50  50  50  SER SER B . n 
B 1 51  ALA 51  51  51  ALA ALA B . n 
B 1 52  VAL 52  52  52  VAL VAL B . n 
B 1 53  ALA 53  53  53  ALA ALA B . n 
B 1 54  LEU 54  54  54  LEU LEU B . n 
B 1 55  GLY 55  55  55  GLY GLY B . n 
B 1 56  ASP 56  56  56  ASP ASP B . n 
B 1 57  LEU 57  57  57  LEU LEU B . n 
B 1 58  ALA 58  58  58  ALA ALA B . n 
B 1 59  LEU 59  59  59  LEU LEU B . n 
B 1 60  LEU 60  60  60  LEU LEU B . n 
B 1 61  LEU 61  61  61  LEU LEU B . n 
B 1 62  ALA 62  62  62  ALA ALA B . n 
B 1 63  ASP 63  63  63  ASP ASP B . n 
B 1 64  THR 64  64  64  THR THR B . n 
B 1 65  PRO 65  65  65  PRO PRO B . n 
B 1 66  LEU 66  66  66  LEU LEU B . n 
B 1 67  GLY 67  67  67  GLY GLY B . n 
B 1 68  THR 68  68  68  THR THR B . n 
B 1 69  GLU 69  69  69  GLU GLU B . n 
B 1 70  MSE 70  70  70  MSE MSE B . n 
B 1 71  GLN 71  71  71  GLN GLN B . n 
B 1 72  VAL 72  72  72  VAL VAL B . n 
B 1 73  GLN 73  73  73  GLN GLN B . n 
B 1 74  GLY 74  74  74  GLY GLY B . n 
B 1 75  PHE 75  75  75  PHE PHE B . n 
B 1 76  LEU 76  76  76  LEU LEU B . n 
B 1 77  ALA 77  77  77  ALA ALA B . n 
B 1 78  PRO 78  78  78  PRO PRO B . n 
B 1 79  ALA 79  79  79  ALA ALA B . n 
B 1 80  ARG 80  80  80  ARG ARG B . n 
B 1 81  LYS 81  81  81  LYS LYS B . n 
B 1 82  ASP 82  82  82  ASP ASP B . n 
B 1 83  SER 83  83  83  SER SER B . n 
B 1 84  VAL 84  84  84  VAL VAL B . n 
B 1 85  LYS 85  85  85  LYS LYS B . n 
B 1 86  VAL 86  86  86  VAL VAL B . n 
B 1 87  LYS 87  87  87  LYS LYS B . n 
B 1 88  LEU 88  88  88  LEU LEU B . n 
B 1 89  HIS 89  89  89  HIS HIS B . n 
B 1 90  LEU 90  90  90  LEU LEU B . n 
B 1 91  GLN 91  91  91  GLN GLN B . n 
B 1 92  GLN 92  92  92  GLN GLN B . n 
B 1 93  ALA 93  93  93  ALA ALA B . n 
B 1 94  ARG 94  94  94  ARG ARG B . n 
B 1 95  ARG 95  95  95  ARG ARG B . n 
B 1 96  ILE 96  96  96  ILE ILE B . n 
B 1 97  ALA 97  97  97  ALA ALA B . n 
B 1 98  GLY 98  98  98  GLY GLY B . n 
B 1 99  SER 99  99  99  SER SER B . n 
B 1 100 MSE 100 100 100 MSE MSE B . n 
B 1 101 GLY 101 101 101 GLY GLY B . n 
B 1 102 ARG 102 102 102 ARG ARG B . n 
B 1 103 ASP 103 103 ?   ?   ?   B . n 
B 1 104 PRO 104 104 ?   ?   ?   B . n 
B 1 105 LEU 105 105 ?   ?   ?   B . n 
B 1 106 VAL 106 106 ?   ?   ?   B . n 
B 1 107 GLY 107 107 ?   ?   ?   B . n 
B 1 108 LEU 108 108 ?   ?   ?   B . n 
B 1 109 GLU 109 109 ?   ?   ?   B . n 
B 1 110 HIS 110 110 ?   ?   ?   B . n 
B 1 111 HIS 111 111 ?   ?   ?   B . n 
B 1 112 HIS 112 112 ?   ?   ?   B . n 
B 1 113 HIS 113 113 ?   ?   ?   B . n 
B 1 114 HIS 114 114 ?   ?   ?   B . n 
B 1 115 HIS 115 115 ?   ?   ?   B . n 
# 
loop_
_pdbx_nonpoly_scheme.asym_id 
_pdbx_nonpoly_scheme.entity_id 
_pdbx_nonpoly_scheme.mon_id 
_pdbx_nonpoly_scheme.ndb_seq_num 
_pdbx_nonpoly_scheme.pdb_seq_num 
_pdbx_nonpoly_scheme.auth_seq_num 
_pdbx_nonpoly_scheme.pdb_mon_id 
_pdbx_nonpoly_scheme.auth_mon_id 
_pdbx_nonpoly_scheme.pdb_strand_id 
_pdbx_nonpoly_scheme.pdb_ins_code 
C 2 NA  1  116 116 NA  NA  A . 
D 2 NA  1  117 117 NA  NA  A . 
E 2 NA  1  116 116 NA  NA  B . 
F 3 PEG 1  117 117 PEG PEG B . 
G 4 HOH 1  118 118 HOH HOH A . 
G 4 HOH 2  119 119 HOH HOH A . 
G 4 HOH 3  120 120 HOH HOH A . 
G 4 HOH 4  121 121 HOH HOH A . 
G 4 HOH 5  122 122 HOH HOH A . 
G 4 HOH 6  123 123 HOH HOH A . 
G 4 HOH 7  124 124 HOH HOH A . 
G 4 HOH 8  125 125 HOH HOH A . 
G 4 HOH 9  126 126 HOH HOH A . 
G 4 HOH 10 127 127 HOH HOH A . 
G 4 HOH 11 128 128 HOH HOH A . 
G 4 HOH 12 129 129 HOH HOH A . 
G 4 HOH 13 130 130 HOH HOH A . 
G 4 HOH 14 131 131 HOH HOH A . 
G 4 HOH 15 132 132 HOH HOH A . 
G 4 HOH 16 133 133 HOH HOH A . 
G 4 HOH 17 134 134 HOH HOH A . 
G 4 HOH 18 135 135 HOH HOH A . 
G 4 HOH 19 136 136 HOH HOH A . 
G 4 HOH 20 137 137 HOH HOH A . 
G 4 HOH 21 138 138 HOH HOH A . 
G 4 HOH 22 139 139 HOH HOH A . 
G 4 HOH 23 140 140 HOH HOH A . 
G 4 HOH 24 141 141 HOH HOH A . 
G 4 HOH 25 142 142 HOH HOH A . 
G 4 HOH 26 143 143 HOH HOH A . 
G 4 HOH 27 144 144 HOH HOH A . 
G 4 HOH 28 145 145 HOH HOH A . 
G 4 HOH 29 146 146 HOH HOH A . 
G 4 HOH 30 147 147 HOH HOH A . 
G 4 HOH 31 148 148 HOH HOH A . 
G 4 HOH 32 149 149 HOH HOH A . 
G 4 HOH 33 150 150 HOH HOH A . 
G 4 HOH 34 151 151 HOH HOH A . 
G 4 HOH 35 152 152 HOH HOH A . 
G 4 HOH 36 153 153 HOH HOH A . 
G 4 HOH 37 154 154 HOH HOH A . 
G 4 HOH 38 155 155 HOH HOH A . 
G 4 HOH 39 156 156 HOH HOH A . 
G 4 HOH 40 157 157 HOH HOH A . 
G 4 HOH 41 158 158 HOH HOH A . 
G 4 HOH 42 159 159 HOH HOH A . 
G 4 HOH 43 160 160 HOH HOH A . 
G 4 HOH 44 161 161 HOH HOH A . 
G 4 HOH 45 162 162 HOH HOH A . 
G 4 HOH 46 163 163 HOH HOH A . 
G 4 HOH 47 164 164 HOH HOH A . 
G 4 HOH 48 165 165 HOH HOH A . 
G 4 HOH 49 166 166 HOH HOH A . 
G 4 HOH 50 167 167 HOH HOH A . 
G 4 HOH 51 168 168 HOH HOH A . 
G 4 HOH 52 169 169 HOH HOH A . 
G 4 HOH 53 170 170 HOH HOH A . 
G 4 HOH 54 171 171 HOH HOH A . 
G 4 HOH 55 173 173 HOH HOH A . 
G 4 HOH 56 174 174 HOH HOH A . 
G 4 HOH 57 175 175 HOH HOH A . 
H 4 HOH 1  118 118 HOH HOH B . 
H 4 HOH 2  119 119 HOH HOH B . 
H 4 HOH 3  120 120 HOH HOH B . 
H 4 HOH 4  121 121 HOH HOH B . 
H 4 HOH 5  122 122 HOH HOH B . 
H 4 HOH 6  123 123 HOH HOH B . 
H 4 HOH 7  124 124 HOH HOH B . 
H 4 HOH 8  125 125 HOH HOH B . 
H 4 HOH 9  126 126 HOH HOH B . 
H 4 HOH 10 127 127 HOH HOH B . 
H 4 HOH 11 128 128 HOH HOH B . 
H 4 HOH 12 129 129 HOH HOH B . 
H 4 HOH 13 130 130 HOH HOH B . 
H 4 HOH 14 131 131 HOH HOH B . 
H 4 HOH 15 132 132 HOH HOH B . 
H 4 HOH 16 133 133 HOH HOH B . 
H 4 HOH 17 134 134 HOH HOH B . 
H 4 HOH 18 135 135 HOH HOH B . 
H 4 HOH 19 136 136 HOH HOH B . 
H 4 HOH 20 137 137 HOH HOH B . 
H 4 HOH 21 138 138 HOH HOH B . 
H 4 HOH 22 139 139 HOH HOH B . 
H 4 HOH 23 140 140 HOH HOH B . 
H 4 HOH 24 141 141 HOH HOH B . 
H 4 HOH 25 142 142 HOH HOH B . 
H 4 HOH 26 143 143 HOH HOH B . 
H 4 HOH 27 144 144 HOH HOH B . 
H 4 HOH 28 145 145 HOH HOH B . 
H 4 HOH 29 146 146 HOH HOH B . 
H 4 HOH 30 147 147 HOH HOH B . 
H 4 HOH 31 148 148 HOH HOH B . 
H 4 HOH 32 149 149 HOH HOH B . 
H 4 HOH 33 150 150 HOH HOH B . 
H 4 HOH 34 151 151 HOH HOH B . 
H 4 HOH 35 152 152 HOH HOH B . 
H 4 HOH 36 153 153 HOH HOH B . 
H 4 HOH 37 154 154 HOH HOH B . 
H 4 HOH 38 155 155 HOH HOH B . 
H 4 HOH 39 156 156 HOH HOH B . 
H 4 HOH 40 157 157 HOH HOH B . 
H 4 HOH 41 158 158 HOH HOH B . 
H 4 HOH 42 159 159 HOH HOH B . 
H 4 HOH 43 160 160 HOH HOH B . 
H 4 HOH 44 161 161 HOH HOH B . 
H 4 HOH 45 162 162 HOH HOH B . 
H 4 HOH 46 164 164 HOH HOH B . 
H 4 HOH 47 165 165 HOH HOH B . 
H 4 HOH 48 166 166 HOH HOH B . 
H 4 HOH 49 167 167 HOH HOH B . 
H 4 HOH 50 168 168 HOH HOH B . 
H 4 HOH 51 169 169 HOH HOH B . 
H 4 HOH 52 170 170 HOH HOH B . 
H 4 HOH 53 171 171 HOH HOH B . 
H 4 HOH 54 172 172 HOH HOH B . 
H 4 HOH 55 173 173 HOH HOH B . 
H 4 HOH 56 174 174 HOH HOH B . 
H 4 HOH 57 175 175 HOH HOH B . 
H 4 HOH 58 176 176 HOH HOH B . 
H 4 HOH 59 177 177 HOH HOH B . 
H 4 HOH 60 178 178 HOH HOH B . 
H 4 HOH 61 179 179 HOH HOH B . 
H 4 HOH 62 180 180 HOH HOH B . 
H 4 HOH 63 181 181 HOH HOH B . 
H 4 HOH 64 182 176 HOH HOH B . 
# 
loop_
_pdbx_unobs_or_zero_occ_atoms.id 
_pdbx_unobs_or_zero_occ_atoms.PDB_model_num 
_pdbx_unobs_or_zero_occ_atoms.polymer_flag 
_pdbx_unobs_or_zero_occ_atoms.occupancy_flag 
_pdbx_unobs_or_zero_occ_atoms.auth_asym_id 
_pdbx_unobs_or_zero_occ_atoms.auth_comp_id 
_pdbx_unobs_or_zero_occ_atoms.auth_seq_id 
_pdbx_unobs_or_zero_occ_atoms.PDB_ins_code 
_pdbx_unobs_or_zero_occ_atoms.auth_atom_id 
_pdbx_unobs_or_zero_occ_atoms.label_alt_id 
_pdbx_unobs_or_zero_occ_atoms.label_asym_id 
_pdbx_unobs_or_zero_occ_atoms.label_comp_id 
_pdbx_unobs_or_zero_occ_atoms.label_seq_id 
_pdbx_unobs_or_zero_occ_atoms.label_atom_id 
1  1 Y 0 A LYS 81 ? CA  B A LYS 81 CA  
2  1 Y 0 A LYS 81 ? CB  B A LYS 81 CB  
3  1 Y 0 A LYS 81 ? CG  B A LYS 81 CG  
4  1 Y 0 A LYS 81 ? CD  B A LYS 81 CD  
5  1 Y 0 A LYS 81 ? CE  B A LYS 81 CE  
6  1 Y 0 A LYS 81 ? NZ  B A LYS 81 NZ  
7  1 Y 0 B LEU 29 ? CA  A B LEU 29 CA  
8  1 Y 0 B LEU 29 ? CB  A B LEU 29 CB  
9  1 Y 0 B LEU 29 ? CG  A B LEU 29 CG  
10 1 Y 0 B LEU 29 ? CD1 A B LEU 29 CD1 
11 1 Y 0 B LEU 29 ? CD2 A B LEU 29 CD2 
12 1 Y 0 B LEU 61 ? CA  A B LEU 61 CA  
13 1 Y 0 B LEU 61 ? CB  A B LEU 61 CB  
14 1 Y 0 B LEU 61 ? CG  A B LEU 61 CG  
15 1 Y 0 B LEU 61 ? CD1 A B LEU 61 CD1 
16 1 Y 0 B LEU 61 ? CD2 A B LEU 61 CD2 
# 
loop_
_software.name 
_software.classification 
_software.version 
_software.citation_id 
_software.pdbx_ordinal 
ADSC      'data collection' Quantum  ? 1 
SnB       phasing           .        ? 2 
REFMAC    refinement        5.2.0019 ? 3 
HKL-2000  'data reduction'  .        ? 4 
SCALEPACK 'data scaling'    .        ? 5 
# 
_cell.entry_id           3FHW 
_cell.length_a           55.330 
_cell.length_b           64.320 
_cell.length_c           75.930 
_cell.angle_alpha        90.00 
_cell.angle_beta         90.00 
_cell.angle_gamma        90.00 
_cell.Z_PDB              8 
_cell.pdbx_unique_axis   ? 
_cell.length_a_esd       ? 
_cell.length_b_esd       ? 
_cell.length_c_esd       ? 
_cell.angle_alpha_esd    ? 
_cell.angle_beta_esd     ? 
_cell.angle_gamma_esd    ? 
# 
_symmetry.entry_id                         3FHW 
_symmetry.space_group_name_H-M             'P 21 21 2' 
_symmetry.pdbx_full_space_group_name_H-M   ? 
_symmetry.cell_setting                     ? 
_symmetry.Int_Tables_number                18 
_symmetry.space_group_name_Hall            ? 
# 
_exptl.entry_id          3FHW 
_exptl.method            'X-RAY DIFFRACTION' 
_exptl.crystals_number   1 
# 
_exptl_crystal.id                    1 
_exptl_crystal.density_meas          ? 
_exptl_crystal.density_Matthews      2.66 
_exptl_crystal.density_percent_sol   53.76 
_exptl_crystal.description           ? 
_exptl_crystal.F_000                 ? 
_exptl_crystal.preparation           ? 
# 
_exptl_crystal_grow.crystal_id      1 
_exptl_crystal_grow.method          'VAPOR DIFFUSION, HANGING DROP' 
_exptl_crystal_grow.temp            297 
_exptl_crystal_grow.temp_details    ? 
_exptl_crystal_grow.pH              6.5 
_exptl_crystal_grow.pdbx_pH_range   ? 
_exptl_crystal_grow.pdbx_details    
'0.1M MES, 1.5M NaCl, 0.1M NaH2PO4, 0.1M KH2PO4, pH 6.5, VAPOR DIFFUSION, HANGING DROP, temperature 297K' 
# 
_diffrn.id                     1 
_diffrn.ambient_temp           100 
_diffrn.ambient_temp_details   ? 
_diffrn.crystal_id             1 
# 
_diffrn_detector.diffrn_id              1 
_diffrn_detector.detector               CCD 
_diffrn_detector.type                   'MAR CCD 165 mm' 
_diffrn_detector.pdbx_collection_date   2007-11-29 
_diffrn_detector.details                ? 
# 
_diffrn_radiation.diffrn_id                        1 
_diffrn_radiation.wavelength_id                    1 
_diffrn_radiation.pdbx_monochromatic_or_laue_m_l   M 
_diffrn_radiation.monochromator                    ? 
_diffrn_radiation.pdbx_diffrn_protocol             'SINGLE WAVELENGTH' 
_diffrn_radiation.pdbx_scattering_type             x-ray 
# 
_diffrn_radiation_wavelength.id           1 
_diffrn_radiation_wavelength.wavelength   0.979 
_diffrn_radiation_wavelength.wt           1.0 
# 
_diffrn_source.diffrn_id                   1 
_diffrn_source.source                      SYNCHROTRON 
_diffrn_source.type                        'NSLS BEAMLINE X4C' 
_diffrn_source.pdbx_synchrotron_site       NSLS 
_diffrn_source.pdbx_synchrotron_beamline   X4C 
_diffrn_source.pdbx_wavelength             ? 
_diffrn_source.pdbx_wavelength_list        0.979 
# 
_reflns.entry_id                     3FHW 
_reflns.observed_criterion_sigma_I   -3.0 
_reflns.observed_criterion_sigma_F   ? 
_reflns.d_resolution_low             30 
_reflns.d_resolution_high            1.9 
_reflns.number_obs                   41038 
_reflns.number_all                   ? 
_reflns.percent_possible_obs         98.4 
_reflns.pdbx_Rmerge_I_obs            0.092 
_reflns.pdbx_Rsym_value              ? 
_reflns.pdbx_netI_over_sigmaI        21.1 
_reflns.B_iso_Wilson_estimate        ? 
_reflns.pdbx_redundancy              6.0 
_reflns.R_free_details               ? 
_reflns.limit_h_max                  ? 
_reflns.limit_h_min                  ? 
_reflns.limit_k_max                  ? 
_reflns.limit_k_min                  ? 
_reflns.limit_l_max                  ? 
_reflns.limit_l_min                  ? 
_reflns.observed_criterion_F_max     ? 
_reflns.observed_criterion_F_min     ? 
_reflns.pdbx_chi_squared             ? 
_reflns.pdbx_scaling_rejects         ? 
_reflns.pdbx_ordinal                 1 
_reflns.pdbx_diffrn_id               1 
# 
_reflns_shell.d_res_high             1.9 
_reflns_shell.d_res_low              1.97 
_reflns_shell.percent_possible_all   92.2 
_reflns_shell.Rmerge_I_obs           0.299 
_reflns_shell.pdbx_Rsym_value        ? 
_reflns_shell.meanI_over_sigI_obs    3.3 
_reflns_shell.pdbx_redundancy        4.6 
_reflns_shell.percent_possible_obs   ? 
_reflns_shell.number_unique_all      ? 
_reflns_shell.number_measured_all    ? 
_reflns_shell.number_measured_obs    ? 
_reflns_shell.number_unique_obs      ? 
_reflns_shell.pdbx_chi_squared       ? 
_reflns_shell.pdbx_ordinal           1 
_reflns_shell.pdbx_diffrn_id         1 
# 
_refine.pdbx_refine_id                           'X-RAY DIFFRACTION' 
_refine.entry_id                                 3FHW 
_refine.ls_number_reflns_obs                     18375 
_refine.ls_number_reflns_all                     ? 
_refine.pdbx_ls_sigma_I                          ? 
_refine.pdbx_ls_sigma_F                          . 
_refine.pdbx_data_cutoff_high_absF               ? 
_refine.pdbx_data_cutoff_low_absF                ? 
_refine.pdbx_data_cutoff_high_rms_absF           ? 
_refine.ls_d_res_low                             22.43 
_refine.ls_d_res_high                            1.90 
_refine.ls_percent_reflns_obs                    100.00 
_refine.ls_R_factor_obs                          0.27613 
_refine.ls_R_factor_all                          ? 
_refine.ls_R_factor_R_work                       0.27544 
_refine.ls_R_factor_R_free                       0.28875 
_refine.ls_R_factor_R_free_error                 ? 
_refine.ls_R_factor_R_free_error_details         ? 
_refine.ls_percent_reflns_R_free                 5.2 
_refine.ls_number_reflns_R_free                  1006 
_refine.ls_number_parameters                     ? 
_refine.ls_number_restraints                     ? 
_refine.occupancy_min                            ? 
_refine.occupancy_max                            ? 
_refine.correlation_coeff_Fo_to_Fc               0.915 
_refine.correlation_coeff_Fo_to_Fc_free          0.909 
_refine.B_iso_mean                               23.793 
_refine.aniso_B[1][1]                            -0.05 
_refine.aniso_B[2][2]                            0.10 
_refine.aniso_B[3][3]                            -0.05 
_refine.aniso_B[1][2]                            0.00 
_refine.aniso_B[1][3]                            0.00 
_refine.aniso_B[2][3]                            0.00 
_refine.solvent_model_details                    'BABINET MODEL WITH MASK' 
_refine.solvent_model_param_ksol                 ? 
_refine.solvent_model_param_bsol                 ? 
_refine.pdbx_solvent_vdw_probe_radii             1.20 
_refine.pdbx_solvent_ion_probe_radii             0.80 
_refine.pdbx_solvent_shrinkage_radii             0.80 
_refine.pdbx_ls_cross_valid_method               THROUGHOUT 
_refine.details                                  
;Authors explanation on why Rfree/R are high at this resolution: The analyses of the Patterson function reveals a significant off-origin 
peak that is 56.98 % of the origin peak, indicating pseudo  translational symmetry. 
The chance of finding a peak of this or larger height by random in a 
structure without pseudo translational symmetry is equal to the 2.5284e-05. 
The detected tranlational NCS is most likely also responsible for the  elevated intensity ratio. 
The results of the L-test indicate that the intensity statistics 
behave as expected. No twinning is suspected.
;
_refine.pdbx_starting_model                      ? 
_refine.pdbx_method_to_determine_struct          SAD 
_refine.pdbx_isotropic_thermal_model             ? 
_refine.pdbx_stereochemistry_target_values       'MAXIMUM LIKELIHOOD' 
_refine.pdbx_stereochem_target_val_spec_case     ? 
_refine.pdbx_R_Free_selection_details            RANDOM 
_refine.pdbx_overall_ESU_R                       0.198 
_refine.pdbx_overall_ESU_R_Free                  0.167 
_refine.overall_SU_ML                            0.110 
_refine.pdbx_overall_phase_error                 ? 
_refine.overall_SU_B                             8.109 
_refine.ls_redundancy_reflns_obs                 ? 
_refine.B_iso_min                                ? 
_refine.B_iso_max                                ? 
_refine.overall_SU_R_Cruickshank_DPI             ? 
_refine.overall_SU_R_free                        ? 
_refine.ls_wR_factor_R_free                      ? 
_refine.ls_wR_factor_R_work                      ? 
_refine.overall_FOM_free_R_set                   ? 
_refine.overall_FOM_work_R_set                   ? 
_refine.pdbx_TLS_residual_ADP_flag               'LIKELY RESIDUAL' 
_refine.pdbx_diffrn_id                           1 
_refine.pdbx_overall_SU_R_free_Cruickshank_DPI   ? 
_refine.pdbx_overall_SU_R_Blow_DPI               ? 
_refine.pdbx_overall_SU_R_free_Blow_DPI          ? 
# 
_refine_hist.pdbx_refine_id                   'X-RAY DIFFRACTION' 
_refine_hist.cycle_id                         LAST 
_refine_hist.pdbx_number_atoms_protein        1494 
_refine_hist.pdbx_number_atoms_nucleic_acid   0 
_refine_hist.pdbx_number_atoms_ligand         10 
_refine_hist.number_atoms_solvent             121 
_refine_hist.number_atoms_total               1625 
_refine_hist.d_res_high                       1.90 
_refine_hist.d_res_low                        22.43 
# 
loop_
_refine_ls_restr.type 
_refine_ls_restr.dev_ideal 
_refine_ls_restr.dev_ideal_target 
_refine_ls_restr.weight 
_refine_ls_restr.number 
_refine_ls_restr.pdbx_refine_id 
_refine_ls_restr.pdbx_restraint_function 
r_bond_refined_d             0.009  0.022  ? 1529 'X-RAY DIFFRACTION' ? 
r_bond_other_d               ?      ?      ? ?    'X-RAY DIFFRACTION' ? 
r_angle_refined_deg          1.258  2.014  ? 2064 'X-RAY DIFFRACTION' ? 
r_angle_other_deg            ?      ?      ? ?    'X-RAY DIFFRACTION' ? 
r_dihedral_angle_1_deg       6.789  5.000  ? 202  'X-RAY DIFFRACTION' ? 
r_dihedral_angle_2_deg       29.552 22.857 ? 56   'X-RAY DIFFRACTION' ? 
r_dihedral_angle_3_deg       14.707 15.000 ? 285  'X-RAY DIFFRACTION' ? 
r_dihedral_angle_4_deg       14.980 15.000 ? 16   'X-RAY DIFFRACTION' ? 
r_chiral_restr               0.071  0.200  ? 258  'X-RAY DIFFRACTION' ? 
r_gen_planes_refined         0.004  0.020  ? 1086 'X-RAY DIFFRACTION' ? 
r_gen_planes_other           ?      ?      ? ?    'X-RAY DIFFRACTION' ? 
r_nbd_refined                0.230  0.200  ? 629  'X-RAY DIFFRACTION' ? 
r_nbd_other                  ?      ?      ? ?    'X-RAY DIFFRACTION' ? 
r_nbtor_refined              0.294  0.200  ? 1029 'X-RAY DIFFRACTION' ? 
r_nbtor_other                ?      ?      ? ?    'X-RAY DIFFRACTION' ? 
r_xyhbond_nbd_refined        0.142  0.200  ? 105  'X-RAY DIFFRACTION' ? 
r_xyhbond_nbd_other          ?      ?      ? ?    'X-RAY DIFFRACTION' ? 
r_metal_ion_refined          ?      ?      ? ?    'X-RAY DIFFRACTION' ? 
r_metal_ion_other            ?      ?      ? ?    'X-RAY DIFFRACTION' ? 
r_symmetry_vdw_refined       0.276  0.200  ? 78   'X-RAY DIFFRACTION' ? 
r_symmetry_vdw_other         ?      ?      ? ?    'X-RAY DIFFRACTION' ? 
r_symmetry_hbond_refined     0.216  0.200  ? 11   'X-RAY DIFFRACTION' ? 
r_symmetry_hbond_other       ?      ?      ? ?    'X-RAY DIFFRACTION' ? 
r_symmetry_metal_ion_refined 0.423  0.200  ? 1    'X-RAY DIFFRACTION' ? 
r_symmetry_metal_ion_other   ?      ?      ? ?    'X-RAY DIFFRACTION' ? 
r_mcbond_it                  0.571  1.500  ? 997  'X-RAY DIFFRACTION' ? 
r_mcbond_other               ?      ?      ? ?    'X-RAY DIFFRACTION' ? 
r_mcangle_it                 1.125  2.000  ? 1589 'X-RAY DIFFRACTION' ? 
r_scbond_it                  2.332  3.000  ? 532  'X-RAY DIFFRACTION' ? 
r_scangle_it                 3.721  4.500  ? 472  'X-RAY DIFFRACTION' ? 
r_rigid_bond_restr           ?      ?      ? ?    'X-RAY DIFFRACTION' ? 
r_sphericity_free            ?      ?      ? ?    'X-RAY DIFFRACTION' ? 
r_sphericity_bonded          ?      ?      ? ?    'X-RAY DIFFRACTION' ? 
# 
_refine_ls_shell.pdbx_refine_id                   'X-RAY DIFFRACTION' 
_refine_ls_shell.pdbx_total_number_of_bins_used   20 
_refine_ls_shell.d_res_high                       1.900 
_refine_ls_shell.d_res_low                        1.949 
_refine_ls_shell.number_reflns_R_work             1042 
_refine_ls_shell.R_factor_R_work                  0.267 
_refine_ls_shell.percent_reflns_obs               100.00 
_refine_ls_shell.R_factor_R_free                  0.292 
_refine_ls_shell.R_factor_R_free_error            ? 
_refine_ls_shell.percent_reflns_R_free            ? 
_refine_ls_shell.number_reflns_R_free             59 
_refine_ls_shell.number_reflns_all                ? 
_refine_ls_shell.R_factor_all                     ? 
_refine_ls_shell.redundancy_reflns_obs            ? 
_refine_ls_shell.number_reflns_obs                ? 
# 
_struct.entry_id                  3FHW 
_struct.title                     
'Crystal structure of the protein priB from Bordetella parapertussis. Northeast Structural Genomics Consortium target BpR162.' 
_struct.pdbx_model_details        ? 
_struct.pdbx_CASP_flag            ? 
_struct.pdbx_model_type_details   ? 
# 
_struct_keywords.entry_id        3FHW 
_struct_keywords.pdbx_keywords   'DNA BINDING PROTEIN' 
_struct_keywords.text            
;priB BpR162 X-RAY NESG, Structural Genomics, PSI-2, Protein Structure Initiative, Northeast Structural Genomics Consortium, DNA replication, DNA-binding, Primosome, DNA BINDING PROTEIN
;
# 
loop_
_struct_asym.id 
_struct_asym.pdbx_blank_PDB_chainid_flag 
_struct_asym.pdbx_modified 
_struct_asym.entity_id 
_struct_asym.details 
A N N 1 ? 
B N N 1 ? 
C N N 2 ? 
D N N 2 ? 
E N N 2 ? 
F N N 3 ? 
G N N 4 ? 
H N N 4 ? 
# 
_struct_ref.id                         1 
_struct_ref.db_name                    UNP 
_struct_ref.db_code                    PRIB_BORPA 
_struct_ref.pdbx_db_accession          P67675 
_struct_ref.entity_id                  1 
_struct_ref.pdbx_seq_one_letter_code   
;MNTLELSARVLECGAMRHTPAGLPALELLLVHESEVVEAGHPRRVELTISAVALGDLALLLADTPLGTEMQVQGFLAPAR
KDSVKVKLHLQQARRIAGSMGRDPLVG
;
_struct_ref.pdbx_align_begin           1 
_struct_ref.pdbx_db_isoform            ? 
# 
loop_
_struct_ref_seq.align_id 
_struct_ref_seq.ref_id 
_struct_ref_seq.pdbx_PDB_id_code 
_struct_ref_seq.pdbx_strand_id 
_struct_ref_seq.seq_align_beg 
_struct_ref_seq.pdbx_seq_align_beg_ins_code 
_struct_ref_seq.seq_align_end 
_struct_ref_seq.pdbx_seq_align_end_ins_code 
_struct_ref_seq.pdbx_db_accession 
_struct_ref_seq.db_align_beg 
_struct_ref_seq.pdbx_db_align_beg_ins_code 
_struct_ref_seq.db_align_end 
_struct_ref_seq.pdbx_db_align_end_ins_code 
_struct_ref_seq.pdbx_auth_seq_align_beg 
_struct_ref_seq.pdbx_auth_seq_align_end 
1 1 3FHW A 1 ? 107 ? P67675 1 ? 107 ? 1 107 
2 1 3FHW B 1 ? 107 ? P67675 1 ? 107 ? 1 107 
# 
loop_
_struct_ref_seq_dif.align_id 
_struct_ref_seq_dif.pdbx_pdb_id_code 
_struct_ref_seq_dif.mon_id 
_struct_ref_seq_dif.pdbx_pdb_strand_id 
_struct_ref_seq_dif.seq_num 
_struct_ref_seq_dif.pdbx_pdb_ins_code 
_struct_ref_seq_dif.pdbx_seq_db_name 
_struct_ref_seq_dif.pdbx_seq_db_accession_code 
_struct_ref_seq_dif.db_mon_id 
_struct_ref_seq_dif.pdbx_seq_db_seq_num 
_struct_ref_seq_dif.details 
_struct_ref_seq_dif.pdbx_auth_seq_num 
_struct_ref_seq_dif.pdbx_ordinal 
1 3FHW LEU A 108 ? UNP P67675 ? ? 'expression tag' 108 1  
1 3FHW GLU A 109 ? UNP P67675 ? ? 'expression tag' 109 2  
1 3FHW HIS A 110 ? UNP P67675 ? ? 'expression tag' 110 3  
1 3FHW HIS A 111 ? UNP P67675 ? ? 'expression tag' 111 4  
1 3FHW HIS A 112 ? UNP P67675 ? ? 'expression tag' 112 5  
1 3FHW HIS A 113 ? UNP P67675 ? ? 'expression tag' 113 6  
1 3FHW HIS A 114 ? UNP P67675 ? ? 'expression tag' 114 7  
1 3FHW HIS A 115 ? UNP P67675 ? ? 'expression tag' 115 8  
2 3FHW LEU B 108 ? UNP P67675 ? ? 'expression tag' 108 9  
2 3FHW GLU B 109 ? UNP P67675 ? ? 'expression tag' 109 10 
2 3FHW HIS B 110 ? UNP P67675 ? ? 'expression tag' 110 11 
2 3FHW HIS B 111 ? UNP P67675 ? ? 'expression tag' 111 12 
2 3FHW HIS B 112 ? UNP P67675 ? ? 'expression tag' 112 13 
2 3FHW HIS B 113 ? UNP P67675 ? ? 'expression tag' 113 14 
2 3FHW HIS B 114 ? UNP P67675 ? ? 'expression tag' 114 15 
2 3FHW HIS B 115 ? UNP P67675 ? ? 'expression tag' 115 16 
# 
_pdbx_struct_assembly.id                   1 
_pdbx_struct_assembly.details              author_and_software_defined_assembly 
_pdbx_struct_assembly.method_details       PISA 
_pdbx_struct_assembly.oligomeric_details   dimeric 
_pdbx_struct_assembly.oligomeric_count     2 
# 
loop_
_pdbx_struct_assembly_prop.biol_id 
_pdbx_struct_assembly_prop.type 
_pdbx_struct_assembly_prop.value 
_pdbx_struct_assembly_prop.details 
1 'ABSA (A^2)' 3230  ? 
1 MORE         -46   ? 
1 'SSA (A^2)'  12060 ? 
# 
_pdbx_struct_assembly_gen.assembly_id       1 
_pdbx_struct_assembly_gen.oper_expression   1 
_pdbx_struct_assembly_gen.asym_id_list      A,B,C,D,E,F,G,H 
# 
_pdbx_struct_oper_list.id                   1 
_pdbx_struct_oper_list.type                 'identity operation' 
_pdbx_struct_oper_list.name                 1_555 
_pdbx_struct_oper_list.symmetry_operation   x,y,z 
_pdbx_struct_oper_list.matrix[1][1]         1.0000000000 
_pdbx_struct_oper_list.matrix[1][2]         0.0000000000 
_pdbx_struct_oper_list.matrix[1][3]         0.0000000000 
_pdbx_struct_oper_list.vector[1]            0.0000000000 
_pdbx_struct_oper_list.matrix[2][1]         0.0000000000 
_pdbx_struct_oper_list.matrix[2][2]         1.0000000000 
_pdbx_struct_oper_list.matrix[2][3]         0.0000000000 
_pdbx_struct_oper_list.vector[2]            0.0000000000 
_pdbx_struct_oper_list.matrix[3][1]         0.0000000000 
_pdbx_struct_oper_list.matrix[3][2]         0.0000000000 
_pdbx_struct_oper_list.matrix[3][3]         1.0000000000 
_pdbx_struct_oper_list.vector[3]            0.0000000000 
# 
_struct_biol.id        1 
_struct_biol.details   dimer 
# 
loop_
_struct_conf.conf_type_id 
_struct_conf.id 
_struct_conf.pdbx_PDB_helix_id 
_struct_conf.beg_label_comp_id 
_struct_conf.beg_label_asym_id 
_struct_conf.beg_label_seq_id 
_struct_conf.pdbx_beg_PDB_ins_code 
_struct_conf.end_label_comp_id 
_struct_conf.end_label_asym_id 
_struct_conf.end_label_seq_id 
_struct_conf.pdbx_end_PDB_ins_code 
_struct_conf.beg_auth_comp_id 
_struct_conf.beg_auth_asym_id 
_struct_conf.beg_auth_seq_id 
_struct_conf.end_auth_comp_id 
_struct_conf.end_auth_asym_id 
_struct_conf.end_auth_seq_id 
_struct_conf.pdbx_PDB_helix_class 
_struct_conf.details 
_struct_conf.pdbx_PDB_helix_length 
HELX_P HELX_P1 1 GLY A 55 ? ALA A 62 ? GLY A 55 ALA A 62 1 ? 8 
HELX_P HELX_P2 2 GLY B 55 ? ALA B 62 ? GLY B 55 ALA B 62 1 ? 8 
# 
_struct_conf_type.id          HELX_P 
_struct_conf_type.criteria    ? 
_struct_conf_type.reference   ? 
# 
loop_
_struct_conn.id 
_struct_conn.conn_type_id 
_struct_conn.pdbx_leaving_atom_flag 
_struct_conn.pdbx_PDB_id 
_struct_conn.ptnr1_label_asym_id 
_struct_conn.ptnr1_label_comp_id 
_struct_conn.ptnr1_label_seq_id 
_struct_conn.ptnr1_label_atom_id 
_struct_conn.pdbx_ptnr1_label_alt_id 
_struct_conn.pdbx_ptnr1_PDB_ins_code 
_struct_conn.pdbx_ptnr1_standard_comp_id 
_struct_conn.ptnr1_symmetry 
_struct_conn.ptnr2_label_asym_id 
_struct_conn.ptnr2_label_comp_id 
_struct_conn.ptnr2_label_seq_id 
_struct_conn.ptnr2_label_atom_id 
_struct_conn.pdbx_ptnr2_label_alt_id 
_struct_conn.pdbx_ptnr2_PDB_ins_code 
_struct_conn.ptnr1_auth_asym_id 
_struct_conn.ptnr1_auth_comp_id 
_struct_conn.ptnr1_auth_seq_id 
_struct_conn.ptnr2_auth_asym_id 
_struct_conn.ptnr2_auth_comp_id 
_struct_conn.ptnr2_auth_seq_id 
_struct_conn.ptnr2_symmetry 
_struct_conn.pdbx_ptnr3_label_atom_id 
_struct_conn.pdbx_ptnr3_label_seq_id 
_struct_conn.pdbx_ptnr3_label_comp_id 
_struct_conn.pdbx_ptnr3_label_asym_id 
_struct_conn.pdbx_ptnr3_label_alt_id 
_struct_conn.pdbx_ptnr3_PDB_ins_code 
_struct_conn.details 
_struct_conn.pdbx_dist_value 
_struct_conn.pdbx_value_order 
_struct_conn.pdbx_role 
covale1  covale both ? A MSE 1   C  ? ? ? 1_555 A ASN 2   N  ? ? A MSE 1   A ASN 2   1_555 ? ? ? ? ? ? ? 1.332 ? ? 
covale2  covale both ? A ALA 15  C  ? ? ? 1_555 A MSE 16  N  ? ? A ALA 15  A MSE 16  1_555 ? ? ? ? ? ? ? 1.332 ? ? 
covale3  covale both ? A MSE 16  C  ? ? ? 1_555 A ARG 17  N  ? ? A MSE 16  A ARG 17  1_555 ? ? ? ? ? ? ? 1.330 ? ? 
covale4  covale both ? A GLU 69  C  ? ? ? 1_555 A MSE 70  N  ? ? A GLU 69  A MSE 70  1_555 ? ? ? ? ? ? ? 1.331 ? ? 
covale5  covale both ? A MSE 70  C  ? ? ? 1_555 A GLN 71  N  ? ? A MSE 70  A GLN 71  1_555 ? ? ? ? ? ? ? 1.327 ? ? 
covale6  covale both ? A SER 99  C  ? ? ? 1_555 A MSE 100 N  ? ? A SER 99  A MSE 100 1_555 ? ? ? ? ? ? ? 1.334 ? ? 
covale7  covale both ? A MSE 100 C  ? ? ? 1_555 A GLY 101 N  ? ? A MSE 100 A GLY 101 1_555 ? ? ? ? ? ? ? 1.333 ? ? 
covale8  covale both ? B MSE 1   C  ? ? ? 1_555 B ASN 2   N  ? ? B MSE 1   B ASN 2   1_555 ? ? ? ? ? ? ? 1.330 ? ? 
covale9  covale both ? B ALA 15  C  ? ? ? 1_555 B MSE 16  N  ? ? B ALA 15  B MSE 16  1_555 ? ? ? ? ? ? ? 1.329 ? ? 
covale10 covale both ? B MSE 16  C  ? ? ? 1_555 B ARG 17  N  ? ? B MSE 16  B ARG 17  1_555 ? ? ? ? ? ? ? 1.331 ? ? 
covale11 covale both ? B GLU 69  C  ? ? ? 1_555 B MSE 70  N  ? ? B GLU 69  B MSE 70  1_555 ? ? ? ? ? ? ? 1.331 ? ? 
covale12 covale both ? B MSE 70  C  ? ? ? 1_555 B GLN 71  N  ? ? B MSE 70  B GLN 71  1_555 ? ? ? ? ? ? ? 1.330 ? ? 
covale13 covale both ? B SER 99  C  ? ? ? 1_555 B MSE 100 N  ? ? B SER 99  B MSE 100 1_555 ? ? ? ? ? ? ? 1.332 ? ? 
covale14 covale both ? B MSE 100 C  ? ? ? 1_555 B GLY 101 N  ? ? B MSE 100 B GLY 101 1_555 ? ? ? ? ? ? ? 1.330 ? ? 
metalc1  metalc ?    ? C NA  .   NA ? ? ? 1_555 G HOH .   O  ? ? A NA  116 A HOH 145 1_555 ? ? ? ? ? ? ? 2.808 ? ? 
metalc2  metalc ?    ? B SER 34  OG ? ? ? 1_555 E NA  .   NA ? ? B SER 34  B NA  116 1_555 ? ? ? ? ? ? ? 2.717 ? ? 
# 
loop_
_struct_conn_type.id 
_struct_conn_type.criteria 
_struct_conn_type.reference 
covale ? ? 
metalc ? ? 
# 
loop_
_pdbx_modification_feature.ordinal 
_pdbx_modification_feature.label_comp_id 
_pdbx_modification_feature.label_asym_id 
_pdbx_modification_feature.label_seq_id 
_pdbx_modification_feature.label_alt_id 
_pdbx_modification_feature.modified_residue_label_comp_id 
_pdbx_modification_feature.modified_residue_label_asym_id 
_pdbx_modification_feature.modified_residue_label_seq_id 
_pdbx_modification_feature.modified_residue_label_alt_id 
_pdbx_modification_feature.auth_comp_id 
_pdbx_modification_feature.auth_asym_id 
_pdbx_modification_feature.auth_seq_id 
_pdbx_modification_feature.PDB_ins_code 
_pdbx_modification_feature.symmetry 
_pdbx_modification_feature.modified_residue_auth_comp_id 
_pdbx_modification_feature.modified_residue_auth_asym_id 
_pdbx_modification_feature.modified_residue_auth_seq_id 
_pdbx_modification_feature.modified_residue_PDB_ins_code 
_pdbx_modification_feature.modified_residue_symmetry 
_pdbx_modification_feature.comp_id_linking_atom 
_pdbx_modification_feature.modified_residue_id_linking_atom 
_pdbx_modification_feature.modified_residue_id 
_pdbx_modification_feature.ref_pcm_id 
_pdbx_modification_feature.ref_comp_id 
_pdbx_modification_feature.type 
_pdbx_modification_feature.category 
1 MSE A 1   ? . . . . MSE A 1   ? 1_555 . . . . . . . MET 1 MSE Selenomethionine 'Named protein modification' 
2 MSE A 16  ? . . . . MSE A 16  ? 1_555 . . . . . . . MET 1 MSE Selenomethionine 'Named protein modification' 
3 MSE A 70  ? . . . . MSE A 70  ? 1_555 . . . . . . . MET 1 MSE Selenomethionine 'Named protein modification' 
4 MSE A 100 ? . . . . MSE A 100 ? 1_555 . . . . . . . MET 1 MSE Selenomethionine 'Named protein modification' 
5 MSE B 1   ? . . . . MSE B 1   ? 1_555 . . . . . . . MET 1 MSE Selenomethionine 'Named protein modification' 
6 MSE B 16  ? . . . . MSE B 16  ? 1_555 . . . . . . . MET 1 MSE Selenomethionine 'Named protein modification' 
7 MSE B 70  ? . . . . MSE B 70  ? 1_555 . . . . . . . MET 1 MSE Selenomethionine 'Named protein modification' 
8 MSE B 100 ? . . . . MSE B 100 ? 1_555 . . . . . . . MET 1 MSE Selenomethionine 'Named protein modification' 
# 
loop_
_struct_mon_prot_cis.pdbx_id 
_struct_mon_prot_cis.label_comp_id 
_struct_mon_prot_cis.label_seq_id 
_struct_mon_prot_cis.label_asym_id 
_struct_mon_prot_cis.label_alt_id 
_struct_mon_prot_cis.pdbx_PDB_ins_code 
_struct_mon_prot_cis.auth_comp_id 
_struct_mon_prot_cis.auth_seq_id 
_struct_mon_prot_cis.auth_asym_id 
_struct_mon_prot_cis.pdbx_label_comp_id_2 
_struct_mon_prot_cis.pdbx_label_seq_id_2 
_struct_mon_prot_cis.pdbx_label_asym_id_2 
_struct_mon_prot_cis.pdbx_PDB_ins_code_2 
_struct_mon_prot_cis.pdbx_auth_comp_id_2 
_struct_mon_prot_cis.pdbx_auth_seq_id_2 
_struct_mon_prot_cis.pdbx_auth_asym_id_2 
_struct_mon_prot_cis.pdbx_PDB_model_num 
_struct_mon_prot_cis.pdbx_omega_angle 
1 MSE 100 A . ? MSE 100 A GLY 101 A ? GLY 101 A 1 -15.77 
2 ALA 39  B . ? ALA 39  B GLY 40  B ? GLY 40  B 1 -11.83 
3 GLY 101 B . ? GLY 101 B ARG 102 B ? ARG 102 B 1 -19.75 
# 
loop_
_struct_site.id 
_struct_site.pdbx_evidence_code 
_struct_site.pdbx_auth_asym_id 
_struct_site.pdbx_auth_comp_id 
_struct_site.pdbx_auth_seq_id 
_struct_site.pdbx_auth_ins_code 
_struct_site.pdbx_num_residues 
_struct_site.details 
AC1 Software A NA  116 ? 2 'BINDING SITE FOR RESIDUE NA A 116'  
AC2 Software A NA  117 ? 3 'BINDING SITE FOR RESIDUE NA A 117'  
AC3 Software B NA  116 ? 4 'BINDING SITE FOR RESIDUE NA B 116'  
AC4 Software B PEG 117 ? 2 'BINDING SITE FOR RESIDUE PEG B 117' 
# 
loop_
_struct_site_gen.id 
_struct_site_gen.site_id 
_struct_site_gen.pdbx_num_res 
_struct_site_gen.label_comp_id 
_struct_site_gen.label_asym_id 
_struct_site_gen.label_seq_id 
_struct_site_gen.pdbx_auth_ins_code 
_struct_site_gen.auth_comp_id 
_struct_site_gen.auth_asym_id 
_struct_site_gen.auth_seq_id 
_struct_site_gen.label_atom_id 
_struct_site_gen.label_alt_id 
_struct_site_gen.symmetry 
_struct_site_gen.details 
1  AC1 2 GLY A 101 ? GLY A 101 . ? 4_455 ? 
2  AC1 2 HOH G .   ? HOH A 145 . ? 1_555 ? 
3  AC2 3 SER A 34  ? SER A 34  . ? 1_555 ? 
4  AC2 3 MSE B 1   ? MSE B 1   . ? 1_555 ? 
5  AC2 3 ASN B 2   ? ASN B 2   . ? 1_555 ? 
6  AC3 4 MSE A 1   ? MSE A 1   . ? 1_555 ? 
7  AC3 4 ASN A 2   ? ASN A 2   . ? 1_555 ? 
8  AC3 4 SER B 34  ? SER B 34  . ? 1_555 ? 
9  AC3 4 VAL B 36  ? VAL B 36  . ? 1_555 ? 
10 AC4 2 GLU B 35  ? GLU B 35  . ? 1_555 ? 
11 AC4 2 HOH H .   ? HOH B 152 . ? 1_555 ? 
# 
_pdbx_entry_details.entry_id                   3FHW 
_pdbx_entry_details.compound_details           ? 
_pdbx_entry_details.source_details             ? 
_pdbx_entry_details.nonpolymer_details         ? 
_pdbx_entry_details.sequence_details           ? 
_pdbx_entry_details.has_ligand_of_interest     ? 
_pdbx_entry_details.has_protein_modification   Y 
# 
loop_
_pdbx_validate_torsion.id 
_pdbx_validate_torsion.PDB_model_num 
_pdbx_validate_torsion.auth_comp_id 
_pdbx_validate_torsion.auth_asym_id 
_pdbx_validate_torsion.auth_seq_id 
_pdbx_validate_torsion.PDB_ins_code 
_pdbx_validate_torsion.label_alt_id 
_pdbx_validate_torsion.phi 
_pdbx_validate_torsion.psi 
1 1 ASN A 2   ? ? -162.84 90.19  
2 1 ASP A 82  ? ? 81.10   9.41   
3 1 MSE A 100 ? ? -56.74  -74.65 
4 1 ASN B 2   ? ? -165.22 87.21  
# 
_pdbx_SG_project.id                    1 
_pdbx_SG_project.project_name          'PSI, Protein Structure Initiative' 
_pdbx_SG_project.full_name_of_center   'Northeast Structural Genomics Consortium' 
_pdbx_SG_project.initial_of_center     NESG 
# 
loop_
_pdbx_struct_mod_residue.id 
_pdbx_struct_mod_residue.label_asym_id 
_pdbx_struct_mod_residue.label_comp_id 
_pdbx_struct_mod_residue.label_seq_id 
_pdbx_struct_mod_residue.auth_asym_id 
_pdbx_struct_mod_residue.auth_comp_id 
_pdbx_struct_mod_residue.auth_seq_id 
_pdbx_struct_mod_residue.PDB_ins_code 
_pdbx_struct_mod_residue.parent_comp_id 
_pdbx_struct_mod_residue.details 
1 A MSE 1   A MSE 1   ? MET SELENOMETHIONINE 
2 A MSE 16  A MSE 16  ? MET SELENOMETHIONINE 
3 A MSE 70  A MSE 70  ? MET SELENOMETHIONINE 
4 A MSE 100 A MSE 100 ? MET SELENOMETHIONINE 
5 B MSE 1   B MSE 1   ? MET SELENOMETHIONINE 
6 B MSE 16  B MSE 16  ? MET SELENOMETHIONINE 
7 B MSE 70  B MSE 70  ? MET SELENOMETHIONINE 
8 B MSE 100 B MSE 100 ? MET SELENOMETHIONINE 
# 
_pdbx_struct_special_symmetry.id              1 
_pdbx_struct_special_symmetry.PDB_model_num   1 
_pdbx_struct_special_symmetry.auth_asym_id    A 
_pdbx_struct_special_symmetry.auth_comp_id    HOH 
_pdbx_struct_special_symmetry.auth_seq_id     118 
_pdbx_struct_special_symmetry.PDB_ins_code    ? 
_pdbx_struct_special_symmetry.label_asym_id   G 
_pdbx_struct_special_symmetry.label_comp_id   HOH 
_pdbx_struct_special_symmetry.label_seq_id    . 
# 
_pdbx_refine_tls.pdbx_refine_id   'X-RAY DIFFRACTION' 
_pdbx_refine_tls.id               1 
_pdbx_refine_tls.details          ? 
_pdbx_refine_tls.method           refined 
_pdbx_refine_tls.origin_x         -0.2738 
_pdbx_refine_tls.origin_y         0.2180 
_pdbx_refine_tls.origin_z         -0.1003 
_pdbx_refine_tls.T[1][1]          -0.1121 
_pdbx_refine_tls.T[2][2]          -0.0974 
_pdbx_refine_tls.T[3][3]          -0.0497 
_pdbx_refine_tls.T[1][2]          -0.0468 
_pdbx_refine_tls.T[1][3]          0.0178 
_pdbx_refine_tls.T[2][3]          -0.0103 
_pdbx_refine_tls.L[1][1]          1.3299 
_pdbx_refine_tls.L[2][2]          1.5070 
_pdbx_refine_tls.L[3][3]          2.7054 
_pdbx_refine_tls.L[1][2]          -0.8042 
_pdbx_refine_tls.L[1][3]          0.7648 
_pdbx_refine_tls.L[2][3]          -0.6616 
_pdbx_refine_tls.S[1][1]          0.0023 
_pdbx_refine_tls.S[2][2]          0.0063 
_pdbx_refine_tls.S[3][3]          -0.0086 
_pdbx_refine_tls.S[1][2]          -0.0097 
_pdbx_refine_tls.S[1][3]          0.0480 
_pdbx_refine_tls.S[2][3]          -0.0639 
_pdbx_refine_tls.S[2][1]          -0.0334 
_pdbx_refine_tls.S[3][1]          -0.1047 
_pdbx_refine_tls.S[3][2]          0.1348 
# 
loop_
_pdbx_refine_tls_group.pdbx_refine_id 
_pdbx_refine_tls_group.id 
_pdbx_refine_tls_group.refine_tls_id 
_pdbx_refine_tls_group.beg_auth_asym_id 
_pdbx_refine_tls_group.beg_auth_seq_id 
_pdbx_refine_tls_group.end_auth_asym_id 
_pdbx_refine_tls_group.end_auth_seq_id 
_pdbx_refine_tls_group.selection_details 
_pdbx_refine_tls_group.beg_label_asym_id 
_pdbx_refine_tls_group.beg_label_seq_id 
_pdbx_refine_tls_group.end_label_asym_id 
_pdbx_refine_tls_group.end_label_seq_id 
_pdbx_refine_tls_group.selection 
'X-RAY DIFFRACTION' 1 1 B 118 B 182 ? . . . . ? 
'X-RAY DIFFRACTION' 2 1 A 118 A 175 ? . . . . ? 
'X-RAY DIFFRACTION' 3 1 B 116 B 117 ? . . . . ? 
'X-RAY DIFFRACTION' 4 1 A 116 A 117 ? . . . . ? 
'X-RAY DIFFRACTION' 5 1 B 1   B 102 ? . . . . ? 
'X-RAY DIFFRACTION' 6 1 A 1   A 102 ? . . . . ? 
# 
loop_
_pdbx_unobs_or_zero_occ_residues.id 
_pdbx_unobs_or_zero_occ_residues.PDB_model_num 
_pdbx_unobs_or_zero_occ_residues.polymer_flag 
_pdbx_unobs_or_zero_occ_residues.occupancy_flag 
_pdbx_unobs_or_zero_occ_residues.auth_asym_id 
_pdbx_unobs_or_zero_occ_residues.auth_comp_id 
_pdbx_unobs_or_zero_occ_residues.auth_seq_id 
_pdbx_unobs_or_zero_occ_residues.PDB_ins_code 
_pdbx_unobs_or_zero_occ_residues.label_asym_id 
_pdbx_unobs_or_zero_occ_residues.label_comp_id 
_pdbx_unobs_or_zero_occ_residues.label_seq_id 
1  1 Y 1 A HIS 41  ? A HIS 41  
2  1 Y 1 A PRO 42  ? A PRO 42  
3  1 Y 1 A ASP 103 ? A ASP 103 
4  1 Y 1 A PRO 104 ? A PRO 104 
5  1 Y 1 A LEU 105 ? A LEU 105 
6  1 Y 1 A VAL 106 ? A VAL 106 
7  1 Y 1 A GLY 107 ? A GLY 107 
8  1 Y 1 A LEU 108 ? A LEU 108 
9  1 Y 1 A GLU 109 ? A GLU 109 
10 1 Y 1 A HIS 110 ? A HIS 110 
11 1 Y 1 A HIS 111 ? A HIS 111 
12 1 Y 1 A HIS 112 ? A HIS 112 
13 1 Y 1 A HIS 113 ? A HIS 113 
14 1 Y 1 A HIS 114 ? A HIS 114 
15 1 Y 1 A HIS 115 ? A HIS 115 
16 1 Y 1 B HIS 41  ? B HIS 41  
17 1 Y 1 B PRO 42  ? B PRO 42  
18 1 Y 1 B ASP 103 ? B ASP 103 
19 1 Y 1 B PRO 104 ? B PRO 104 
20 1 Y 1 B LEU 105 ? B LEU 105 
21 1 Y 1 B VAL 106 ? B VAL 106 
22 1 Y 1 B GLY 107 ? B GLY 107 
23 1 Y 1 B LEU 108 ? B LEU 108 
24 1 Y 1 B GLU 109 ? B GLU 109 
25 1 Y 1 B HIS 110 ? B HIS 110 
26 1 Y 1 B HIS 111 ? B HIS 111 
27 1 Y 1 B HIS 112 ? B HIS 112 
28 1 Y 1 B HIS 113 ? B HIS 113 
29 1 Y 1 B HIS 114 ? B HIS 114 
30 1 Y 1 B HIS 115 ? B HIS 115 
# 
loop_
_chem_comp_atom.comp_id 
_chem_comp_atom.atom_id 
_chem_comp_atom.type_symbol 
_chem_comp_atom.pdbx_aromatic_flag 
_chem_comp_atom.pdbx_stereo_config 
_chem_comp_atom.pdbx_ordinal 
ALA N    N  N N 1   
ALA CA   C  N S 2   
ALA C    C  N N 3   
ALA O    O  N N 4   
ALA CB   C  N N 5   
ALA OXT  O  N N 6   
ALA H    H  N N 7   
ALA H2   H  N N 8   
ALA HA   H  N N 9   
ALA HB1  H  N N 10  
ALA HB2  H  N N 11  
ALA HB3  H  N N 12  
ALA HXT  H  N N 13  
ARG N    N  N N 14  
ARG CA   C  N S 15  
ARG C    C  N N 16  
ARG O    O  N N 17  
ARG CB   C  N N 18  
ARG CG   C  N N 19  
ARG CD   C  N N 20  
ARG NE   N  N N 21  
ARG CZ   C  N N 22  
ARG NH1  N  N N 23  
ARG NH2  N  N N 24  
ARG OXT  O  N N 25  
ARG H    H  N N 26  
ARG H2   H  N N 27  
ARG HA   H  N N 28  
ARG HB2  H  N N 29  
ARG HB3  H  N N 30  
ARG HG2  H  N N 31  
ARG HG3  H  N N 32  
ARG HD2  H  N N 33  
ARG HD3  H  N N 34  
ARG HE   H  N N 35  
ARG HH11 H  N N 36  
ARG HH12 H  N N 37  
ARG HH21 H  N N 38  
ARG HH22 H  N N 39  
ARG HXT  H  N N 40  
ASN N    N  N N 41  
ASN CA   C  N S 42  
ASN C    C  N N 43  
ASN O    O  N N 44  
ASN CB   C  N N 45  
ASN CG   C  N N 46  
ASN OD1  O  N N 47  
ASN ND2  N  N N 48  
ASN OXT  O  N N 49  
ASN H    H  N N 50  
ASN H2   H  N N 51  
ASN HA   H  N N 52  
ASN HB2  H  N N 53  
ASN HB3  H  N N 54  
ASN HD21 H  N N 55  
ASN HD22 H  N N 56  
ASN HXT  H  N N 57  
ASP N    N  N N 58  
ASP CA   C  N S 59  
ASP C    C  N N 60  
ASP O    O  N N 61  
ASP CB   C  N N 62  
ASP CG   C  N N 63  
ASP OD1  O  N N 64  
ASP OD2  O  N N 65  
ASP OXT  O  N N 66  
ASP H    H  N N 67  
ASP H2   H  N N 68  
ASP HA   H  N N 69  
ASP HB2  H  N N 70  
ASP HB3  H  N N 71  
ASP HD2  H  N N 72  
ASP HXT  H  N N 73  
CYS N    N  N N 74  
CYS CA   C  N R 75  
CYS C    C  N N 76  
CYS O    O  N N 77  
CYS CB   C  N N 78  
CYS SG   S  N N 79  
CYS OXT  O  N N 80  
CYS H    H  N N 81  
CYS H2   H  N N 82  
CYS HA   H  N N 83  
CYS HB2  H  N N 84  
CYS HB3  H  N N 85  
CYS HG   H  N N 86  
CYS HXT  H  N N 87  
GLN N    N  N N 88  
GLN CA   C  N S 89  
GLN C    C  N N 90  
GLN O    O  N N 91  
GLN CB   C  N N 92  
GLN CG   C  N N 93  
GLN CD   C  N N 94  
GLN OE1  O  N N 95  
GLN NE2  N  N N 96  
GLN OXT  O  N N 97  
GLN H    H  N N 98  
GLN H2   H  N N 99  
GLN HA   H  N N 100 
GLN HB2  H  N N 101 
GLN HB3  H  N N 102 
GLN HG2  H  N N 103 
GLN HG3  H  N N 104 
GLN HE21 H  N N 105 
GLN HE22 H  N N 106 
GLN HXT  H  N N 107 
GLU N    N  N N 108 
GLU CA   C  N S 109 
GLU C    C  N N 110 
GLU O    O  N N 111 
GLU CB   C  N N 112 
GLU CG   C  N N 113 
GLU CD   C  N N 114 
GLU OE1  O  N N 115 
GLU OE2  O  N N 116 
GLU OXT  O  N N 117 
GLU H    H  N N 118 
GLU H2   H  N N 119 
GLU HA   H  N N 120 
GLU HB2  H  N N 121 
GLU HB3  H  N N 122 
GLU HG2  H  N N 123 
GLU HG3  H  N N 124 
GLU HE2  H  N N 125 
GLU HXT  H  N N 126 
GLY N    N  N N 127 
GLY CA   C  N N 128 
GLY C    C  N N 129 
GLY O    O  N N 130 
GLY OXT  O  N N 131 
GLY H    H  N N 132 
GLY H2   H  N N 133 
GLY HA2  H  N N 134 
GLY HA3  H  N N 135 
GLY HXT  H  N N 136 
HIS N    N  N N 137 
HIS CA   C  N S 138 
HIS C    C  N N 139 
HIS O    O  N N 140 
HIS CB   C  N N 141 
HIS CG   C  Y N 142 
HIS ND1  N  Y N 143 
HIS CD2  C  Y N 144 
HIS CE1  C  Y N 145 
HIS NE2  N  Y N 146 
HIS OXT  O  N N 147 
HIS H    H  N N 148 
HIS H2   H  N N 149 
HIS HA   H  N N 150 
HIS HB2  H  N N 151 
HIS HB3  H  N N 152 
HIS HD1  H  N N 153 
HIS HD2  H  N N 154 
HIS HE1  H  N N 155 
HIS HE2  H  N N 156 
HIS HXT  H  N N 157 
HOH O    O  N N 158 
HOH H1   H  N N 159 
HOH H2   H  N N 160 
ILE N    N  N N 161 
ILE CA   C  N S 162 
ILE C    C  N N 163 
ILE O    O  N N 164 
ILE CB   C  N S 165 
ILE CG1  C  N N 166 
ILE CG2  C  N N 167 
ILE CD1  C  N N 168 
ILE OXT  O  N N 169 
ILE H    H  N N 170 
ILE H2   H  N N 171 
ILE HA   H  N N 172 
ILE HB   H  N N 173 
ILE HG12 H  N N 174 
ILE HG13 H  N N 175 
ILE HG21 H  N N 176 
ILE HG22 H  N N 177 
ILE HG23 H  N N 178 
ILE HD11 H  N N 179 
ILE HD12 H  N N 180 
ILE HD13 H  N N 181 
ILE HXT  H  N N 182 
LEU N    N  N N 183 
LEU CA   C  N S 184 
LEU C    C  N N 185 
LEU O    O  N N 186 
LEU CB   C  N N 187 
LEU CG   C  N N 188 
LEU CD1  C  N N 189 
LEU CD2  C  N N 190 
LEU OXT  O  N N 191 
LEU H    H  N N 192 
LEU H2   H  N N 193 
LEU HA   H  N N 194 
LEU HB2  H  N N 195 
LEU HB3  H  N N 196 
LEU HG   H  N N 197 
LEU HD11 H  N N 198 
LEU HD12 H  N N 199 
LEU HD13 H  N N 200 
LEU HD21 H  N N 201 
LEU HD22 H  N N 202 
LEU HD23 H  N N 203 
LEU HXT  H  N N 204 
LYS N    N  N N 205 
LYS CA   C  N S 206 
LYS C    C  N N 207 
LYS O    O  N N 208 
LYS CB   C  N N 209 
LYS CG   C  N N 210 
LYS CD   C  N N 211 
LYS CE   C  N N 212 
LYS NZ   N  N N 213 
LYS OXT  O  N N 214 
LYS H    H  N N 215 
LYS H2   H  N N 216 
LYS HA   H  N N 217 
LYS HB2  H  N N 218 
LYS HB3  H  N N 219 
LYS HG2  H  N N 220 
LYS HG3  H  N N 221 
LYS HD2  H  N N 222 
LYS HD3  H  N N 223 
LYS HE2  H  N N 224 
LYS HE3  H  N N 225 
LYS HZ1  H  N N 226 
LYS HZ2  H  N N 227 
LYS HZ3  H  N N 228 
LYS HXT  H  N N 229 
MSE N    N  N N 230 
MSE CA   C  N S 231 
MSE C    C  N N 232 
MSE O    O  N N 233 
MSE OXT  O  N N 234 
MSE CB   C  N N 235 
MSE CG   C  N N 236 
MSE SE   SE N N 237 
MSE CE   C  N N 238 
MSE H    H  N N 239 
MSE H2   H  N N 240 
MSE HA   H  N N 241 
MSE HXT  H  N N 242 
MSE HB2  H  N N 243 
MSE HB3  H  N N 244 
MSE HG2  H  N N 245 
MSE HG3  H  N N 246 
MSE HE1  H  N N 247 
MSE HE2  H  N N 248 
MSE HE3  H  N N 249 
NA  NA   NA N N 250 
PEG C1   C  N N 251 
PEG O1   O  N N 252 
PEG C2   C  N N 253 
PEG O2   O  N N 254 
PEG C3   C  N N 255 
PEG C4   C  N N 256 
PEG O4   O  N N 257 
PEG H11  H  N N 258 
PEG H12  H  N N 259 
PEG HO1  H  N N 260 
PEG H21  H  N N 261 
PEG H22  H  N N 262 
PEG H31  H  N N 263 
PEG H32  H  N N 264 
PEG H41  H  N N 265 
PEG H42  H  N N 266 
PEG HO4  H  N N 267 
PHE N    N  N N 268 
PHE CA   C  N S 269 
PHE C    C  N N 270 
PHE O    O  N N 271 
PHE CB   C  N N 272 
PHE CG   C  Y N 273 
PHE CD1  C  Y N 274 
PHE CD2  C  Y N 275 
PHE CE1  C  Y N 276 
PHE CE2  C  Y N 277 
PHE CZ   C  Y N 278 
PHE OXT  O  N N 279 
PHE H    H  N N 280 
PHE H2   H  N N 281 
PHE HA   H  N N 282 
PHE HB2  H  N N 283 
PHE HB3  H  N N 284 
PHE HD1  H  N N 285 
PHE HD2  H  N N 286 
PHE HE1  H  N N 287 
PHE HE2  H  N N 288 
PHE HZ   H  N N 289 
PHE HXT  H  N N 290 
PRO N    N  N N 291 
PRO CA   C  N S 292 
PRO C    C  N N 293 
PRO O    O  N N 294 
PRO CB   C  N N 295 
PRO CG   C  N N 296 
PRO CD   C  N N 297 
PRO OXT  O  N N 298 
PRO H    H  N N 299 
PRO HA   H  N N 300 
PRO HB2  H  N N 301 
PRO HB3  H  N N 302 
PRO HG2  H  N N 303 
PRO HG3  H  N N 304 
PRO HD2  H  N N 305 
PRO HD3  H  N N 306 
PRO HXT  H  N N 307 
SER N    N  N N 308 
SER CA   C  N S 309 
SER C    C  N N 310 
SER O    O  N N 311 
SER CB   C  N N 312 
SER OG   O  N N 313 
SER OXT  O  N N 314 
SER H    H  N N 315 
SER H2   H  N N 316 
SER HA   H  N N 317 
SER HB2  H  N N 318 
SER HB3  H  N N 319 
SER HG   H  N N 320 
SER HXT  H  N N 321 
THR N    N  N N 322 
THR CA   C  N S 323 
THR C    C  N N 324 
THR O    O  N N 325 
THR CB   C  N R 326 
THR OG1  O  N N 327 
THR CG2  C  N N 328 
THR OXT  O  N N 329 
THR H    H  N N 330 
THR H2   H  N N 331 
THR HA   H  N N 332 
THR HB   H  N N 333 
THR HG1  H  N N 334 
THR HG21 H  N N 335 
THR HG22 H  N N 336 
THR HG23 H  N N 337 
THR HXT  H  N N 338 
VAL N    N  N N 339 
VAL CA   C  N S 340 
VAL C    C  N N 341 
VAL O    O  N N 342 
VAL CB   C  N N 343 
VAL CG1  C  N N 344 
VAL CG2  C  N N 345 
VAL OXT  O  N N 346 
VAL H    H  N N 347 
VAL H2   H  N N 348 
VAL HA   H  N N 349 
VAL HB   H  N N 350 
VAL HG11 H  N N 351 
VAL HG12 H  N N 352 
VAL HG13 H  N N 353 
VAL HG21 H  N N 354 
VAL HG22 H  N N 355 
VAL HG23 H  N N 356 
VAL HXT  H  N N 357 
# 
loop_
_chem_comp_bond.comp_id 
_chem_comp_bond.atom_id_1 
_chem_comp_bond.atom_id_2 
_chem_comp_bond.value_order 
_chem_comp_bond.pdbx_aromatic_flag 
_chem_comp_bond.pdbx_stereo_config 
_chem_comp_bond.pdbx_ordinal 
ALA N   CA   sing N N 1   
ALA N   H    sing N N 2   
ALA N   H2   sing N N 3   
ALA CA  C    sing N N 4   
ALA CA  CB   sing N N 5   
ALA CA  HA   sing N N 6   
ALA C   O    doub N N 7   
ALA C   OXT  sing N N 8   
ALA CB  HB1  sing N N 9   
ALA CB  HB2  sing N N 10  
ALA CB  HB3  sing N N 11  
ALA OXT HXT  sing N N 12  
ARG N   CA   sing N N 13  
ARG N   H    sing N N 14  
ARG N   H2   sing N N 15  
ARG CA  C    sing N N 16  
ARG CA  CB   sing N N 17  
ARG CA  HA   sing N N 18  
ARG C   O    doub N N 19  
ARG C   OXT  sing N N 20  
ARG CB  CG   sing N N 21  
ARG CB  HB2  sing N N 22  
ARG CB  HB3  sing N N 23  
ARG CG  CD   sing N N 24  
ARG CG  HG2  sing N N 25  
ARG CG  HG3  sing N N 26  
ARG CD  NE   sing N N 27  
ARG CD  HD2  sing N N 28  
ARG CD  HD3  sing N N 29  
ARG NE  CZ   sing N N 30  
ARG NE  HE   sing N N 31  
ARG CZ  NH1  sing N N 32  
ARG CZ  NH2  doub N N 33  
ARG NH1 HH11 sing N N 34  
ARG NH1 HH12 sing N N 35  
ARG NH2 HH21 sing N N 36  
ARG NH2 HH22 sing N N 37  
ARG OXT HXT  sing N N 38  
ASN N   CA   sing N N 39  
ASN N   H    sing N N 40  
ASN N   H2   sing N N 41  
ASN CA  C    sing N N 42  
ASN CA  CB   sing N N 43  
ASN CA  HA   sing N N 44  
ASN C   O    doub N N 45  
ASN C   OXT  sing N N 46  
ASN CB  CG   sing N N 47  
ASN CB  HB2  sing N N 48  
ASN CB  HB3  sing N N 49  
ASN CG  OD1  doub N N 50  
ASN CG  ND2  sing N N 51  
ASN ND2 HD21 sing N N 52  
ASN ND2 HD22 sing N N 53  
ASN OXT HXT  sing N N 54  
ASP N   CA   sing N N 55  
ASP N   H    sing N N 56  
ASP N   H2   sing N N 57  
ASP CA  C    sing N N 58  
ASP CA  CB   sing N N 59  
ASP CA  HA   sing N N 60  
ASP C   O    doub N N 61  
ASP C   OXT  sing N N 62  
ASP CB  CG   sing N N 63  
ASP CB  HB2  sing N N 64  
ASP CB  HB3  sing N N 65  
ASP CG  OD1  doub N N 66  
ASP CG  OD2  sing N N 67  
ASP OD2 HD2  sing N N 68  
ASP OXT HXT  sing N N 69  
CYS N   CA   sing N N 70  
CYS N   H    sing N N 71  
CYS N   H2   sing N N 72  
CYS CA  C    sing N N 73  
CYS CA  CB   sing N N 74  
CYS CA  HA   sing N N 75  
CYS C   O    doub N N 76  
CYS C   OXT  sing N N 77  
CYS CB  SG   sing N N 78  
CYS CB  HB2  sing N N 79  
CYS CB  HB3  sing N N 80  
CYS SG  HG   sing N N 81  
CYS OXT HXT  sing N N 82  
GLN N   CA   sing N N 83  
GLN N   H    sing N N 84  
GLN N   H2   sing N N 85  
GLN CA  C    sing N N 86  
GLN CA  CB   sing N N 87  
GLN CA  HA   sing N N 88  
GLN C   O    doub N N 89  
GLN C   OXT  sing N N 90  
GLN CB  CG   sing N N 91  
GLN CB  HB2  sing N N 92  
GLN CB  HB3  sing N N 93  
GLN CG  CD   sing N N 94  
GLN CG  HG2  sing N N 95  
GLN CG  HG3  sing N N 96  
GLN CD  OE1  doub N N 97  
GLN CD  NE2  sing N N 98  
GLN NE2 HE21 sing N N 99  
GLN NE2 HE22 sing N N 100 
GLN OXT HXT  sing N N 101 
GLU N   CA   sing N N 102 
GLU N   H    sing N N 103 
GLU N   H2   sing N N 104 
GLU CA  C    sing N N 105 
GLU CA  CB   sing N N 106 
GLU CA  HA   sing N N 107 
GLU C   O    doub N N 108 
GLU C   OXT  sing N N 109 
GLU CB  CG   sing N N 110 
GLU CB  HB2  sing N N 111 
GLU CB  HB3  sing N N 112 
GLU CG  CD   sing N N 113 
GLU CG  HG2  sing N N 114 
GLU CG  HG3  sing N N 115 
GLU CD  OE1  doub N N 116 
GLU CD  OE2  sing N N 117 
GLU OE2 HE2  sing N N 118 
GLU OXT HXT  sing N N 119 
GLY N   CA   sing N N 120 
GLY N   H    sing N N 121 
GLY N   H2   sing N N 122 
GLY CA  C    sing N N 123 
GLY CA  HA2  sing N N 124 
GLY CA  HA3  sing N N 125 
GLY C   O    doub N N 126 
GLY C   OXT  sing N N 127 
GLY OXT HXT  sing N N 128 
HIS N   CA   sing N N 129 
HIS N   H    sing N N 130 
HIS N   H2   sing N N 131 
HIS CA  C    sing N N 132 
HIS CA  CB   sing N N 133 
HIS CA  HA   sing N N 134 
HIS C   O    doub N N 135 
HIS C   OXT  sing N N 136 
HIS CB  CG   sing N N 137 
HIS CB  HB2  sing N N 138 
HIS CB  HB3  sing N N 139 
HIS CG  ND1  sing Y N 140 
HIS CG  CD2  doub Y N 141 
HIS ND1 CE1  doub Y N 142 
HIS ND1 HD1  sing N N 143 
HIS CD2 NE2  sing Y N 144 
HIS CD2 HD2  sing N N 145 
HIS CE1 NE2  sing Y N 146 
HIS CE1 HE1  sing N N 147 
HIS NE2 HE2  sing N N 148 
HIS OXT HXT  sing N N 149 
HOH O   H1   sing N N 150 
HOH O   H2   sing N N 151 
ILE N   CA   sing N N 152 
ILE N   H    sing N N 153 
ILE N   H2   sing N N 154 
ILE CA  C    sing N N 155 
ILE CA  CB   sing N N 156 
ILE CA  HA   sing N N 157 
ILE C   O    doub N N 158 
ILE C   OXT  sing N N 159 
ILE CB  CG1  sing N N 160 
ILE CB  CG2  sing N N 161 
ILE CB  HB   sing N N 162 
ILE CG1 CD1  sing N N 163 
ILE CG1 HG12 sing N N 164 
ILE CG1 HG13 sing N N 165 
ILE CG2 HG21 sing N N 166 
ILE CG2 HG22 sing N N 167 
ILE CG2 HG23 sing N N 168 
ILE CD1 HD11 sing N N 169 
ILE CD1 HD12 sing N N 170 
ILE CD1 HD13 sing N N 171 
ILE OXT HXT  sing N N 172 
LEU N   CA   sing N N 173 
LEU N   H    sing N N 174 
LEU N   H2   sing N N 175 
LEU CA  C    sing N N 176 
LEU CA  CB   sing N N 177 
LEU CA  HA   sing N N 178 
LEU C   O    doub N N 179 
LEU C   OXT  sing N N 180 
LEU CB  CG   sing N N 181 
LEU CB  HB2  sing N N 182 
LEU CB  HB3  sing N N 183 
LEU CG  CD1  sing N N 184 
LEU CG  CD2  sing N N 185 
LEU CG  HG   sing N N 186 
LEU CD1 HD11 sing N N 187 
LEU CD1 HD12 sing N N 188 
LEU CD1 HD13 sing N N 189 
LEU CD2 HD21 sing N N 190 
LEU CD2 HD22 sing N N 191 
LEU CD2 HD23 sing N N 192 
LEU OXT HXT  sing N N 193 
LYS N   CA   sing N N 194 
LYS N   H    sing N N 195 
LYS N   H2   sing N N 196 
LYS CA  C    sing N N 197 
LYS CA  CB   sing N N 198 
LYS CA  HA   sing N N 199 
LYS C   O    doub N N 200 
LYS C   OXT  sing N N 201 
LYS CB  CG   sing N N 202 
LYS CB  HB2  sing N N 203 
LYS CB  HB3  sing N N 204 
LYS CG  CD   sing N N 205 
LYS CG  HG2  sing N N 206 
LYS CG  HG3  sing N N 207 
LYS CD  CE   sing N N 208 
LYS CD  HD2  sing N N 209 
LYS CD  HD3  sing N N 210 
LYS CE  NZ   sing N N 211 
LYS CE  HE2  sing N N 212 
LYS CE  HE3  sing N N 213 
LYS NZ  HZ1  sing N N 214 
LYS NZ  HZ2  sing N N 215 
LYS NZ  HZ3  sing N N 216 
LYS OXT HXT  sing N N 217 
MSE N   CA   sing N N 218 
MSE N   H    sing N N 219 
MSE N   H2   sing N N 220 
MSE CA  C    sing N N 221 
MSE CA  CB   sing N N 222 
MSE CA  HA   sing N N 223 
MSE C   O    doub N N 224 
MSE C   OXT  sing N N 225 
MSE OXT HXT  sing N N 226 
MSE CB  CG   sing N N 227 
MSE CB  HB2  sing N N 228 
MSE CB  HB3  sing N N 229 
MSE CG  SE   sing N N 230 
MSE CG  HG2  sing N N 231 
MSE CG  HG3  sing N N 232 
MSE SE  CE   sing N N 233 
MSE CE  HE1  sing N N 234 
MSE CE  HE2  sing N N 235 
MSE CE  HE3  sing N N 236 
PEG C1  O1   sing N N 237 
PEG C1  C2   sing N N 238 
PEG C1  H11  sing N N 239 
PEG C1  H12  sing N N 240 
PEG O1  HO1  sing N N 241 
PEG C2  O2   sing N N 242 
PEG C2  H21  sing N N 243 
PEG C2  H22  sing N N 244 
PEG O2  C3   sing N N 245 
PEG C3  C4   sing N N 246 
PEG C3  H31  sing N N 247 
PEG C3  H32  sing N N 248 
PEG C4  O4   sing N N 249 
PEG C4  H41  sing N N 250 
PEG C4  H42  sing N N 251 
PEG O4  HO4  sing N N 252 
PHE N   CA   sing N N 253 
PHE N   H    sing N N 254 
PHE N   H2   sing N N 255 
PHE CA  C    sing N N 256 
PHE CA  CB   sing N N 257 
PHE CA  HA   sing N N 258 
PHE C   O    doub N N 259 
PHE C   OXT  sing N N 260 
PHE CB  CG   sing N N 261 
PHE CB  HB2  sing N N 262 
PHE CB  HB3  sing N N 263 
PHE CG  CD1  doub Y N 264 
PHE CG  CD2  sing Y N 265 
PHE CD1 CE1  sing Y N 266 
PHE CD1 HD1  sing N N 267 
PHE CD2 CE2  doub Y N 268 
PHE CD2 HD2  sing N N 269 
PHE CE1 CZ   doub Y N 270 
PHE CE1 HE1  sing N N 271 
PHE CE2 CZ   sing Y N 272 
PHE CE2 HE2  sing N N 273 
PHE CZ  HZ   sing N N 274 
PHE OXT HXT  sing N N 275 
PRO N   CA   sing N N 276 
PRO N   CD   sing N N 277 
PRO N   H    sing N N 278 
PRO CA  C    sing N N 279 
PRO CA  CB   sing N N 280 
PRO CA  HA   sing N N 281 
PRO C   O    doub N N 282 
PRO C   OXT  sing N N 283 
PRO CB  CG   sing N N 284 
PRO CB  HB2  sing N N 285 
PRO CB  HB3  sing N N 286 
PRO CG  CD   sing N N 287 
PRO CG  HG2  sing N N 288 
PRO CG  HG3  sing N N 289 
PRO CD  HD2  sing N N 290 
PRO CD  HD3  sing N N 291 
PRO OXT HXT  sing N N 292 
SER N   CA   sing N N 293 
SER N   H    sing N N 294 
SER N   H2   sing N N 295 
SER CA  C    sing N N 296 
SER CA  CB   sing N N 297 
SER CA  HA   sing N N 298 
SER C   O    doub N N 299 
SER C   OXT  sing N N 300 
SER CB  OG   sing N N 301 
SER CB  HB2  sing N N 302 
SER CB  HB3  sing N N 303 
SER OG  HG   sing N N 304 
SER OXT HXT  sing N N 305 
THR N   CA   sing N N 306 
THR N   H    sing N N 307 
THR N   H2   sing N N 308 
THR CA  C    sing N N 309 
THR CA  CB   sing N N 310 
THR CA  HA   sing N N 311 
THR C   O    doub N N 312 
THR C   OXT  sing N N 313 
THR CB  OG1  sing N N 314 
THR CB  CG2  sing N N 315 
THR CB  HB   sing N N 316 
THR OG1 HG1  sing N N 317 
THR CG2 HG21 sing N N 318 
THR CG2 HG22 sing N N 319 
THR CG2 HG23 sing N N 320 
THR OXT HXT  sing N N 321 
VAL N   CA   sing N N 322 
VAL N   H    sing N N 323 
VAL N   H2   sing N N 324 
VAL CA  C    sing N N 325 
VAL CA  CB   sing N N 326 
VAL CA  HA   sing N N 327 
VAL C   O    doub N N 328 
VAL C   OXT  sing N N 329 
VAL CB  CG1  sing N N 330 
VAL CB  CG2  sing N N 331 
VAL CB  HB   sing N N 332 
VAL CG1 HG11 sing N N 333 
VAL CG1 HG12 sing N N 334 
VAL CG1 HG13 sing N N 335 
VAL CG2 HG21 sing N N 336 
VAL CG2 HG22 sing N N 337 
VAL CG2 HG23 sing N N 338 
VAL OXT HXT  sing N N 339 
# 
_atom_sites.entry_id                    3FHW 
_atom_sites.fract_transf_matrix[1][1]   0.00911425 
_atom_sites.fract_transf_matrix[1][2]   -0.01259297 
_atom_sites.fract_transf_matrix[1][3]   -0.00921852 
_atom_sites.fract_transf_matrix[2][1]   0.01200959 
_atom_sites.fract_transf_matrix[2][2]   0.00976395 
_atom_sites.fract_transf_matrix[2][3]   -0.00146431 
_atom_sites.fract_transf_matrix[3][1]   0.00508317 
_atom_sites.fract_transf_matrix[3][2]   -0.00456362 
_atom_sites.fract_transf_matrix[3][3]   0.01125982 
_atom_sites.fract_transf_vector[1]      0.566583 
_atom_sites.fract_transf_vector[2]      0.228823 
_atom_sites.fract_transf_vector[3]      0.252998 
# 
loop_
_atom_type.symbol 
C  
N  
NA 
O  
S  
SE 
# 
loop_
_atom_site.group_PDB 
_atom_site.id 
_atom_site.type_symbol 
_atom_site.label_atom_id 
_atom_site.label_alt_id 
_atom_site.label_comp_id 
_atom_site.label_asym_id 
_atom_site.label_entity_id 
_atom_site.label_seq_id 
_atom_site.pdbx_PDB_ins_code 
_atom_site.Cartn_x 
_atom_site.Cartn_y 
_atom_site.Cartn_z 
_atom_site.occupancy 
_atom_site.B_iso_or_equiv 
_atom_site.pdbx_formal_charge 
_atom_site.auth_seq_id 
_atom_site.auth_comp_id 
_atom_site.auth_asym_id 
_atom_site.auth_atom_id 
_atom_site.pdbx_PDB_model_num 
HETATM 1    N  N   . MSE A 1 1   ? 3.250   8.905   8.363   1.00 25.96 ? 1   MSE A N   1 
HETATM 2    C  CA  . MSE A 1 1   ? 3.765   8.436   7.046   1.00 25.40 ? 1   MSE A CA  1 
HETATM 3    C  C   . MSE A 1 1   ? 2.805   7.439   6.431   1.00 23.86 ? 1   MSE A C   1 
HETATM 4    O  O   . MSE A 1 1   ? 2.453   6.455   7.059   1.00 23.45 ? 1   MSE A O   1 
HETATM 5    C  CB  . MSE A 1 1   ? 5.136   7.791   7.214   1.00 27.19 ? 1   MSE A CB  1 
HETATM 6    C  CG  . MSE A 1 1   ? 5.737   7.299   5.911   1.00 31.31 ? 1   MSE A CG  1 
HETATM 7    SE SE  . MSE A 1 1   ? 6.507   8.743   4.865   1.00 47.56 ? 1   MSE A SE  1 
HETATM 8    C  CE  . MSE A 1 1   ? 7.882   9.364   6.105   1.00 42.34 ? 1   MSE A CE  1 
ATOM   9    N  N   . ASN A 1 2   ? 2.372   7.707   5.200   1.00 22.93 ? 2   ASN A N   1 
ATOM   10   C  CA  . ASN A 1 2   ? 1.488   6.803   4.459   1.00 21.78 ? 2   ASN A CA  1 
ATOM   11   C  C   . ASN A 1 2   ? 1.555   7.202   2.988   1.00 21.91 ? 2   ASN A C   1 
ATOM   12   O  O   . ASN A 1 2   ? 0.805   8.069   2.534   1.00 21.55 ? 2   ASN A O   1 
ATOM   13   C  CB  . ASN A 1 2   ? 0.037   6.871   4.989   1.00 21.32 ? 2   ASN A CB  1 
ATOM   14   C  CG  . ASN A 1 2   ? -0.907  5.885   4.297   1.00 21.43 ? 2   ASN A CG  1 
ATOM   15   O  OD1 . ASN A 1 2   ? -0.585  5.303   3.257   1.00 20.50 ? 2   ASN A OD1 1 
ATOM   16   N  ND2 . ASN A 1 2   ? -2.100  5.713   4.873   1.00 21.99 ? 2   ASN A ND2 1 
ATOM   17   N  N   . THR A 1 3   ? 2.488   6.594   2.262   1.00 21.46 ? 3   THR A N   1 
ATOM   18   C  CA  . THR A 1 3   ? 2.685   6.920   0.854   1.00 21.89 ? 3   THR A CA  1 
ATOM   19   C  C   . THR A 1 3   ? 3.042   5.676   0.052   1.00 21.63 ? 3   THR A C   1 
ATOM   20   O  O   . THR A 1 3   ? 4.024   4.982   0.345   1.00 21.75 ? 3   THR A O   1 
ATOM   21   C  CB  . THR A 1 3   ? 3.723   8.066   0.643   1.00 22.00 ? 3   THR A CB  1 
ATOM   22   O  OG1 . THR A 1 3   ? 3.945   8.266   -0.760  1.00 23.84 ? 3   THR A OG1 1 
ATOM   23   C  CG2 . THR A 1 3   ? 5.050   7.763   1.349   1.00 23.19 ? 3   THR A CG2 1 
ATOM   24   N  N   . LEU A 1 4   ? 2.215   5.395   -0.949  1.00 21.46 ? 4   LEU A N   1 
ATOM   25   C  CA  . LEU A 1 4   ? 2.474   4.335   -1.908  1.00 20.58 ? 4   LEU A CA  1 
ATOM   26   C  C   . LEU A 1 4   ? 2.781   4.957   -3.256  1.00 20.61 ? 4   LEU A C   1 
ATOM   27   O  O   . LEU A 1 4   ? 1.990   5.760   -3.753  1.00 19.25 ? 4   LEU A O   1 
ATOM   28   C  CB  . LEU A 1 4   ? 1.227   3.452   -2.046  1.00 20.99 ? 4   LEU A CB  1 
ATOM   29   C  CG  . LEU A 1 4   ? 1.230   2.405   -3.152  1.00 21.16 ? 4   LEU A CG  1 
ATOM   30   C  CD1 . LEU A 1 4   ? 2.338   1.365   -2.911  1.00 22.43 ? 4   LEU A CD1 1 
ATOM   31   C  CD2 . LEU A 1 4   ? -0.137  1.740   -3.217  1.00 22.94 ? 4   LEU A CD2 1 
ATOM   32   N  N   . GLU A 1 5   ? 3.936   4.598   -3.824  1.00 20.49 ? 5   GLU A N   1 
ATOM   33   C  CA  . GLU A 1 5   ? 4.259   4.902   -5.207  1.00 20.64 ? 5   GLU A CA  1 
ATOM   34   C  C   . GLU A 1 5   ? 4.165   3.611   -6.011  1.00 20.03 ? 5   GLU A C   1 
ATOM   35   O  O   . GLU A 1 5   ? 4.744   2.588   -5.633  1.00 19.81 ? 5   GLU A O   1 
ATOM   36   C  CB  . GLU A 1 5   ? 5.641   5.560   -5.333  1.00 21.27 ? 5   GLU A CB  1 
ATOM   37   C  CG  . GLU A 1 5   ? 5.664   6.999   -4.834  1.00 23.22 ? 5   GLU A CG  1 
ATOM   38   C  CD  . GLU A 1 5   ? 7.023   7.669   -4.920  1.00 27.15 ? 5   GLU A CD  1 
ATOM   39   O  OE1 . GLU A 1 5   ? 7.731   7.510   -5.937  1.00 27.75 ? 5   GLU A OE1 1 
ATOM   40   O  OE2 . GLU A 1 5   ? 7.380   8.385   -3.961  1.00 30.96 ? 5   GLU A OE2 1 
ATOM   41   N  N   . LEU A 1 6   ? 3.408   3.660   -7.105  1.00 19.38 ? 6   LEU A N   1 
ATOM   42   C  CA  . LEU A 1 6   ? 3.116   2.467   -7.894  1.00 18.69 ? 6   LEU A CA  1 
ATOM   43   C  C   . LEU A 1 6   ? 3.161   2.783   -9.390  1.00 18.65 ? 6   LEU A C   1 
ATOM   44   O  O   . LEU A 1 6   ? 2.609   3.803   -9.831  1.00 18.12 ? 6   LEU A O   1 
ATOM   45   C  CB  . LEU A 1 6   ? 1.737   1.928   -7.514  1.00 18.71 ? 6   LEU A CB  1 
ATOM   46   C  CG  . LEU A 1 6   ? 1.359   0.493   -7.860  1.00 18.48 ? 6   LEU A CG  1 
ATOM   47   C  CD1 . LEU A 1 6   ? 2.281   -0.502  -7.134  1.00 17.57 ? 6   LEU A CD1 1 
ATOM   48   C  CD2 . LEU A 1 6   ? -0.112  0.282   -7.479  1.00 17.90 ? 6   LEU A CD2 1 
ATOM   49   N  N   . SER A 1 7   ? 3.838   1.929   -10.157 1.00 17.94 ? 7   SER A N   1 
ATOM   50   C  CA  . SER A 1 7   ? 3.697   1.956   -11.612 1.00 18.07 ? 7   SER A CA  1 
ATOM   51   C  C   . SER A 1 7   ? 2.488   1.069   -11.911 1.00 17.92 ? 7   SER A C   1 
ATOM   52   O  O   . SER A 1 7   ? 2.376   -0.016  -11.351 1.00 17.51 ? 7   SER A O   1 
ATOM   53   C  CB  . SER A 1 7   ? 4.947   1.424   -12.299 1.00 18.54 ? 7   SER A CB  1 
ATOM   54   O  OG  . SER A 1 7   ? 5.253   0.111   -11.856 1.00 19.30 ? 7   SER A OG  1 
ATOM   55   N  N   . ALA A 1 8   ? 1.582   1.524   -12.771 1.00 17.66 ? 8   ALA A N   1 
ATOM   56   C  CA  . ALA A 1 8   ? 0.343   0.761   -13.011 1.00 18.30 ? 8   ALA A CA  1 
ATOM   57   C  C   . ALA A 1 8   ? -0.262  1.025   -14.382 1.00 18.69 ? 8   ALA A C   1 
ATOM   58   O  O   . ALA A 1 8   ? 0.033   2.043   -15.010 1.00 19.36 ? 8   ALA A O   1 
ATOM   59   C  CB  . ALA A 1 8   ? -0.673  1.067   -11.915 1.00 18.55 ? 8   ALA A CB  1 
ATOM   60   N  N   . ARG A 1 9   ? -1.123  0.115   -14.834 1.00 19.18 ? 9   ARG A N   1 
ATOM   61   C  CA  . ARG A 1 9   ? -1.894  0.303   -16.064 1.00 19.68 ? 9   ARG A CA  1 
ATOM   62   C  C   . ARG A 1 9   ? -3.362  0.402   -15.688 1.00 19.84 ? 9   ARG A C   1 
ATOM   63   O  O   . ARG A 1 9   ? -3.803  -0.257  -14.743 1.00 18.81 ? 9   ARG A O   1 
ATOM   64   C  CB  . ARG A 1 9   ? -1.717  -0.871  -17.044 1.00 20.19 ? 9   ARG A CB  1 
ATOM   65   C  CG  . ARG A 1 9   ? -0.384  -1.594  -16.952 1.00 23.11 ? 9   ARG A CG  1 
ATOM   66   C  CD  . ARG A 1 9   ? -0.238  -2.638  -18.070 1.00 26.55 ? 9   ARG A CD  1 
ATOM   67   N  NE  . ARG A 1 9   ? -1.428  -3.478  -18.227 1.00 28.91 ? 9   ARG A NE  1 
ATOM   68   C  CZ  . ARG A 1 9   ? -1.484  -4.762  -17.893 1.00 30.26 ? 9   ARG A CZ  1 
ATOM   69   N  NH1 . ARG A 1 9   ? -0.420  -5.360  -17.392 1.00 31.34 ? 9   ARG A NH1 1 
ATOM   70   N  NH2 . ARG A 1 9   ? -2.609  -5.454  -18.070 1.00 32.41 ? 9   ARG A NH2 1 
ATOM   71   N  N   . VAL A 1 10  ? -4.092  1.241   -16.424 1.00 19.75 ? 10  VAL A N   1 
ATOM   72   C  CA  . VAL A 1 10  ? -5.526  1.418   -16.239 1.00 19.98 ? 10  VAL A CA  1 
ATOM   73   C  C   . VAL A 1 10  ? -6.328  0.234   -16.798 1.00 20.55 ? 10  VAL A C   1 
ATOM   74   O  O   . VAL A 1 10  ? -6.418  0.046   -18.015 1.00 20.06 ? 10  VAL A O   1 
ATOM   75   C  CB  . VAL A 1 10  ? -6.014  2.747   -16.864 1.00 19.68 ? 10  VAL A CB  1 
ATOM   76   C  CG1 . VAL A 1 10  ? -7.526  2.926   -16.673 1.00 19.85 ? 10  VAL A CG1 1 
ATOM   77   C  CG2 . VAL A 1 10  ? -5.251  3.931   -16.256 1.00 19.31 ? 10  VAL A CG2 1 
ATOM   78   N  N   . LEU A 1 11  ? -6.909  -0.549  -15.889 1.00 20.97 ? 11  LEU A N   1 
ATOM   79   C  CA  . LEU A 1 11  ? -7.812  -1.634  -16.251 1.00 22.12 ? 11  LEU A CA  1 
ATOM   80   C  C   . LEU A 1 11  ? -9.230  -1.138  -16.430 1.00 22.25 ? 11  LEU A C   1 
ATOM   81   O  O   . LEU A 1 11  ? -9.915  -1.544  -17.365 1.00 22.12 ? 11  LEU A O   1 
ATOM   82   C  CB  . LEU A 1 11  ? -7.803  -2.737  -15.189 1.00 22.32 ? 11  LEU A CB  1 
ATOM   83   C  CG  . LEU A 1 11  ? -6.746  -3.829  -15.271 1.00 23.99 ? 11  LEU A CG  1 
ATOM   84   C  CD1 . LEU A 1 11  ? -7.021  -4.865  -14.182 1.00 24.99 ? 11  LEU A CD1 1 
ATOM   85   C  CD2 . LEU A 1 11  ? -6.735  -4.498  -16.661 1.00 26.22 ? 11  LEU A CD2 1 
ATOM   86   N  N   . GLU A 1 12  ? -9.668  -0.273  -15.519 1.00 22.79 ? 12  GLU A N   1 
ATOM   87   C  CA  . GLU A 1 12  ? -10.983 0.363   -15.595 1.00 23.09 ? 12  GLU A CA  1 
ATOM   88   C  C   . GLU A 1 12  ? -10.866 1.829   -15.219 1.00 23.32 ? 12  GLU A C   1 
ATOM   89   O  O   . GLU A 1 12  ? -10.058 2.203   -14.362 1.00 22.19 ? 12  GLU A O   1 
ATOM   90   C  CB  . GLU A 1 12  ? -11.987 -0.320  -14.661 1.00 23.75 ? 12  GLU A CB  1 
ATOM   91   C  CG  . GLU A 1 12  ? -12.283 -1.787  -14.997 1.00 26.02 ? 12  GLU A CG  1 
ATOM   92   C  CD  . GLU A 1 12  ? -13.047 -2.532  -13.898 1.00 28.83 ? 12  GLU A CD  1 
ATOM   93   O  OE1 . GLU A 1 12  ? -13.444 -1.905  -12.888 1.00 29.37 ? 12  GLU A OE1 1 
ATOM   94   O  OE2 . GLU A 1 12  ? -13.246 -3.760  -14.047 1.00 30.42 ? 12  GLU A OE2 1 
ATOM   95   N  N   . CYS A 1 13  ? -11.674 2.659   -15.873 1.00 23.08 ? 13  CYS A N   1 
ATOM   96   C  CA  . CYS A 1 13  ? -11.800 4.059   -15.508 1.00 23.96 ? 13  CYS A CA  1 
ATOM   97   C  C   . CYS A 1 13  ? -13.280 4.378   -15.384 1.00 23.81 ? 13  CYS A C   1 
ATOM   98   O  O   . CYS A 1 13  ? -14.021 4.283   -16.364 1.00 23.49 ? 13  CYS A O   1 
ATOM   99   C  CB  . CYS A 1 13  ? -11.146 4.949   -16.564 1.00 23.84 ? 13  CYS A CB  1 
ATOM   100  S  SG  . CYS A 1 13  ? -11.090 6.687   -16.085 1.00 27.55 ? 13  CYS A SG  1 
ATOM   101  N  N   . GLY A 1 14  ? -13.712 4.732   -14.176 1.00 23.84 ? 14  GLY A N   1 
ATOM   102  C  CA  . GLY A 1 14  ? -15.129 4.983   -13.920 1.00 23.92 ? 14  GLY A CA  1 
ATOM   103  C  C   . GLY A 1 14  ? -15.629 6.246   -14.589 1.00 23.85 ? 14  GLY A C   1 
ATOM   104  O  O   . GLY A 1 14  ? -14.841 7.059   -15.080 1.00 23.90 ? 14  GLY A O   1 
ATOM   105  N  N   . ALA A 1 15  ? -16.947 6.409   -14.615 1.00 24.08 ? 15  ALA A N   1 
ATOM   106  C  CA  . ALA A 1 15  ? -17.557 7.670   -15.018 1.00 24.34 ? 15  ALA A CA  1 
ATOM   107  C  C   . ALA A 1 15  ? -17.369 8.659   -13.868 1.00 24.48 ? 15  ALA A C   1 
ATOM   108  O  O   . ALA A 1 15  ? -17.109 8.250   -12.726 1.00 23.87 ? 15  ALA A O   1 
ATOM   109  C  CB  . ALA A 1 15  ? -19.044 7.469   -15.336 1.00 24.35 ? 15  ALA A CB  1 
HETATM 110  N  N   . MSE A 1 16  ? -17.472 9.953   -14.163 1.00 24.97 ? 16  MSE A N   1 
HETATM 111  C  CA  . MSE A 1 16  ? -17.295 10.964  -13.122 1.00 25.14 ? 16  MSE A CA  1 
HETATM 112  C  C   . MSE A 1 16  ? -18.358 10.795  -12.040 1.00 24.51 ? 16  MSE A C   1 
HETATM 113  O  O   . MSE A 1 16  ? -19.549 10.678  -12.337 1.00 24.71 ? 16  MSE A O   1 
HETATM 114  C  CB  . MSE A 1 16  ? -17.335 12.379  -13.694 1.00 26.26 ? 16  MSE A CB  1 
HETATM 115  C  CG  . MSE A 1 16  ? -17.036 13.459  -12.653 1.00 28.78 ? 16  MSE A CG  1 
HETATM 116  SE SE  . MSE A 1 16  ? -15.286 13.173  -11.845 1.00 38.00 ? 16  MSE A SE  1 
HETATM 117  C  CE  . MSE A 1 16  ? -14.227 13.972  -13.274 1.00 34.14 ? 16  MSE A CE  1 
ATOM   118  N  N   . ARG A 1 17  ? -17.904 10.757  -10.790 1.00 23.20 ? 17  ARG A N   1 
ATOM   119  C  CA  . ARG A 1 17  ? -18.780 10.629  -9.632  1.00 22.06 ? 17  ARG A CA  1 
ATOM   120  C  C   . ARG A 1 17  ? -18.525 11.826  -8.709  1.00 20.89 ? 17  ARG A C   1 
ATOM   121  O  O   . ARG A 1 17  ? -17.810 12.747  -9.089  1.00 20.19 ? 17  ARG A O   1 
ATOM   122  C  CB  . ARG A 1 17  ? -18.531 9.285   -8.931  1.00 22.53 ? 17  ARG A CB  1 
ATOM   123  C  CG  . ARG A 1 17  ? -19.102 8.079   -9.703  1.00 22.88 ? 17  ARG A CG  1 
ATOM   124  C  CD  . ARG A 1 17  ? -18.953 6.761   -8.930  1.00 24.50 ? 17  ARG A CD  1 
ATOM   125  N  NE  . ARG A 1 17  ? -19.727 6.756   -7.692  1.00 24.88 ? 17  ARG A NE  1 
ATOM   126  C  CZ  . ARG A 1 17  ? -19.679 5.804   -6.766  1.00 26.14 ? 17  ARG A CZ  1 
ATOM   127  N  NH1 . ARG A 1 17  ? -18.895 4.743   -6.918  1.00 26.59 ? 17  ARG A NH1 1 
ATOM   128  N  NH2 . ARG A 1 17  ? -20.421 5.912   -5.676  1.00 26.87 ? 17  ARG A NH2 1 
ATOM   129  N  N   . HIS A 1 18  ? -19.134 11.827  -7.527  1.00 20.29 ? 18  HIS A N   1 
ATOM   130  C  CA  . HIS A 1 18  ? -18.949 12.902  -6.551  1.00 19.34 ? 18  HIS A CA  1 
ATOM   131  C  C   . HIS A 1 18  ? -18.951 12.360  -5.120  1.00 19.21 ? 18  HIS A C   1 
ATOM   132  O  O   . HIS A 1 18  ? -19.549 11.314  -4.843  1.00 19.48 ? 18  HIS A O   1 
ATOM   133  C  CB  . HIS A 1 18  ? -20.025 13.997  -6.699  1.00 19.67 ? 18  HIS A CB  1 
ATOM   134  C  CG  . HIS A 1 18  ? -19.974 14.726  -8.005  1.00 19.78 ? 18  HIS A CG  1 
ATOM   135  N  ND1 . HIS A 1 18  ? -20.712 14.338  -9.103  1.00 19.44 ? 18  HIS A ND1 1 
ATOM   136  C  CD2 . HIS A 1 18  ? -19.272 15.821  -8.391  1.00 20.43 ? 18  HIS A CD2 1 
ATOM   137  C  CE1 . HIS A 1 18  ? -20.460 15.155  -10.110 1.00 19.32 ? 18  HIS A CE1 1 
ATOM   138  N  NE2 . HIS A 1 18  ? -19.591 16.064  -9.705  1.00 19.64 ? 18  HIS A NE2 1 
ATOM   139  N  N   . THR A 1 19  ? -18.268 13.071  -4.222  1.00 18.01 ? 19  THR A N   1 
ATOM   140  C  CA  . THR A 1 19  ? -18.345 12.782  -2.790  1.00 16.91 ? 19  THR A CA  1 
ATOM   141  C  C   . THR A 1 19  ? -19.688 13.277  -2.257  1.00 16.60 ? 19  THR A C   1 
ATOM   142  O  O   . THR A 1 19  ? -20.324 14.133  -2.895  1.00 17.03 ? 19  THR A O   1 
ATOM   143  C  CB  . THR A 1 19  ? -17.243 13.494  -2.016  1.00 17.06 ? 19  THR A CB  1 
ATOM   144  O  OG1 . THR A 1 19  ? -17.456 14.917  -2.094  1.00 13.82 ? 19  THR A OG1 1 
ATOM   145  C  CG2 . THR A 1 19  ? -15.887 13.123  -2.572  1.00 15.75 ? 19  THR A CG2 1 
ATOM   146  N  N   . PRO A 1 20  ? -20.124 12.771  -1.081  1.00 16.00 ? 20  PRO A N   1 
ATOM   147  C  CA  . PRO A 1 20  ? -21.353 13.315  -0.501  1.00 15.91 ? 20  PRO A CA  1 
ATOM   148  C  C   . PRO A 1 20  ? -21.341 14.850  -0.382  1.00 15.22 ? 20  PRO A C   1 
ATOM   149  O  O   . PRO A 1 20  ? -22.401 15.467  -0.379  1.00 14.87 ? 20  PRO A O   1 
ATOM   150  C  CB  . PRO A 1 20  ? -21.404 12.661  0.884   1.00 15.70 ? 20  PRO A CB  1 
ATOM   151  C  CG  . PRO A 1 20  ? -20.700 11.367  0.690   1.00 16.37 ? 20  PRO A CG  1 
ATOM   152  C  CD  . PRO A 1 20  ? -19.569 11.682  -0.256  1.00 16.23 ? 20  PRO A CD  1 
ATOM   153  N  N   . ALA A 1 21  ? -20.149 15.444  -0.300  1.00 14.68 ? 21  ALA A N   1 
ATOM   154  C  CA  . ALA A 1 21  ? -20.012 16.899  -0.149  1.00 14.73 ? 21  ALA A CA  1 
ATOM   155  C  C   . ALA A 1 21  ? -19.980 17.645  -1.489  1.00 14.27 ? 21  ALA A C   1 
ATOM   156  O  O   . ALA A 1 21  ? -19.805 18.859  -1.518  1.00 13.23 ? 21  ALA A O   1 
ATOM   157  C  CB  . ALA A 1 21  ? -18.786 17.241  0.680   1.00 14.98 ? 21  ALA A CB  1 
ATOM   158  N  N   . GLY A 1 22  ? -20.137 16.905  -2.581  1.00 14.24 ? 22  GLY A N   1 
ATOM   159  C  CA  . GLY A 1 22  ? -20.229 17.497  -3.922  1.00 14.30 ? 22  GLY A CA  1 
ATOM   160  C  C   . GLY A 1 22  ? -18.907 17.653  -4.667  1.00 14.12 ? 22  GLY A C   1 
ATOM   161  O  O   . GLY A 1 22  ? -18.867 18.285  -5.718  1.00 13.60 ? 22  GLY A O   1 
ATOM   162  N  N   . LEU A 1 23  ? -17.826 17.097  -4.124  1.00 14.00 ? 23  LEU A N   1 
ATOM   163  C  CA  . LEU A 1 23  ? -16.521 17.151  -4.787  1.00 14.79 ? 23  LEU A CA  1 
ATOM   164  C  C   . LEU A 1 23  ? -16.382 16.087  -5.883  1.00 14.91 ? 23  LEU A C   1 
ATOM   165  O  O   . LEU A 1 23  ? -16.791 14.948  -5.676  1.00 15.23 ? 23  LEU A O   1 
ATOM   166  C  CB  . LEU A 1 23  ? -15.401 16.982  -3.754  1.00 15.26 ? 23  LEU A CB  1 
ATOM   167  C  CG  . LEU A 1 23  ? -14.031 17.572  -4.093  1.00 16.57 ? 23  LEU A CG  1 
ATOM   168  C  CD1 . LEU A 1 23  ? -14.103 19.113  -4.172  1.00 16.06 ? 23  LEU A CD1 1 
ATOM   169  C  CD2 . LEU A 1 23  ? -13.006 17.141  -3.051  1.00 18.61 ? 23  LEU A CD2 1 
ATOM   170  N  N   . PRO A 1 24  ? -15.822 16.453  -7.060  1.00 15.25 ? 24  PRO A N   1 
ATOM   171  C  CA  . PRO A 1 24  ? -15.569 15.452  -8.096  1.00 15.80 ? 24  PRO A CA  1 
ATOM   172  C  C   . PRO A 1 24  ? -14.831 14.227  -7.551  1.00 16.48 ? 24  PRO A C   1 
ATOM   173  O  O   . PRO A 1 24  ? -13.913 14.368  -6.748  1.00 16.55 ? 24  PRO A O   1 
ATOM   174  C  CB  . PRO A 1 24  ? -14.677 16.196  -9.094  1.00 15.69 ? 24  PRO A CB  1 
ATOM   175  C  CG  . PRO A 1 24  ? -15.080 17.630  -8.958  1.00 15.85 ? 24  PRO A CG  1 
ATOM   176  C  CD  . PRO A 1 24  ? -15.440 17.811  -7.501  1.00 14.77 ? 24  PRO A CD  1 
ATOM   177  N  N   . ALA A 1 25  ? -15.254 13.039  -7.972  1.00 17.71 ? 25  ALA A N   1 
ATOM   178  C  CA  . ALA A 1 25  ? -14.611 11.794  -7.549  1.00 18.79 ? 25  ALA A CA  1 
ATOM   179  C  C   . ALA A 1 25  ? -14.578 10.806  -8.711  1.00 19.93 ? 25  ALA A C   1 
ATOM   180  O  O   . ALA A 1 25  ? -15.543 10.691  -9.463  1.00 20.36 ? 25  ALA A O   1 
ATOM   181  C  CB  . ALA A 1 25  ? -15.333 11.181  -6.325  1.00 18.97 ? 25  ALA A CB  1 
ATOM   182  N  N   . LEU A 1 26  ? -13.453 10.124  -8.871  1.00 20.39 ? 26  LEU A N   1 
ATOM   183  C  CA  . LEU A 1 26  ? -13.266 9.205   -9.975  1.00 21.25 ? 26  LEU A CA  1 
ATOM   184  C  C   . LEU A 1 26  ? -12.548 7.964   -9.492  1.00 21.70 ? 26  LEU A C   1 
ATOM   185  O  O   . LEU A 1 26  ? -11.477 8.063   -8.912  1.00 21.50 ? 26  LEU A O   1 
ATOM   186  C  CB  . LEU A 1 26  ? -12.447 9.860   -11.088 1.00 21.01 ? 26  LEU A CB  1 
ATOM   187  C  CG  . LEU A 1 26  ? -12.168 8.973   -12.308 1.00 23.15 ? 26  LEU A CG  1 
ATOM   188  C  CD1 . LEU A 1 26  ? -13.428 8.760   -13.117 1.00 23.69 ? 26  LEU A CD1 1 
ATOM   189  C  CD2 . LEU A 1 26  ? -11.107 9.623   -13.160 1.00 24.38 ? 26  LEU A CD2 1 
ATOM   190  N  N   . GLU A 1 27  ? -13.146 6.804   -9.754  1.00 22.49 ? 27  GLU A N   1 
ATOM   191  C  CA  . GLU A 1 27  ? -12.553 5.517   -9.413  1.00 23.58 ? 27  GLU A CA  1 
ATOM   192  C  C   . GLU A 1 27  ? -11.838 4.907   -10.607 1.00 23.14 ? 27  GLU A C   1 
ATOM   193  O  O   . GLU A 1 27  ? -12.374 4.894   -11.718 1.00 22.46 ? 27  GLU A O   1 
ATOM   194  C  CB  . GLU A 1 27  ? -13.639 4.550   -8.957  1.00 23.90 ? 27  GLU A CB  1 
ATOM   195  C  CG  . GLU A 1 27  ? -14.098 4.757   -7.544  1.00 28.68 ? 27  GLU A CG  1 
ATOM   196  C  CD  . GLU A 1 27  ? -14.590 3.480   -6.903  1.00 32.10 ? 27  GLU A CD  1 
ATOM   197  O  OE1 . GLU A 1 27  ? -15.752 3.084   -7.150  1.00 36.43 ? 27  GLU A OE1 1 
ATOM   198  O  OE2 . GLU A 1 27  ? -13.808 2.877   -6.150  1.00 34.72 ? 27  GLU A OE2 1 
ATOM   199  N  N   . LEU A 1 28  ? -10.631 4.398   -10.370 1.00 23.03 ? 28  LEU A N   1 
ATOM   200  C  CA  . LEU A 1 28  ? -9.914  3.596   -11.371 1.00 22.88 ? 28  LEU A CA  1 
ATOM   201  C  C   . LEU A 1 28  ? -9.542  2.223   -10.807 1.00 22.29 ? 28  LEU A C   1 
ATOM   202  O  O   . LEU A 1 28  ? -9.330  2.091   -9.599  1.00 22.91 ? 28  LEU A O   1 
ATOM   203  C  CB  . LEU A 1 28  ? -8.660  4.335   -11.875 1.00 22.99 ? 28  LEU A CB  1 
ATOM   204  C  CG  . LEU A 1 28  ? -8.893  5.755   -12.421 1.00 23.78 ? 28  LEU A CG  1 
ATOM   205  C  CD1 . LEU A 1 28  ? -8.786  6.780   -11.268 1.00 25.21 ? 28  LEU A CD1 1 
ATOM   206  C  CD2 . LEU A 1 28  ? -7.929  6.107   -13.553 1.00 25.27 ? 28  LEU A CD2 1 
ATOM   207  N  N   . LEU A 1 29  ? -9.511  1.201   -11.668 1.00 21.22 ? 29  LEU A N   1 
ATOM   208  C  CA  . LEU A 1 29  ? -8.912  -0.101  -11.310 1.00 20.82 ? 29  LEU A CA  1 
ATOM   209  C  C   . LEU A 1 29  ? -7.535  -0.205  -11.965 1.00 20.60 ? 29  LEU A C   1 
ATOM   210  O  O   . LEU A 1 29  ? -7.417  -0.106  -13.197 1.00 19.62 ? 29  LEU A O   1 
ATOM   211  C  CB  . LEU A 1 29  ? -9.806  -1.272  -11.750 1.00 20.88 ? 29  LEU A CB  1 
ATOM   212  C  CG  . LEU A 1 29  ? -9.477  -2.678  -11.229 1.00 22.00 ? 29  LEU A CG  1 
ATOM   213  C  CD1 . LEU A 1 29  ? -9.468  -2.721  -9.698  1.00 23.18 ? 29  LEU A CD1 1 
ATOM   214  C  CD2 . LEU A 1 29  ? -10.463 -3.693  -11.792 1.00 22.09 ? 29  LEU A CD2 1 
ATOM   215  N  N   . LEU A 1 30  ? -6.503  -0.391  -11.143 1.00 20.35 ? 30  LEU A N   1 
ATOM   216  C  CA  . LEU A 1 30  ? -5.124  -0.383  -11.613 1.00 20.24 ? 30  LEU A CA  1 
ATOM   217  C  C   . LEU A 1 30  ? -4.473  -1.756  -11.448 1.00 20.24 ? 30  LEU A C   1 
ATOM   218  O  O   . LEU A 1 30  ? -4.719  -2.465  -10.459 1.00 19.89 ? 30  LEU A O   1 
ATOM   219  C  CB  . LEU A 1 30  ? -4.302  0.683   -10.874 1.00 20.37 ? 30  LEU A CB  1 
ATOM   220  C  CG  . LEU A 1 30  ? -4.827  2.128   -10.827 1.00 21.65 ? 30  LEU A CG  1 
ATOM   221  C  CD1 . LEU A 1 30  ? -3.995  2.987   -9.876  1.00 22.37 ? 30  LEU A CD1 1 
ATOM   222  C  CD2 . LEU A 1 30  ? -4.862  2.760   -12.204 1.00 21.02 ? 30  LEU A CD2 1 
ATOM   223  N  N   . VAL A 1 31  ? -3.662  -2.130  -12.428 1.00 19.37 ? 31  VAL A N   1 
ATOM   224  C  CA  . VAL A 1 31  ? -2.865  -3.349  -12.347 1.00 19.87 ? 31  VAL A CA  1 
ATOM   225  C  C   . VAL A 1 31  ? -1.364  -3.026  -12.408 1.00 20.26 ? 31  VAL A C   1 
ATOM   226  O  O   . VAL A 1 31  ? -0.900  -2.260  -13.256 1.00 19.80 ? 31  VAL A O   1 
ATOM   227  C  CB  . VAL A 1 31  ? -3.286  -4.405  -13.410 1.00 20.10 ? 31  VAL A CB  1 
ATOM   228  C  CG1 . VAL A 1 31  ? -3.043  -3.886  -14.821 1.00 20.15 ? 31  VAL A CG1 1 
ATOM   229  C  CG2 . VAL A 1 31  ? -2.558  -5.743  -13.191 1.00 20.77 ? 31  VAL A CG2 1 
ATOM   230  N  N   . HIS A 1 32  ? -0.627  -3.596  -11.469 1.00 20.20 ? 32  HIS A N   1 
ATOM   231  C  CA  . HIS A 1 32  ? 0.807   -3.439  -11.404 1.00 20.75 ? 32  HIS A CA  1 
ATOM   232  C  C   . HIS A 1 32  ? 1.462   -4.791  -11.607 1.00 21.19 ? 32  HIS A C   1 
ATOM   233  O  O   . HIS A 1 32  ? 1.043   -5.775  -11.012 1.00 21.15 ? 32  HIS A O   1 
ATOM   234  C  CB  . HIS A 1 32  ? 1.219   -2.892  -10.034 1.00 20.25 ? 32  HIS A CB  1 
ATOM   235  C  CG  . HIS A 1 32  ? 2.681   -3.040  -9.750  1.00 19.79 ? 32  HIS A CG  1 
ATOM   236  N  ND1 . HIS A 1 32  ? 3.606   -2.083  -10.107 1.00 18.20 ? 32  HIS A ND1 1 
ATOM   237  C  CD2 . HIS A 1 32  ? 3.379   -4.044  -9.165  1.00 19.27 ? 32  HIS A CD2 1 
ATOM   238  C  CE1 . HIS A 1 32  ? 4.811   -2.489  -9.752  1.00 18.20 ? 32  HIS A CE1 1 
ATOM   239  N  NE2 . HIS A 1 32  ? 4.701   -3.670  -9.172  1.00 19.84 ? 32  HIS A NE2 1 
ATOM   240  N  N   . GLU A 1 33  ? 2.490   -4.829  -12.449 1.00 22.59 ? 33  GLU A N   1 
ATOM   241  C  CA  . GLU A 1 33  ? 3.286   -6.030  -12.666 1.00 24.01 ? 33  GLU A CA  1 
ATOM   242  C  C   . GLU A 1 33  ? 4.747   -5.605  -12.678 1.00 24.24 ? 33  GLU A C   1 
ATOM   243  O  O   . GLU A 1 33  ? 5.108   -4.675  -13.388 1.00 23.93 ? 33  GLU A O   1 
ATOM   244  C  CB  . GLU A 1 33  ? 2.923   -6.691  -14.003 1.00 24.86 ? 33  GLU A CB  1 
ATOM   245  C  CG  . GLU A 1 33  ? 1.526   -7.301  -14.026 1.00 28.37 ? 33  GLU A CG  1 
ATOM   246  C  CD  . GLU A 1 33  ? 0.979   -7.508  -15.428 1.00 33.37 ? 33  GLU A CD  1 
ATOM   247  O  OE1 . GLU A 1 33  ? 1.768   -7.751  -16.373 1.00 36.19 ? 33  GLU A OE1 1 
ATOM   248  O  OE2 . GLU A 1 33  ? -0.261  -7.431  -15.587 1.00 36.03 ? 33  GLU A OE2 1 
ATOM   249  N  N   . SER A 1 34  ? 5.576   -6.269  -11.874 1.00 24.81 ? 34  SER A N   1 
ATOM   250  C  CA  . SER A 1 34  ? 7.011   -5.981  -11.841 1.00 25.95 ? 34  SER A CA  1 
ATOM   251  C  C   . SER A 1 34  ? 7.773   -7.086  -11.134 1.00 27.06 ? 34  SER A C   1 
ATOM   252  O  O   . SER A 1 34  ? 7.173   -7.983  -10.544 1.00 26.99 ? 34  SER A O   1 
ATOM   253  C  CB  . SER A 1 34  ? 7.294   -4.645  -11.146 1.00 25.69 ? 34  SER A CB  1 
ATOM   254  O  OG  . SER A 1 34  ? 7.211   -4.763  -9.724  1.00 25.48 ? 34  SER A OG  1 
ATOM   255  N  N   . GLU A 1 35  ? 9.098   -7.018  -11.218 1.00 28.41 ? 35  GLU A N   1 
ATOM   256  C  CA  . GLU A 1 35  ? 9.957   -7.851  -10.394 1.00 29.84 ? 35  GLU A CA  1 
ATOM   257  C  C   . GLU A 1 35  ? 10.621  -6.958  -9.347  1.00 30.32 ? 35  GLU A C   1 
ATOM   258  O  O   . GLU A 1 35  ? 11.160  -5.891  -9.660  1.00 30.57 ? 35  GLU A O   1 
ATOM   259  C  CB  . GLU A 1 35  ? 10.978  -8.634  -11.242 1.00 30.39 ? 35  GLU A CB  1 
ATOM   260  C  CG  . GLU A 1 35  ? 12.454  -8.249  -11.047 1.00 32.25 ? 35  GLU A CG  1 
ATOM   261  C  CD  . GLU A 1 35  ? 13.383  -8.891  -12.062 1.00 35.00 ? 35  GLU A CD  1 
ATOM   262  O  OE1 . GLU A 1 35  ? 13.117  -10.035 -12.505 1.00 35.99 ? 35  GLU A OE1 1 
ATOM   263  O  OE2 . GLU A 1 35  ? 14.394  -8.247  -12.412 1.00 36.30 ? 35  GLU A OE2 1 
ATOM   264  N  N   . VAL A 1 36  ? 10.544  -7.392  -8.096  1.00 30.52 ? 36  VAL A N   1 
ATOM   265  C  CA  . VAL A 1 36  ? 11.129  -6.665  -6.974  1.00 30.56 ? 36  VAL A CA  1 
ATOM   266  C  C   . VAL A 1 36  ? 12.193  -7.544  -6.329  1.00 30.73 ? 36  VAL A C   1 
ATOM   267  O  O   . VAL A 1 36  ? 12.379  -8.690  -6.741  1.00 30.67 ? 36  VAL A O   1 
ATOM   268  C  CB  . VAL A 1 36  ? 10.056  -6.286  -5.932  1.00 30.51 ? 36  VAL A CB  1 
ATOM   269  C  CG1 . VAL A 1 36  ? 9.163   -5.170  -6.462  1.00 30.23 ? 36  VAL A CG1 1 
ATOM   270  C  CG2 . VAL A 1 36  ? 9.216   -7.509  -5.575  1.00 30.81 ? 36  VAL A CG2 1 
ATOM   271  N  N   . VAL A 1 37  ? 12.894  -7.000  -5.337  1.00 30.80 ? 37  VAL A N   1 
ATOM   272  C  CA  . VAL A 1 37  ? 13.884  -7.769  -4.585  1.00 30.87 ? 37  VAL A CA  1 
ATOM   273  C  C   . VAL A 1 37  ? 13.398  -7.995  -3.154  1.00 30.52 ? 37  VAL A C   1 
ATOM   274  O  O   . VAL A 1 37  ? 12.998  -7.056  -2.461  1.00 30.76 ? 37  VAL A O   1 
ATOM   275  C  CB  . VAL A 1 37  ? 15.324  -7.142  -4.668  1.00 31.35 ? 37  VAL A CB  1 
ATOM   276  C  CG1 . VAL A 1 37  ? 15.288  -5.621  -4.501  1.00 31.77 ? 37  VAL A CG1 1 
ATOM   277  C  CG2 . VAL A 1 37  ? 16.285  -7.797  -3.666  1.00 31.26 ? 37  VAL A CG2 1 
ATOM   278  N  N   . GLU A 1 38  ? 13.372  -9.262  -2.751  1.00 30.12 ? 38  GLU A N   1 
ATOM   279  C  CA  . GLU A 1 38  ? 12.979  -9.648  -1.399  1.00 29.55 ? 38  GLU A CA  1 
ATOM   280  C  C   . GLU A 1 38  ? 13.983  -10.651 -0.815  1.00 29.62 ? 38  GLU A C   1 
ATOM   281  O  O   . GLU A 1 38  ? 14.204  -11.719 -1.395  1.00 29.44 ? 38  GLU A O   1 
ATOM   282  C  CB  . GLU A 1 38  ? 11.564  -10.235 -1.400  1.00 29.53 ? 38  GLU A CB  1 
ATOM   283  C  CG  . GLU A 1 38  ? 10.977  -10.407 -0.003  1.00 29.03 ? 38  GLU A CG  1 
ATOM   284  C  CD  . GLU A 1 38  ? 9.593   -11.030 0.003   1.00 29.38 ? 38  GLU A CD  1 
ATOM   285  O  OE1 . GLU A 1 38  ? 9.252   -11.785 -0.937  1.00 26.76 ? 38  GLU A OE1 1 
ATOM   286  O  OE2 . GLU A 1 38  ? 8.855   -10.783 0.980   1.00 29.04 ? 38  GLU A OE2 1 
ATOM   287  N  N   . ALA A 1 39  ? 14.569  -10.299 0.334   1.00 29.57 ? 39  ALA A N   1 
ATOM   288  C  CA  . ALA A 1 39  ? 15.603  -11.107 1.013   1.00 29.55 ? 39  ALA A CA  1 
ATOM   289  C  C   . ALA A 1 39  ? 16.711  -11.596 0.080   1.00 29.70 ? 39  ALA A C   1 
ATOM   290  O  O   . ALA A 1 39  ? 16.953  -12.803 -0.049  1.00 29.46 ? 39  ALA A O   1 
ATOM   291  C  CB  . ALA A 1 39  ? 14.981  -12.277 1.777   1.00 29.41 ? 39  ALA A CB  1 
ATOM   292  N  N   . GLY A 1 40  ? 17.380  -10.641 -0.565  1.00 29.81 ? 40  GLY A N   1 
ATOM   293  C  CA  . GLY A 1 40  ? 18.544  -10.928 -1.392  1.00 29.94 ? 40  GLY A CA  1 
ATOM   294  C  C   . GLY A 1 40  ? 18.214  -11.055 -2.867  1.00 30.28 ? 40  GLY A C   1 
ATOM   295  O  O   . GLY A 1 40  ? 19.036  -11.532 -3.652  1.00 30.46 ? 40  GLY A O   1 
ATOM   296  N  N   . ARG A 1 43  ? 11.820  -12.022 -7.253  1.00 36.71 ? 43  ARG A N   1 
ATOM   297  C  CA  . ARG A 1 43  ? 10.391  -12.238 -7.078  1.00 36.42 ? 43  ARG A CA  1 
ATOM   298  C  C   . ARG A 1 43  ? 9.619   -11.333 -8.025  1.00 36.23 ? 43  ARG A C   1 
ATOM   299  O  O   . ARG A 1 43  ? 9.946   -10.153 -8.177  1.00 36.38 ? 43  ARG A O   1 
ATOM   300  C  CB  . ARG A 1 43  ? 9.971   -11.930 -5.636  1.00 36.71 ? 43  ARG A CB  1 
ATOM   301  C  CG  . ARG A 1 43  ? 8.579   -12.451 -5.248  1.00 37.58 ? 43  ARG A CG  1 
ATOM   302  C  CD  . ARG A 1 43  ? 7.786   -11.395 -4.501  1.00 38.27 ? 43  ARG A CD  1 
ATOM   303  N  NE  . ARG A 1 43  ? 6.789   -11.964 -3.591  1.00 38.75 ? 43  ARG A NE  1 
ATOM   304  C  CZ  . ARG A 1 43  ? 5.496   -12.120 -3.874  1.00 40.19 ? 43  ARG A CZ  1 
ATOM   305  N  NH1 . ARG A 1 43  ? 4.679   -12.647 -2.965  1.00 39.62 ? 43  ARG A NH1 1 
ATOM   306  N  NH2 . ARG A 1 43  ? 5.011   -11.755 -5.059  1.00 39.86 ? 43  ARG A NH2 1 
ATOM   307  N  N   . ARG A 1 44  ? 8.589   -11.880 -8.660  1.00 35.63 ? 44  ARG A N   1 
ATOM   308  C  CA  . ARG A 1 44  ? 7.659   -11.038 -9.400  1.00 35.02 ? 44  ARG A CA  1 
ATOM   309  C  C   . ARG A 1 44  ? 6.414   -10.751 -8.575  1.00 33.90 ? 44  ARG A C   1 
ATOM   310  O  O   . ARG A 1 44  ? 5.966   -11.587 -7.784  1.00 33.97 ? 44  ARG A O   1 
ATOM   311  C  CB  . ARG A 1 44  ? 7.308   -11.623 -10.772 1.00 35.34 ? 44  ARG A CB  1 
ATOM   312  C  CG  . ARG A 1 44  ? 6.550   -12.941 -10.748 1.00 36.85 ? 44  ARG A CG  1 
ATOM   313  C  CD  . ARG A 1 44  ? 6.069   -13.319 -12.149 1.00 38.90 ? 44  ARG A CD  1 
ATOM   314  N  NE  . ARG A 1 44  ? 7.180   -13.492 -13.085 1.00 40.38 ? 44  ARG A NE  1 
ATOM   315  C  CZ  . ARG A 1 44  ? 7.880   -14.616 -13.231 1.00 41.41 ? 44  ARG A CZ  1 
ATOM   316  N  NH1 . ARG A 1 44  ? 7.597   -15.687 -12.498 1.00 42.14 ? 44  ARG A NH1 1 
ATOM   317  N  NH2 . ARG A 1 44  ? 8.870   -14.668 -14.112 1.00 41.61 ? 44  ARG A NH2 1 
ATOM   318  N  N   . VAL A 1 45  ? 5.862   -9.561  -8.766  1.00 32.35 ? 45  VAL A N   1 
ATOM   319  C  CA  . VAL A 1 45  ? 4.627   -9.174  -8.112  1.00 31.19 ? 45  VAL A CA  1 
ATOM   320  C  C   . VAL A 1 45  ? 3.602   -8.774  -9.170  1.00 30.60 ? 45  VAL A C   1 
ATOM   321  O  O   . VAL A 1 45  ? 3.926   -8.053  -10.113 1.00 30.05 ? 45  VAL A O   1 
ATOM   322  C  CB  . VAL A 1 45  ? 4.856   -8.047  -7.047  1.00 31.28 ? 45  VAL A CB  1 
ATOM   323  C  CG1 . VAL A 1 45  ? 5.787   -6.950  -7.574  1.00 31.20 ? 45  VAL A CG1 1 
ATOM   324  C  CG2 . VAL A 1 45  ? 3.526   -7.449  -6.573  1.00 31.32 ? 45  VAL A CG2 1 
ATOM   325  N  N   . GLU A 1 46  ? 2.384   -9.297  -9.033  1.00 29.87 ? 46  GLU A N   1 
ATOM   326  C  CA  . GLU A 1 46  ? 1.239   -8.785  -9.772  1.00 29.50 ? 46  GLU A CA  1 
ATOM   327  C  C   . GLU A 1 46  ? 0.172   -8.325  -8.773  1.00 28.38 ? 46  GLU A C   1 
ATOM   328  O  O   . GLU A 1 46  ? -0.284  -9.107  -7.929  1.00 28.32 ? 46  GLU A O   1 
ATOM   329  C  CB  . GLU A 1 46  ? 0.688   -9.806  -10.780 1.00 29.78 ? 46  GLU A CB  1 
ATOM   330  C  CG  . GLU A 1 46  ? 0.119   -11.097 -10.195 1.00 33.06 ? 46  GLU A CG  1 
ATOM   331  C  CD  . GLU A 1 46  ? -0.413  -12.062 -11.259 1.00 37.53 ? 46  GLU A CD  1 
ATOM   332  O  OE1 . GLU A 1 46  ? 0.008   -11.956 -12.439 1.00 38.93 ? 46  GLU A OE1 1 
ATOM   333  O  OE2 . GLU A 1 46  ? -1.248  -12.935 -10.912 1.00 38.50 ? 46  GLU A OE2 1 
ATOM   334  N  N   . LEU A 1 47  ? -0.220  -7.060  -8.879  1.00 26.30 ? 47  LEU A N   1 
ATOM   335  C  CA  . LEU A 1 47  ? -1.106  -6.444  -7.905  1.00 24.96 ? 47  LEU A CA  1 
ATOM   336  C  C   . LEU A 1 47  ? -2.213  -5.681  -8.610  1.00 24.16 ? 47  LEU A C   1 
ATOM   337  O  O   . LEU A 1 47  ? -1.927  -4.805  -9.418  1.00 22.79 ? 47  LEU A O   1 
ATOM   338  C  CB  . LEU A 1 47  ? -0.310  -5.488  -7.003  1.00 24.81 ? 47  LEU A CB  1 
ATOM   339  C  CG  . LEU A 1 47  ? -1.088  -4.587  -6.021  1.00 25.90 ? 47  LEU A CG  1 
ATOM   340  C  CD1 . LEU A 1 47  ? -1.677  -5.385  -4.836  1.00 25.76 ? 47  LEU A CD1 1 
ATOM   341  C  CD2 . LEU A 1 47  ? -0.223  -3.425  -5.517  1.00 24.27 ? 47  LEU A CD2 1 
ATOM   342  N  N   . THR A 1 48  ? -3.464  -6.035  -8.314  1.00 23.02 ? 48  THR A N   1 
ATOM   343  C  CA  . THR A 1 48  ? -4.619  -5.262  -8.776  1.00 22.98 ? 48  THR A CA  1 
ATOM   344  C  C   . THR A 1 48  ? -5.128  -4.419  -7.616  1.00 22.39 ? 48  THR A C   1 
ATOM   345  O  O   . THR A 1 48  ? -5.290  -4.929  -6.493  1.00 22.40 ? 48  THR A O   1 
ATOM   346  C  CB  . THR A 1 48  ? -5.713  -6.188  -9.336  1.00 22.81 ? 48  THR A CB  1 
ATOM   347  O  OG1 . THR A 1 48  ? -5.178  -6.906  -10.449 1.00 23.63 ? 48  THR A OG1 1 
ATOM   348  C  CG2 . THR A 1 48  ? -6.926  -5.401  -9.814  1.00 23.81 ? 48  THR A CG2 1 
ATOM   349  N  N   . ILE A 1 49  ? -5.355  -3.128  -7.865  1.00 21.48 ? 49  ILE A N   1 
ATOM   350  C  CA  . ILE A 1 49  ? -5.739  -2.208  -6.790  1.00 21.05 ? 49  ILE A CA  1 
ATOM   351  C  C   . ILE A 1 49  ? -6.721  -1.122  -7.256  1.00 21.04 ? 49  ILE A C   1 
ATOM   352  O  O   . ILE A 1 49  ? -6.523  -0.497  -8.310  1.00 20.38 ? 49  ILE A O   1 
ATOM   353  C  CB  . ILE A 1 49  ? -4.478  -1.586  -6.083  1.00 21.15 ? 49  ILE A CB  1 
ATOM   354  C  CG1 . ILE A 1 49  ? -4.874  -0.791  -4.825  1.00 21.78 ? 49  ILE A CG1 1 
ATOM   355  C  CG2 . ILE A 1 49  ? -3.615  -0.742  -7.067  1.00 20.35 ? 49  ILE A CG2 1 
ATOM   356  C  CD1 . ILE A 1 49  ? -3.776  -0.602  -3.813  1.00 22.43 ? 49  ILE A CD1 1 
ATOM   357  N  N   . SER A 1 50  ? -7.784  -0.913  -6.478  1.00 21.15 ? 50  SER A N   1 
ATOM   358  C  CA  . SER A 1 50  ? -8.705  0.197   -6.729  1.00 21.34 ? 50  SER A CA  1 
ATOM   359  C  C   . SER A 1 50  ? -8.071  1.508   -6.306  1.00 21.17 ? 50  SER A C   1 
ATOM   360  O  O   . SER A 1 50  ? -7.375  1.591   -5.294  1.00 20.82 ? 50  SER A O   1 
ATOM   361  C  CB  . SER A 1 50  ? -10.035 0.031   -5.990  1.00 21.69 ? 50  SER A CB  1 
ATOM   362  O  OG  . SER A 1 50  ? -10.679 -1.165  -6.356  1.00 25.58 ? 50  SER A OG  1 
ATOM   363  N  N   . ALA A 1 51  ? -8.346  2.547   -7.075  1.00 20.46 ? 51  ALA A N   1 
ATOM   364  C  CA  . ALA A 1 51  ? -7.800  3.844   -6.784  1.00 20.39 ? 51  ALA A CA  1 
ATOM   365  C  C   . ALA A 1 51  ? -8.923  4.851   -6.925  1.00 20.26 ? 51  ALA A C   1 
ATOM   366  O  O   . ALA A 1 51  ? -9.897  4.605   -7.651  1.00 21.00 ? 51  ALA A O   1 
ATOM   367  C  CB  . ALA A 1 51  ? -6.642  4.151   -7.729  1.00 19.80 ? 51  ALA A CB  1 
ATOM   368  N  N   . VAL A 1 52  ? -8.814  5.940   -6.170  1.00 20.06 ? 52  VAL A N   1 
ATOM   369  C  CA  A VAL A 1 52  ? -9.774  7.036   -6.244  0.50 19.19 ? 52  VAL A CA  1 
ATOM   370  C  CA  B VAL A 1 52  ? -9.773  7.044   -6.223  0.50 19.27 ? 52  VAL A CA  1 
ATOM   371  C  C   . VAL A 1 52  ? -9.024  8.361   -6.244  1.00 18.94 ? 52  VAL A C   1 
ATOM   372  O  O   . VAL A 1 52  ? -8.100  8.548   -5.471  1.00 18.28 ? 52  VAL A O   1 
ATOM   373  C  CB  A VAL A 1 52  ? -10.824 6.991   -5.083  0.50 19.13 ? 52  VAL A CB  1 
ATOM   374  C  CB  B VAL A 1 52  ? -10.724 7.036   -4.998  0.50 19.18 ? 52  VAL A CB  1 
ATOM   375  C  CG1 A VAL A 1 52  ? -10.156 7.073   -3.712  0.50 18.12 ? 52  VAL A CG1 1 
ATOM   376  C  CG1 B VAL A 1 52  ? -11.393 8.390   -4.793  0.50 18.45 ? 52  VAL A CG1 1 
ATOM   377  C  CG2 A VAL A 1 52  ? -11.880 8.088   -5.243  0.50 18.62 ? 52  VAL A CG2 1 
ATOM   378  C  CG2 B VAL A 1 52  ? -11.769 5.987   -5.174  0.50 18.98 ? 52  VAL A CG2 1 
ATOM   379  N  N   . ALA A 1 53  ? -9.452  9.261   -7.128  1.00 18.91 ? 53  ALA A N   1 
ATOM   380  C  CA  . ALA A 1 53  ? -8.949  10.618  -7.198  1.00 19.11 ? 53  ALA A CA  1 
ATOM   381  C  C   . ALA A 1 53  ? -10.133 11.528  -6.877  1.00 19.47 ? 53  ALA A C   1 
ATOM   382  O  O   . ALA A 1 53  ? -11.244 11.285  -7.370  1.00 19.15 ? 53  ALA A O   1 
ATOM   383  C  CB  . ALA A 1 53  ? -8.434  10.910  -8.590  1.00 18.47 ? 53  ALA A CB  1 
ATOM   384  N  N   . LEU A 1 54  ? -9.883  12.550  -6.052  1.00 19.75 ? 54  LEU A N   1 
ATOM   385  C  CA  . LEU A 1 54  ? -10.859 13.596  -5.725  1.00 20.02 ? 54  LEU A CA  1 
ATOM   386  C  C   . LEU A 1 54  ? -10.402 14.961  -6.218  1.00 20.00 ? 54  LEU A C   1 
ATOM   387  O  O   . LEU A 1 54  ? -9.199  15.218  -6.362  1.00 20.50 ? 54  LEU A O   1 
ATOM   388  C  CB  . LEU A 1 54  ? -11.103 13.687  -4.205  1.00 20.36 ? 54  LEU A CB  1 
ATOM   389  C  CG  . LEU A 1 54  ? -11.609 12.509  -3.374  1.00 20.41 ? 54  LEU A CG  1 
ATOM   390  C  CD1 . LEU A 1 54  ? -11.967 12.993  -1.989  1.00 21.41 ? 54  LEU A CD1 1 
ATOM   391  C  CD2 . LEU A 1 54  ? -12.776 11.830  -4.000  1.00 22.24 ? 54  LEU A CD2 1 
ATOM   392  N  N   . GLY A 1 55  ? -11.368 15.841  -6.458  1.00 19.58 ? 55  GLY A N   1 
ATOM   393  C  CA  . GLY A 1 55  ? -11.090 17.224  -6.805  1.00 19.25 ? 55  GLY A CA  1 
ATOM   394  C  C   . GLY A 1 55  ? -10.514 17.382  -8.181  1.00 19.20 ? 55  GLY A C   1 
ATOM   395  O  O   . GLY A 1 55  ? -10.969 16.745  -9.139  1.00 19.77 ? 55  GLY A O   1 
ATOM   396  N  N   . ASP A 1 56  ? -9.496  18.224  -8.286  1.00 19.27 ? 56  ASP A N   1 
ATOM   397  C  CA  . ASP A 1 56  ? -8.913  18.575  -9.587  1.00 19.55 ? 56  ASP A CA  1 
ATOM   398  C  C   . ASP A 1 56  ? -8.276  17.375  -10.300 1.00 18.32 ? 56  ASP A C   1 
ATOM   399  O  O   . ASP A 1 56  ? -8.365  17.256  -11.520 1.00 18.30 ? 56  ASP A O   1 
ATOM   400  C  CB  . ASP A 1 56  ? -7.909  19.731  -9.432  1.00 19.93 ? 56  ASP A CB  1 
ATOM   401  C  CG  . ASP A 1 56  ? -8.593  21.086  -9.230  1.00 22.73 ? 56  ASP A CG  1 
ATOM   402  O  OD1 . ASP A 1 56  ? -9.845  21.143  -9.193  1.00 25.23 ? 56  ASP A OD1 1 
ATOM   403  O  OD2 . ASP A 1 56  ? -7.874  22.104  -9.116  1.00 25.23 ? 56  ASP A OD2 1 
ATOM   404  N  N   . LEU A 1 57  ? -7.664  16.476  -9.529  1.00 17.48 ? 57  LEU A N   1 
ATOM   405  C  CA  . LEU A 1 57  ? -7.036  15.278  -10.064 1.00 16.13 ? 57  LEU A CA  1 
ATOM   406  C  C   . LEU A 1 57  ? -8.070  14.326  -10.698 1.00 16.12 ? 57  LEU A C   1 
ATOM   407  O  O   . LEU A 1 57  ? -7.804  13.704  -11.717 1.00 14.49 ? 57  LEU A O   1 
ATOM   408  C  CB  . LEU A 1 57  ? -6.221  14.563  -8.971  1.00 15.76 ? 57  LEU A CB  1 
ATOM   409  C  CG  . LEU A 1 57  ? -5.309  13.408  -9.426  1.00 16.19 ? 57  LEU A CG  1 
ATOM   410  C  CD1 . LEU A 1 57  ? -4.375  13.789  -10.589 1.00 15.95 ? 57  LEU A CD1 1 
ATOM   411  C  CD2 . LEU A 1 57  ? -4.516  12.864  -8.242  1.00 15.65 ? 57  LEU A CD2 1 
ATOM   412  N  N   . ALA A 1 58  ? -9.254  14.237  -10.097 1.00 16.00 ? 58  ALA A N   1 
ATOM   413  C  CA  . ALA A 1 58  ? -10.346 13.482  -10.680 1.00 16.70 ? 58  ALA A CA  1 
ATOM   414  C  C   . ALA A 1 58  ? -10.716 14.063  -12.046 1.00 17.41 ? 58  ALA A C   1 
ATOM   415  O  O   . ALA A 1 58  ? -10.923 13.323  -12.998 1.00 17.17 ? 58  ALA A O   1 
ATOM   416  C  CB  . ALA A 1 58  ? -11.556 13.499  -9.757  1.00 16.88 ? 58  ALA A CB  1 
ATOM   417  N  N   . LEU A 1 59  ? -10.810 15.391  -12.125 1.00 18.97 ? 59  LEU A N   1 
ATOM   418  C  CA  . LEU A 1 59  ? -11.121 16.056  -13.379 1.00 20.11 ? 59  LEU A CA  1 
ATOM   419  C  C   . LEU A 1 59  ? -10.054 15.751  -14.442 1.00 20.84 ? 59  LEU A C   1 
ATOM   420  O  O   . LEU A 1 59  ? -10.395 15.437  -15.582 1.00 20.57 ? 59  LEU A O   1 
ATOM   421  C  CB  . LEU A 1 59  ? -11.301 17.566  -13.179 1.00 20.69 ? 59  LEU A CB  1 
ATOM   422  C  CG  . LEU A 1 59  ? -12.356 17.992  -12.147 1.00 21.33 ? 59  LEU A CG  1 
ATOM   423  C  CD1 . LEU A 1 59  ? -12.322 19.493  -11.927 1.00 22.94 ? 59  LEU A CD1 1 
ATOM   424  C  CD2 . LEU A 1 59  ? -13.757 17.534  -12.558 1.00 22.30 ? 59  LEU A CD2 1 
ATOM   425  N  N   . LEU A 1 60  ? -8.775  15.835  -14.062 1.00 21.73 ? 60  LEU A N   1 
ATOM   426  C  CA  . LEU A 1 60  ? -7.657  15.537  -14.980 1.00 22.69 ? 60  LEU A CA  1 
ATOM   427  C  C   . LEU A 1 60  ? -7.699  14.098  -15.489 1.00 22.68 ? 60  LEU A C   1 
ATOM   428  O  O   . LEU A 1 60  ? -7.497  13.853  -16.677 1.00 22.15 ? 60  LEU A O   1 
ATOM   429  C  CB  . LEU A 1 60  ? -6.303  15.839  -14.317 1.00 23.48 ? 60  LEU A CB  1 
ATOM   430  C  CG  . LEU A 1 60  ? -5.003  15.518  -15.092 1.00 25.51 ? 60  LEU A CG  1 
ATOM   431  C  CD1 . LEU A 1 60  ? -4.553  16.661  -15.991 1.00 26.93 ? 60  LEU A CD1 1 
ATOM   432  C  CD2 . LEU A 1 60  ? -3.870  15.127  -14.130 1.00 27.03 ? 60  LEU A CD2 1 
ATOM   433  N  N   . LEU A 1 61  ? -7.974  13.153  -14.590 1.00 22.25 ? 61  LEU A N   1 
ATOM   434  C  CA  . LEU A 1 61  ? -7.965  11.723  -14.932 1.00 22.20 ? 61  LEU A CA  1 
ATOM   435  C  C   . LEU A 1 61  ? -9.244  11.242  -15.613 1.00 22.22 ? 61  LEU A C   1 
ATOM   436  O  O   . LEU A 1 61  ? -9.352  10.067  -15.980 1.00 22.84 ? 61  LEU A O   1 
ATOM   437  C  CB  . LEU A 1 61  ? -7.680  10.867  -13.686 1.00 21.92 ? 61  LEU A CB  1 
ATOM   438  C  CG  . LEU A 1 61  ? -6.298  10.992  -13.042 1.00 22.22 ? 61  LEU A CG  1 
ATOM   439  C  CD1 . LEU A 1 61  ? -6.242  10.221  -11.724 1.00 22.31 ? 61  LEU A CD1 1 
ATOM   440  C  CD2 . LEU A 1 61  ? -5.206  10.513  -13.991 1.00 22.55 ? 61  LEU A CD2 1 
ATOM   441  N  N   . ALA A 1 62  ? -10.216 12.137  -15.785 1.00 21.80 ? 62  ALA A N   1 
ATOM   442  C  CA  . ALA A 1 62  ? -11.442 11.789  -16.485 1.00 21.76 ? 62  ALA A CA  1 
ATOM   443  C  C   . ALA A 1 62  ? -11.113 11.223  -17.870 1.00 21.51 ? 62  ALA A C   1 
ATOM   444  O  O   . ALA A 1 62  ? -10.265 11.761  -18.580 1.00 21.21 ? 62  ALA A O   1 
ATOM   445  C  CB  . ALA A 1 62  ? -12.346 13.011  -16.612 1.00 21.77 ? 62  ALA A CB  1 
ATOM   446  N  N   . ASP A 1 63  ? -11.780 10.132  -18.236 1.00 21.54 ? 63  ASP A N   1 
ATOM   447  C  CA  . ASP A 1 63  ? -11.642 9.530   -19.576 1.00 22.07 ? 63  ASP A CA  1 
ATOM   448  C  C   . ASP A 1 63  ? -10.225 9.060   -19.958 1.00 21.46 ? 63  ASP A C   1 
ATOM   449  O  O   . ASP A 1 63  ? -9.879  9.030   -21.141 1.00 21.36 ? 63  ASP A O   1 
ATOM   450  C  CB  . ASP A 1 63  ? -12.207 10.463  -20.666 1.00 22.76 ? 63  ASP A CB  1 
ATOM   451  C  CG  . ASP A 1 63  ? -13.601 10.982  -20.333 1.00 24.88 ? 63  ASP A CG  1 
ATOM   452  O  OD1 . ASP A 1 63  ? -14.478 10.171  -19.989 1.00 28.46 ? 63  ASP A OD1 1 
ATOM   453  O  OD2 . ASP A 1 63  ? -13.817 12.206  -20.419 1.00 28.41 ? 63  ASP A OD2 1 
ATOM   454  N  N   . THR A 1 64  ? -9.411  8.686   -18.968 1.00 20.55 ? 64  THR A N   1 
ATOM   455  C  CA  . THR A 1 64  ? -8.108  8.072   -19.251 1.00 20.01 ? 64  THR A CA  1 
ATOM   456  C  C   . THR A 1 64  ? -8.338  6.792   -20.069 1.00 19.72 ? 64  THR A C   1 
ATOM   457  O  O   . THR A 1 64  ? -9.068  5.903   -19.625 1.00 19.74 ? 64  THR A O   1 
ATOM   458  C  CB  . THR A 1 64  ? -7.320  7.737   -17.933 1.00 20.00 ? 64  THR A CB  1 
ATOM   459  O  OG1 . THR A 1 64  ? -7.119  8.937   -17.170 1.00 19.13 ? 64  THR A OG1 1 
ATOM   460  C  CG2 . THR A 1 64  ? -5.933  7.178   -18.254 1.00 19.63 ? 64  THR A CG2 1 
ATOM   461  N  N   . PRO A 1 65  ? -7.745  6.695   -21.282 1.00 19.57 ? 65  PRO A N   1 
ATOM   462  C  CA  . PRO A 1 65  ? -7.946  5.450   -22.028 1.00 19.17 ? 65  PRO A CA  1 
ATOM   463  C  C   . PRO A 1 65  ? -7.588  4.210   -21.213 1.00 18.79 ? 65  PRO A C   1 
ATOM   464  O  O   . PRO A 1 65  ? -6.658  4.238   -20.395 1.00 17.88 ? 65  PRO A O   1 
ATOM   465  C  CB  . PRO A 1 65  ? -6.995  5.602   -23.227 1.00 18.93 ? 65  PRO A CB  1 
ATOM   466  C  CG  . PRO A 1 65  ? -6.918  7.076   -23.453 1.00 19.37 ? 65  PRO A CG  1 
ATOM   467  C  CD  . PRO A 1 65  ? -6.937  7.669   -22.045 1.00 19.58 ? 65  PRO A CD  1 
ATOM   468  N  N   . LEU A 1 66  ? -8.332  3.130   -21.415 1.00 18.57 ? 66  LEU A N   1 
ATOM   469  C  CA  . LEU A 1 66  ? -7.927  1.845   -20.825 1.00 18.45 ? 66  LEU A CA  1 
ATOM   470  C  C   . LEU A 1 66  ? -6.592  1.378   -21.407 1.00 17.66 ? 66  LEU A C   1 
ATOM   471  O  O   . LEU A 1 66  ? -6.342  1.526   -22.604 1.00 17.49 ? 66  LEU A O   1 
ATOM   472  C  CB  . LEU A 1 66  ? -8.994  0.764   -21.031 1.00 18.58 ? 66  LEU A CB  1 
ATOM   473  C  CG  . LEU A 1 66  ? -10.405 1.083   -20.526 1.00 19.81 ? 66  LEU A CG  1 
ATOM   474  C  CD1 . LEU A 1 66  ? -11.323 -0.118  -20.750 1.00 21.26 ? 66  LEU A CD1 1 
ATOM   475  C  CD2 . LEU A 1 66  ? -10.401 1.518   -19.065 1.00 19.62 ? 66  LEU A CD2 1 
ATOM   476  N  N   . GLY A 1 67  ? -5.737  0.823   -20.556 1.00 16.82 ? 67  GLY A N   1 
ATOM   477  C  CA  . GLY A 1 67  ? -4.421  0.371   -20.982 1.00 16.96 ? 67  GLY A CA  1 
ATOM   478  C  C   . GLY A 1 67  ? -3.302  1.380   -20.788 1.00 16.76 ? 67  GLY A C   1 
ATOM   479  O  O   . GLY A 1 67  ? -2.137  1.021   -20.857 1.00 16.92 ? 67  GLY A O   1 
ATOM   480  N  N   . THR A 1 68  ? -3.660  2.635   -20.534 1.00 17.14 ? 68  THR A N   1 
ATOM   481  C  CA  . THR A 1 68  ? -2.697  3.696   -20.248 1.00 17.08 ? 68  THR A CA  1 
ATOM   482  C  C   . THR A 1 68  ? -1.771  3.292   -19.101 1.00 18.08 ? 68  THR A C   1 
ATOM   483  O  O   . THR A 1 68  ? -2.222  2.788   -18.065 1.00 17.82 ? 68  THR A O   1 
ATOM   484  C  CB  . THR A 1 68  ? -3.422  5.007   -19.877 1.00 16.88 ? 68  THR A CB  1 
ATOM   485  O  OG1 . THR A 1 68  ? -4.332  5.357   -20.925 1.00 16.76 ? 68  THR A OG1 1 
ATOM   486  C  CG2 . THR A 1 68  ? -2.435  6.162   -19.673 1.00 16.61 ? 68  THR A CG2 1 
ATOM   487  N  N   . GLU A 1 69  ? -0.473  3.493   -19.292 1.00 18.65 ? 69  GLU A N   1 
ATOM   488  C  CA  . GLU A 1 69  ? 0.468   3.197   -18.216 1.00 19.44 ? 69  GLU A CA  1 
ATOM   489  C  C   . GLU A 1 69  ? 0.804   4.470   -17.459 1.00 19.51 ? 69  GLU A C   1 
ATOM   490  O  O   . GLU A 1 69  ? 0.972   5.541   -18.054 1.00 19.03 ? 69  GLU A O   1 
ATOM   491  C  CB  . GLU A 1 69  ? 1.709   2.481   -18.744 1.00 20.31 ? 69  GLU A CB  1 
ATOM   492  C  CG  . GLU A 1 69  ? 1.364   1.136   -19.389 1.00 22.41 ? 69  GLU A CG  1 
ATOM   493  C  CD  . GLU A 1 69  ? 2.476   0.115   -19.311 1.00 25.30 ? 69  GLU A CD  1 
ATOM   494  O  OE1 . GLU A 1 69  ? 3.658   0.488   -19.478 1.00 27.55 ? 69  GLU A OE1 1 
ATOM   495  O  OE2 . GLU A 1 69  ? 2.164   -1.073  -19.104 1.00 25.56 ? 69  GLU A OE2 1 
HETATM 496  N  N   . MSE A 1 70  ? 0.881   4.353   -16.135 1.00 19.67 ? 70  MSE A N   1 
HETATM 497  C  CA  . MSE A 1 70  ? 0.977   5.529   -15.286 1.00 21.04 ? 70  MSE A CA  1 
HETATM 498  C  C   . MSE A 1 70  ? 1.922   5.312   -14.119 1.00 20.26 ? 70  MSE A C   1 
HETATM 499  O  O   . MSE A 1 70  ? 2.175   4.183   -13.713 1.00 19.76 ? 70  MSE A O   1 
HETATM 500  C  CB  . MSE A 1 70  ? -0.406  5.905   -14.740 1.00 22.00 ? 70  MSE A CB  1 
HETATM 501  C  CG  . MSE A 1 70  ? -1.453  6.226   -15.797 1.00 27.07 ? 70  MSE A CG  1 
HETATM 502  SE SE  . MSE A 1 70  ? -3.048  6.989   -14.982 1.00 41.25 ? 70  MSE A SE  1 
HETATM 503  C  CE  . MSE A 1 70  ? -3.427  5.622   -13.661 1.00 38.06 ? 70  MSE A CE  1 
ATOM   504  N  N   . GLN A 1 71  ? 2.462   6.410   -13.604 1.00 20.01 ? 71  GLN A N   1 
ATOM   505  C  CA  . GLN A 1 71  ? 3.113   6.406   -12.298 1.00 19.95 ? 71  GLN A CA  1 
ATOM   506  C  C   . GLN A 1 71  ? 2.165   7.140   -11.382 1.00 19.42 ? 71  GLN A C   1 
ATOM   507  O  O   . GLN A 1 71  ? 1.706   8.237   -11.705 1.00 18.79 ? 71  GLN A O   1 
ATOM   508  C  CB  . GLN A 1 71  ? 4.461   7.125   -12.357 1.00 20.51 ? 71  GLN A CB  1 
ATOM   509  C  CG  . GLN A 1 71  ? 5.475   6.473   -13.291 1.00 22.99 ? 71  GLN A CG  1 
ATOM   510  C  CD  . GLN A 1 71  ? 6.234   5.327   -12.644 1.00 26.62 ? 71  GLN A CD  1 
ATOM   511  O  OE1 . GLN A 1 71  ? 5.771   4.712   -11.677 1.00 28.38 ? 71  GLN A OE1 1 
ATOM   512  N  NE2 . GLN A 1 71  ? 7.415   5.036   -13.177 1.00 27.73 ? 71  GLN A NE2 1 
ATOM   513  N  N   . VAL A 1 72  ? 1.839   6.534   -10.247 1.00 19.31 ? 72  VAL A N   1 
ATOM   514  C  CA  . VAL A 1 72  ? 0.927   7.169   -9.321  1.00 18.48 ? 72  VAL A CA  1 
ATOM   515  C  C   . VAL A 1 72  ? 1.519   7.165   -7.930  1.00 18.67 ? 72  VAL A C   1 
ATOM   516  O  O   . VAL A 1 72  ? 2.398   6.346   -7.616  1.00 18.29 ? 72  VAL A O   1 
ATOM   517  C  CB  . VAL A 1 72  ? -0.455  6.472   -9.310  1.00 18.87 ? 72  VAL A CB  1 
ATOM   518  C  CG1 . VAL A 1 72  ? -1.112  6.574   -10.696 1.00 18.71 ? 72  VAL A CG1 1 
ATOM   519  C  CG2 . VAL A 1 72  ? -0.328  5.013   -8.864  1.00 18.95 ? 72  VAL A CG2 1 
ATOM   520  N  N   . GLN A 1 73  ? 1.016   8.077   -7.108  1.00 18.50 ? 73  GLN A N   1 
ATOM   521  C  CA  . GLN A 1 73  ? 1.390   8.181   -5.710  1.00 19.19 ? 73  GLN A CA  1 
ATOM   522  C  C   . GLN A 1 73  ? 0.164   8.620   -4.914  1.00 19.22 ? 73  GLN A C   1 
ATOM   523  O  O   . GLN A 1 73  ? -0.614  9.460   -5.364  1.00 18.84 ? 73  GLN A O   1 
ATOM   524  C  CB  . GLN A 1 73  ? 2.541   9.182   -5.534  1.00 19.37 ? 73  GLN A CB  1 
ATOM   525  C  CG  . GLN A 1 73  ? 3.017   9.370   -4.082  1.00 22.40 ? 73  GLN A CG  1 
ATOM   526  C  CD  . GLN A 1 73  ? 2.137   10.325  -3.283  1.00 25.95 ? 73  GLN A CD  1 
ATOM   527  O  OE1 . GLN A 1 73  ? 1.572   11.275  -3.832  1.00 28.00 ? 73  GLN A OE1 1 
ATOM   528  N  NE2 . GLN A 1 73  ? 2.018   10.074  -1.984  1.00 28.20 ? 73  GLN A NE2 1 
ATOM   529  N  N   . GLY A 1 74  ? -0.022  8.022   -3.743  1.00 19.85 ? 74  GLY A N   1 
ATOM   530  C  CA  . GLY A 1 74  ? -1.041  8.505   -2.806  1.00 20.65 ? 74  GLY A CA  1 
ATOM   531  C  C   . GLY A 1 74  ? -0.961  7.780   -1.480  1.00 21.00 ? 74  GLY A C   1 
ATOM   532  O  O   . GLY A 1 74  ? 0.055   7.157   -1.165  1.00 21.18 ? 74  GLY A O   1 
ATOM   533  N  N   . PHE A 1 75  ? -2.043  7.843   -0.711  1.00 21.11 ? 75  PHE A N   1 
ATOM   534  C  CA  . PHE A 1 75  ? -2.098  7.128   0.559   1.00 20.87 ? 75  PHE A CA  1 
ATOM   535  C  C   . PHE A 1 75  ? -3.064  5.959   0.474   1.00 20.58 ? 75  PHE A C   1 
ATOM   536  O  O   . PHE A 1 75  ? -4.009  5.983   -0.298  1.00 20.43 ? 75  PHE A O   1 
ATOM   537  C  CB  . PHE A 1 75  ? -2.424  8.057   1.743   1.00 20.66 ? 75  PHE A CB  1 
ATOM   538  C  CG  . PHE A 1 75  ? -3.786  8.715   1.673   1.00 21.23 ? 75  PHE A CG  1 
ATOM   539  C  CD1 . PHE A 1 75  ? -3.942  9.955   1.051   1.00 20.19 ? 75  PHE A CD1 1 
ATOM   540  C  CD2 . PHE A 1 75  ? -4.903  8.117   2.256   1.00 21.44 ? 75  PHE A CD2 1 
ATOM   541  C  CE1 . PHE A 1 75  ? -5.194  10.579  0.988   1.00 19.83 ? 75  PHE A CE1 1 
ATOM   542  C  CE2 . PHE A 1 75  ? -6.153  8.739   2.207   1.00 22.15 ? 75  PHE A CE2 1 
ATOM   543  C  CZ  . PHE A 1 75  ? -6.295  9.976   1.567   1.00 21.58 ? 75  PHE A CZ  1 
ATOM   544  N  N   . LEU A 1 76  ? -2.813  4.940   1.286   1.00 21.07 ? 76  LEU A N   1 
ATOM   545  C  CA  . LEU A 1 76  ? -3.682  3.772   1.373   1.00 20.85 ? 76  LEU A CA  1 
ATOM   546  C  C   . LEU A 1 76  ? -4.720  3.914   2.475   1.00 20.84 ? 76  LEU A C   1 
ATOM   547  O  O   . LEU A 1 76  ? -4.454  4.491   3.551   1.00 20.27 ? 76  LEU A O   1 
ATOM   548  C  CB  . LEU A 1 76  ? -2.851  2.522   1.650   1.00 21.94 ? 76  LEU A CB  1 
ATOM   549  C  CG  . LEU A 1 76  ? -2.075  1.814   0.557   1.00 23.68 ? 76  LEU A CG  1 
ATOM   550  C  CD1 . LEU A 1 76  ? -1.509  0.548   1.206   1.00 26.14 ? 76  LEU A CD1 1 
ATOM   551  C  CD2 . LEU A 1 76  ? -2.937  1.465   -0.681  1.00 23.52 ? 76  LEU A CD2 1 
ATOM   552  N  N   . ALA A 1 77  ? -5.914  3.383   2.206   1.00 20.90 ? 77  ALA A N   1 
ATOM   553  C  CA  . ALA A 1 77  ? -6.975  3.356   3.187   1.00 20.66 ? 77  ALA A CA  1 
ATOM   554  C  C   . ALA A 1 77  ? -7.856  2.146   2.918   1.00 21.07 ? 77  ALA A C   1 
ATOM   555  O  O   . ALA A 1 77  ? -7.922  1.665   1.787   1.00 21.23 ? 77  ALA A O   1 
ATOM   556  C  CB  . ALA A 1 77  ? -7.809  4.644   3.136   1.00 20.82 ? 77  ALA A CB  1 
ATOM   557  N  N   . PRO A 1 78  ? -8.515  1.637   3.960   1.00 21.16 ? 78  PRO A N   1 
ATOM   558  C  CA  . PRO A 1 78  ? -9.542  0.615   3.696   1.00 22.01 ? 78  PRO A CA  1 
ATOM   559  C  C   . PRO A 1 78  ? -10.610 1.135   2.714   1.00 22.91 ? 78  PRO A C   1 
ATOM   560  O  O   . PRO A 1 78  ? -10.941 2.334   2.719   1.00 22.47 ? 78  PRO A O   1 
ATOM   561  C  CB  . PRO A 1 78  ? -10.127 0.336   5.080   1.00 22.12 ? 78  PRO A CB  1 
ATOM   562  C  CG  . PRO A 1 78  ? -9.647  1.441   5.980   1.00 22.37 ? 78  PRO A CG  1 
ATOM   563  C  CD  . PRO A 1 78  ? -8.348  1.926   5.399   1.00 21.08 ? 78  PRO A CD  1 
ATOM   564  N  N   . ALA A 1 79  ? -11.135 0.253   1.866   1.00 24.25 ? 79  ALA A N   1 
ATOM   565  C  CA  . ALA A 1 79  ? -12.053 0.679   0.799   1.00 24.63 ? 79  ALA A CA  1 
ATOM   566  C  C   . ALA A 1 79  ? -13.346 1.251   1.341   1.00 25.46 ? 79  ALA A C   1 
ATOM   567  O  O   . ALA A 1 79  ? -13.918 2.201   0.788   1.00 25.72 ? 79  ALA A O   1 
ATOM   568  C  CB  . ALA A 1 79  ? -12.346 -0.481  -0.148  1.00 25.06 ? 79  ALA A CB  1 
ATOM   569  N  N   . ARG A 1 80  ? -13.823 0.633   2.410   1.00 25.20 ? 80  ARG A N   1 
ATOM   570  C  CA  . ARG A 1 80  ? -15.068 0.990   3.014   1.00 25.61 ? 80  ARG A CA  1 
ATOM   571  C  C   . ARG A 1 80  ? -14.828 0.745   4.478   1.00 25.29 ? 80  ARG A C   1 
ATOM   572  O  O   . ARG A 1 80  ? -13.869 0.069   4.836   1.00 24.50 ? 80  ARG A O   1 
ATOM   573  C  CB  . ARG A 1 80  ? -16.198 0.072   2.506   1.00 26.09 ? 80  ARG A CB  1 
ATOM   574  C  CG  . ARG A 1 80  ? -16.513 0.189   0.991   1.00 27.34 ? 80  ARG A CG  1 
ATOM   575  C  CD  . ARG A 1 80  ? -17.285 1.461   0.668   1.00 27.96 ? 80  ARG A CD  1 
ATOM   576  N  NE  . ARG A 1 80  ? -18.416 1.613   1.575   1.00 30.46 ? 80  ARG A NE  1 
ATOM   577  C  CZ  . ARG A 1 80  ? -19.613 1.064   1.389   1.00 31.15 ? 80  ARG A CZ  1 
ATOM   578  N  NH1 . ARG A 1 80  ? -19.854 0.325   0.312   1.00 32.17 ? 80  ARG A NH1 1 
ATOM   579  N  NH2 . ARG A 1 80  ? -20.573 1.258   2.285   1.00 31.81 ? 80  ARG A NH2 1 
ATOM   580  N  N   . LYS A 1 81  ? -15.692 1.293   5.321   1.00 25.17 ? 81  LYS A N   1 
ATOM   581  C  CA  A LYS A 1 81  ? -15.559 1.129   6.763   1.00 25.35 ? 81  LYS A CA  1 
ATOM   582  C  CA  B LYS A 1 81  ? -15.368 1.154   6.743   0.00 20.00 ? 81  LYS A CA  1 
ATOM   583  C  C   . LYS A 1 81  ? -15.519 -0.349  7.106   1.00 24.84 ? 81  LYS A C   1 
ATOM   584  O  O   . LYS A 1 81  ? -16.468 -1.099  6.812   1.00 24.83 ? 81  LYS A O   1 
ATOM   585  C  CB  A LYS A 1 81  ? -16.744 1.786   7.485   1.00 25.14 ? 81  LYS A CB  1 
ATOM   586  C  CB  B LYS A 1 81  ? -16.509 1.859   7.473   0.00 20.00 ? 81  LYS A CB  1 
ATOM   587  C  CG  A LYS A 1 81  ? -17.084 3.197   7.007   1.00 27.44 ? 81  LYS A CG  1 
ATOM   588  C  CG  B LYS A 1 81  ? -16.528 3.336   7.321   0.00 20.00 ? 81  LYS A CG  1 
ATOM   589  C  CD  A LYS A 1 81  ? -16.117 4.233   7.568   1.00 30.32 ? 81  LYS A CD  1 
ATOM   590  C  CD  B LYS A 1 81  ? -17.492 3.702   6.245   0.00 20.00 ? 81  LYS A CD  1 
ATOM   591  C  CE  A LYS A 1 81  ? -16.519 4.690   8.966   1.00 30.12 ? 81  LYS A CE  1 
ATOM   592  C  CE  B LYS A 1 81  ? -17.809 2.537   5.352   0.00 20.00 ? 81  LYS A CE  1 
ATOM   593  N  NZ  A LYS A 1 81  ? -17.742 5.551   8.951   1.00 30.09 ? 81  LYS A NZ  1 
ATOM   594  N  NZ  B LYS A 1 81  ? -17.883 2.908   4.005   0.00 20.00 ? 81  LYS A NZ  1 
ATOM   595  N  N   . ASP A 1 82  ? -14.428 -0.756  7.753   1.00 24.49 ? 82  ASP A N   1 
ATOM   596  C  CA  . ASP A 1 82  ? -14.259 -2.128  8.240   1.00 24.32 ? 82  ASP A CA  1 
ATOM   597  C  C   . ASP A 1 82  ? -13.798 -3.126  7.159   1.00 24.65 ? 82  ASP A C   1 
ATOM   598  O  O   . ASP A 1 82  ? -13.741 -4.333  7.407   1.00 24.22 ? 82  ASP A O   1 
ATOM   599  C  CB  . ASP A 1 82  ? -15.539 -2.617  8.952   1.00 24.79 ? 82  ASP A CB  1 
ATOM   600  C  CG  . ASP A 1 82  ? -15.887 -1.773  10.174  1.00 24.71 ? 82  ASP A CG  1 
ATOM   601  O  OD1 . ASP A 1 82  ? -14.953 -1.389  10.907  1.00 25.61 ? 82  ASP A OD1 1 
ATOM   602  O  OD2 . ASP A 1 82  ? -17.083 -1.486  10.405  1.00 25.48 ? 82  ASP A OD2 1 
ATOM   603  N  N   . SER A 1 83  ? -13.420 -2.629  5.977   1.00 24.02 ? 83  SER A N   1 
ATOM   604  C  CA  . SER A 1 83  ? -13.078 -3.552  4.882   1.00 24.12 ? 83  SER A CA  1 
ATOM   605  C  C   . SER A 1 83  ? -11.640 -4.091  4.918   1.00 24.23 ? 83  SER A C   1 
ATOM   606  O  O   . SER A 1 83  ? -10.731 -3.492  5.505   1.00 24.51 ? 83  SER A O   1 
ATOM   607  C  CB  . SER A 1 83  ? -13.386 -2.921  3.521   1.00 23.63 ? 83  SER A CB  1 
ATOM   608  O  OG  . SER A 1 83  ? -12.434 -1.926  3.223   1.00 24.86 ? 83  SER A OG  1 
ATOM   609  N  N   . VAL A 1 84  ? -11.450 -5.254  4.300   1.00 24.25 ? 84  VAL A N   1 
ATOM   610  C  CA  . VAL A 1 84  ? -10.125 -5.779  4.055   1.00 23.70 ? 84  VAL A CA  1 
ATOM   611  C  C   . VAL A 1 84  ? -9.558  -5.198  2.741   1.00 23.65 ? 84  VAL A C   1 
ATOM   612  O  O   . VAL A 1 84  ? -8.363  -4.923  2.642   1.00 24.59 ? 84  VAL A O   1 
ATOM   613  C  CB  . VAL A 1 84  ? -10.137 -7.325  4.047   1.00 24.44 ? 84  VAL A CB  1 
ATOM   614  C  CG1 . VAL A 1 84  ? -8.923  -7.872  3.338   1.00 24.32 ? 84  VAL A CG1 1 
ATOM   615  C  CG2 . VAL A 1 84  ? -10.184 -7.863  5.482   1.00 24.56 ? 84  VAL A CG2 1 
ATOM   616  N  N   . LYS A 1 85  ? -10.418 -5.024  1.745   1.00 22.97 ? 85  LYS A N   1 
ATOM   617  C  CA  . LYS A 1 85  ? -10.060 -4.359  0.488   1.00 22.33 ? 85  LYS A CA  1 
ATOM   618  C  C   . LYS A 1 85  ? -9.508  -2.986  0.788   1.00 22.23 ? 85  LYS A C   1 
ATOM   619  O  O   . LYS A 1 85  ? -10.115 -2.230  1.532   1.00 21.44 ? 85  LYS A O   1 
ATOM   620  C  CB  . LYS A 1 85  ? -11.295 -4.198  -0.404  1.00 22.77 ? 85  LYS A CB  1 
ATOM   621  C  CG  . LYS A 1 85  ? -11.009 -3.740  -1.835  1.00 22.79 ? 85  LYS A CG  1 
ATOM   622  C  CD  . LYS A 1 85  ? -12.290 -3.299  -2.533  1.00 23.48 ? 85  LYS A CD  1 
ATOM   623  C  CE  . LYS A 1 85  ? -12.093 -3.120  -4.034  1.00 24.35 ? 85  LYS A CE  1 
ATOM   624  N  NZ  . LYS A 1 85  ? -13.316 -2.507  -4.676  1.00 26.63 ? 85  LYS A NZ  1 
ATOM   625  N  N   . VAL A 1 86  ? -8.338  -2.687  0.232   1.00 22.49 ? 86  VAL A N   1 
ATOM   626  C  CA  . VAL A 1 86  ? -7.773  -1.347  0.326   1.00 22.93 ? 86  VAL A CA  1 
ATOM   627  C  C   . VAL A 1 86  ? -8.021  -0.526  -0.943  1.00 22.71 ? 86  VAL A C   1 
ATOM   628  O  O   . VAL A 1 86  ? -8.256  -1.074  -2.035  1.00 22.37 ? 86  VAL A O   1 
ATOM   629  C  CB  . VAL A 1 86  ? -6.258  -1.370  0.653   1.00 23.57 ? 86  VAL A CB  1 
ATOM   630  C  CG1 . VAL A 1 86  ? -6.024  -1.989  2.041   1.00 23.98 ? 86  VAL A CG1 1 
ATOM   631  C  CG2 . VAL A 1 86  ? -5.475  -2.114  -0.434  1.00 25.45 ? 86  VAL A CG2 1 
ATOM   632  N  N   . LYS A 1 87  ? -7.971  0.796   -0.803  1.00 22.10 ? 87  LYS A N   1 
ATOM   633  C  CA  . LYS A 1 87  ? -8.013  1.647   -1.982  1.00 21.43 ? 87  LYS A CA  1 
ATOM   634  C  C   . LYS A 1 87  ? -6.894  2.652   -1.888  1.00 20.16 ? 87  LYS A C   1 
ATOM   635  O  O   . LYS A 1 87  ? -6.597  3.151   -0.813  1.00 19.83 ? 87  LYS A O   1 
ATOM   636  C  CB  . LYS A 1 87  ? -9.367  2.346   -2.139  1.00 21.69 ? 87  LYS A CB  1 
ATOM   637  C  CG  . LYS A 1 87  ? -10.465 1.402   -2.638  1.00 24.87 ? 87  LYS A CG  1 
ATOM   638  C  CD  . LYS A 1 87  ? -11.842 2.038   -2.602  1.00 27.44 ? 87  LYS A CD  1 
ATOM   639  C  CE  . LYS A 1 87  ? -11.852 3.360   -3.302  1.00 26.94 ? 87  LYS A CE  1 
ATOM   640  N  NZ  . LYS A 1 87  ? -13.228 3.874   -3.424  1.00 29.36 ? 87  LYS A NZ  1 
ATOM   641  N  N   . LEU A 1 88  ? -6.271  2.917   -3.028  1.00 19.15 ? 88  LEU A N   1 
ATOM   642  C  CA  . LEU A 1 88  ? -5.245  3.950   -3.115  1.00 18.66 ? 88  LEU A CA  1 
ATOM   643  C  C   . LEU A 1 88  ? -5.896  5.300   -3.336  1.00 18.03 ? 88  LEU A C   1 
ATOM   644  O  O   . LEU A 1 88  ? -6.538  5.518   -4.352  1.00 17.95 ? 88  LEU A O   1 
ATOM   645  C  CB  . LEU A 1 88  ? -4.257  3.648   -4.247  1.00 18.71 ? 88  LEU A CB  1 
ATOM   646  C  CG  . LEU A 1 88  ? -3.189  4.707   -4.572  1.00 19.25 ? 88  LEU A CG  1 
ATOM   647  C  CD1 . LEU A 1 88  ? -2.376  5.032   -3.346  1.00 20.48 ? 88  LEU A CD1 1 
ATOM   648  C  CD2 . LEU A 1 88  ? -2.268  4.271   -5.703  1.00 22.11 ? 88  LEU A CD2 1 
ATOM   649  N  N   . HIS A 1 89  ? -5.686  6.217   -2.399  1.00 18.09 ? 89  HIS A N   1 
ATOM   650  C  CA  . HIS A 1 89  ? -6.164  7.580   -2.556  1.00 17.84 ? 89  HIS A CA  1 
ATOM   651  C  C   . HIS A 1 89  ? -5.100  8.396   -3.246  1.00 17.74 ? 89  HIS A C   1 
ATOM   652  O  O   . HIS A 1 89  ? -4.104  8.772   -2.635  1.00 16.97 ? 89  HIS A O   1 
ATOM   653  C  CB  . HIS A 1 89  ? -6.525  8.182   -1.215  1.00 18.45 ? 89  HIS A CB  1 
ATOM   654  C  CG  . HIS A 1 89  ? -7.847  7.722   -0.702  1.00 19.87 ? 89  HIS A CG  1 
ATOM   655  N  ND1 . HIS A 1 89  ? -8.084  6.414   -0.348  1.00 22.02 ? 89  HIS A ND1 1 
ATOM   656  C  CD2 . HIS A 1 89  ? -9.013  8.381   -0.518  1.00 20.25 ? 89  HIS A CD2 1 
ATOM   657  C  CE1 . HIS A 1 89  ? -9.341  6.290   0.036   1.00 21.29 ? 89  HIS A CE1 1 
ATOM   658  N  NE2 . HIS A 1 89  ? -9.928  7.467   -0.058  1.00 22.63 ? 89  HIS A NE2 1 
ATOM   659  N  N   . LEU A 1 90  ? -5.340  8.654   -4.534  1.00 17.41 ? 90  LEU A N   1 
ATOM   660  C  CA  . LEU A 1 90  ? -4.373  9.305   -5.409  1.00 17.18 ? 90  LEU A CA  1 
ATOM   661  C  C   . LEU A 1 90  ? -4.130  10.769  -5.045  1.00 17.72 ? 90  LEU A C   1 
ATOM   662  O  O   . LEU A 1 90  ? -5.084  11.573  -4.878  1.00 16.62 ? 90  LEU A O   1 
ATOM   663  C  CB  . LEU A 1 90  ? -4.824  9.197   -6.882  1.00 17.41 ? 90  LEU A CB  1 
ATOM   664  C  CG  . LEU A 1 90  ? -4.972  7.775   -7.442  1.00 17.73 ? 90  LEU A CG  1 
ATOM   665  C  CD1 . LEU A 1 90  ? -5.744  7.796   -8.773  1.00 18.28 ? 90  LEU A CD1 1 
ATOM   666  C  CD2 . LEU A 1 90  ? -3.624  7.073   -7.633  1.00 18.04 ? 90  LEU A CD2 1 
ATOM   667  N  N   . GLN A 1 91  ? -2.847  11.100  -4.923  1.00 17.27 ? 91  GLN A N   1 
ATOM   668  C  CA  . GLN A 1 91  ? -2.417  12.472  -4.710  1.00 18.03 ? 91  GLN A CA  1 
ATOM   669  C  C   . GLN A 1 91  ? -1.657  12.991  -5.923  1.00 18.17 ? 91  GLN A C   1 
ATOM   670  O  O   . GLN A 1 91  ? -1.629  14.197  -6.181  1.00 17.78 ? 91  GLN A O   1 
ATOM   671  C  CB  . GLN A 1 91  ? -1.539  12.572  -3.464  1.00 18.41 ? 91  GLN A CB  1 
ATOM   672  C  CG  . GLN A 1 91  ? -2.315  12.406  -2.179  1.00 20.70 ? 91  GLN A CG  1 
ATOM   673  C  CD  . GLN A 1 91  ? -1.418  12.244  -0.964  1.00 23.72 ? 91  GLN A CD  1 
ATOM   674  O  OE1 . GLN A 1 91  ? -0.479  11.434  -0.956  1.00 23.71 ? 91  GLN A OE1 1 
ATOM   675  N  NE2 . GLN A 1 91  ? -1.715  13.006  0.083   1.00 22.75 ? 91  GLN A NE2 1 
ATOM   676  N  N   . GLN A 1 92  ? -1.033  12.070  -6.651  1.00 18.27 ? 92  GLN A N   1 
ATOM   677  C  CA  . GLN A 1 92  ? -0.346  12.379  -7.900  1.00 19.36 ? 92  GLN A CA  1 
ATOM   678  C  C   . GLN A 1 92  ? -0.565  11.239  -8.882  1.00 19.13 ? 92  GLN A C   1 
ATOM   679  O  O   . GLN A 1 92  ? -0.668  10.064  -8.487  1.00 18.72 ? 92  GLN A O   1 
ATOM   680  C  CB  . GLN A 1 92  ? 1.157   12.585  -7.687  1.00 19.73 ? 92  GLN A CB  1 
ATOM   681  C  CG  . GLN A 1 92  ? 1.538   13.336  -6.433  1.00 22.72 ? 92  GLN A CG  1 
ATOM   682  C  CD  . GLN A 1 92  ? 3.031   13.493  -6.283  1.00 25.84 ? 92  GLN A CD  1 
ATOM   683  O  OE1 . GLN A 1 92  ? 3.670   14.203  -7.050  1.00 27.07 ? 92  GLN A OE1 1 
ATOM   684  N  NE2 . GLN A 1 92  ? 3.595   12.833  -5.283  1.00 28.13 ? 92  GLN A NE2 1 
ATOM   685  N  N   . ALA A 1 93  ? -0.656  11.604  -10.159 1.00 19.45 ? 93  ALA A N   1 
ATOM   686  C  CA  . ALA A 1 93  ? -0.717  10.644  -11.255 1.00 19.87 ? 93  ALA A CA  1 
ATOM   687  C  C   . ALA A 1 93  ? -0.162  11.283  -12.512 1.00 20.36 ? 93  ALA A C   1 
ATOM   688  O  O   . ALA A 1 93  ? -0.522  12.416  -12.842 1.00 20.47 ? 93  ALA A O   1 
ATOM   689  C  CB  . ALA A 1 93  ? -2.149  10.183  -11.489 1.00 19.31 ? 93  ALA A CB  1 
ATOM   690  N  N   . ARG A 1 94  ? 0.718   10.564  -13.207 1.00 20.51 ? 94  ARG A N   1 
ATOM   691  C  CA  . ARG A 1 94  ? 1.233   11.019  -14.505 1.00 21.51 ? 94  ARG A CA  1 
ATOM   692  C  C   . ARG A 1 94  ? 1.287   9.848   -15.475 1.00 21.07 ? 94  ARG A C   1 
ATOM   693  O  O   . ARG A 1 94  ? 1.594   8.723   -15.072 1.00 21.29 ? 94  ARG A O   1 
ATOM   694  C  CB  . ARG A 1 94  ? 2.633   11.630  -14.371 1.00 21.86 ? 94  ARG A CB  1 
ATOM   695  C  CG  . ARG A 1 94  ? 2.756   12.774  -13.361 1.00 25.60 ? 94  ARG A CG  1 
ATOM   696  C  CD  . ARG A 1 94  ? 2.641   14.153  -14.018 1.00 28.77 ? 94  ARG A CD  1 
ATOM   697  N  NE  . ARG A 1 94  ? 3.268   15.180  -13.187 1.00 32.23 ? 94  ARG A NE  1 
ATOM   698  C  CZ  . ARG A 1 94  ? 4.372   15.850  -13.513 1.00 34.00 ? 94  ARG A CZ  1 
ATOM   699  N  NH1 . ARG A 1 94  ? 4.863   16.762  -12.681 1.00 34.88 ? 94  ARG A NH1 1 
ATOM   700  N  NH2 . ARG A 1 94  ? 4.984   15.623  -14.672 1.00 34.91 ? 94  ARG A NH2 1 
ATOM   701  N  N   . ARG A 1 95  ? 0.975   10.103  -16.745 1.00 20.21 ? 95  ARG A N   1 
ATOM   702  C  CA  . ARG A 1 95  ? 1.033   9.042   -17.753 1.00 19.72 ? 95  ARG A CA  1 
ATOM   703  C  C   . ARG A 1 95  ? 2.493   8.862   -18.128 1.00 19.45 ? 95  ARG A C   1 
ATOM   704  O  O   . ARG A 1 95  ? 3.242   9.830   -18.134 1.00 19.10 ? 95  ARG A O   1 
ATOM   705  C  CB  . ARG A 1 95  ? 0.239   9.420   -19.012 1.00 19.57 ? 95  ARG A CB  1 
ATOM   706  C  CG  . ARG A 1 95  ? -1.230  9.745   -18.787 1.00 18.30 ? 95  ARG A CG  1 
ATOM   707  C  CD  . ARG A 1 95  ? -1.947  9.842   -20.107 1.00 19.21 ? 95  ARG A CD  1 
ATOM   708  N  NE  . ARG A 1 95  ? -3.352  10.209  -19.961 1.00 19.59 ? 95  ARG A NE  1 
ATOM   709  C  CZ  . ARG A 1 95  ? -4.253  10.140  -20.941 1.00 20.33 ? 95  ARG A CZ  1 
ATOM   710  N  NH1 . ARG A 1 95  ? -5.510  10.507  -20.718 1.00 20.52 ? 95  ARG A NH1 1 
ATOM   711  N  NH2 . ARG A 1 95  ? -3.905  9.688   -22.139 1.00 19.61 ? 95  ARG A NH2 1 
ATOM   712  N  N   . ILE A 1 96  ? 2.903   7.636   -18.431 1.00 19.81 ? 96  ILE A N   1 
ATOM   713  C  CA  . ILE A 1 96  ? 4.239   7.407   -18.981 1.00 20.62 ? 96  ILE A CA  1 
ATOM   714  C  C   . ILE A 1 96  ? 4.222   7.751   -20.469 1.00 21.35 ? 96  ILE A C   1 
ATOM   715  O  O   . ILE A 1 96  ? 3.963   6.893   -21.323 1.00 21.86 ? 96  ILE A O   1 
ATOM   716  C  CB  . ILE A 1 96  ? 4.750   5.964   -18.741 1.00 20.69 ? 96  ILE A CB  1 
ATOM   717  C  CG1 . ILE A 1 96  ? 4.680   5.639   -17.240 1.00 20.31 ? 96  ILE A CG1 1 
ATOM   718  C  CG2 . ILE A 1 96  ? 6.173   5.806   -19.307 1.00 20.44 ? 96  ILE A CG2 1 
ATOM   719  C  CD1 . ILE A 1 96  ? 5.324   4.340   -16.832 1.00 23.39 ? 96  ILE A CD1 1 
ATOM   720  N  N   . ALA A 1 97  ? 4.488   9.017   -20.767 1.00 21.59 ? 97  ALA A N   1 
ATOM   721  C  CA  . ALA A 1 97  ? 4.538   9.499   -22.146 1.00 21.71 ? 97  ALA A CA  1 
ATOM   722  C  C   . ALA A 1 97  ? 5.741   8.941   -22.900 1.00 21.95 ? 97  ALA A C   1 
ATOM   723  O  O   . ALA A 1 97  ? 6.838   8.821   -22.347 1.00 22.39 ? 97  ALA A O   1 
ATOM   724  C  CB  . ALA A 1 97  ? 4.533   11.010  -22.184 1.00 21.61 ? 97  ALA A CB  1 
ATOM   725  N  N   . GLY A 1 98  ? 5.522   8.598   -24.164 1.00 21.75 ? 98  GLY A N   1 
ATOM   726  C  CA  . GLY A 1 98  ? 6.566   8.039   -25.000 1.00 21.76 ? 98  GLY A CA  1 
ATOM   727  C  C   . GLY A 1 98  ? 6.610   8.749   -26.330 1.00 21.97 ? 98  GLY A C   1 
ATOM   728  O  O   . GLY A 1 98  ? 5.896   9.729   -26.540 1.00 21.78 ? 98  GLY A O   1 
ATOM   729  N  N   . SER A 1 99  ? 7.447   8.251   -27.231 1.00 22.34 ? 99  SER A N   1 
ATOM   730  C  CA  . SER A 1 99  ? 7.666   8.917   -28.505 1.00 22.77 ? 99  SER A CA  1 
ATOM   731  C  C   . SER A 1 99  ? 7.450   8.006   -29.708 1.00 23.13 ? 99  SER A C   1 
ATOM   732  O  O   . SER A 1 99  ? 7.956   8.295   -30.789 1.00 22.44 ? 99  SER A O   1 
ATOM   733  C  CB  . SER A 1 99  ? 9.080   9.502   -28.544 1.00 22.81 ? 99  SER A CB  1 
ATOM   734  O  OG  . SER A 1 99  ? 10.032  8.505   -28.217 1.00 23.68 ? 99  SER A OG  1 
HETATM 735  N  N   . MSE A 1 100 ? 6.702   6.916   -29.527 1.00 23.59 ? 100 MSE A N   1 
HETATM 736  C  CA  . MSE A 1 100 ? 6.460   5.974   -30.629 1.00 24.47 ? 100 MSE A CA  1 
HETATM 737  C  C   . MSE A 1 100 ? 5.826   6.677   -31.845 1.00 24.88 ? 100 MSE A C   1 
HETATM 738  O  O   . MSE A 1 100 ? 6.505   6.882   -32.862 1.00 25.23 ? 100 MSE A O   1 
HETATM 739  C  CB  . MSE A 1 100 ? 5.652   4.753   -30.162 1.00 24.49 ? 100 MSE A CB  1 
HETATM 740  C  CG  . MSE A 1 100 ? 5.364   3.744   -31.267 1.00 25.29 ? 100 MSE A CG  1 
HETATM 741  SE SE  . MSE A 1 100 ? 6.977   2.877   -31.881 1.00 30.23 ? 100 MSE A SE  1 
HETATM 742  C  CE  . MSE A 1 100 ? 7.299   1.726   -30.340 1.00 25.45 ? 100 MSE A CE  1 
ATOM   743  N  N   . GLY A 1 101 ? 4.540   7.022   -31.787 1.00 25.32 ? 101 GLY A N   1 
ATOM   744  C  CA  . GLY A 1 101 ? 3.566   6.523   -30.818 1.00 26.23 ? 101 GLY A CA  1 
ATOM   745  C  C   . GLY A 1 101 ? 2.342   6.234   -31.651 1.00 26.81 ? 101 GLY A C   1 
ATOM   746  O  O   . GLY A 1 101 ? 1.426   7.054   -31.708 1.00 27.38 ? 101 GLY A O   1 
ATOM   747  N  N   . ARG A 1 102 ? 2.328   5.082   -32.316 1.00 27.31 ? 102 ARG A N   1 
ATOM   748  C  CA  . ARG A 1 102 ? 1.583   4.979   -33.566 1.00 27.59 ? 102 ARG A CA  1 
ATOM   749  C  C   . ARG A 1 102 ? 0.567   3.850   -33.666 1.00 27.75 ? 102 ARG A C   1 
ATOM   750  O  O   . ARG A 1 102 ? -0.355  3.931   -34.485 1.00 27.64 ? 102 ARG A O   1 
ATOM   751  C  CB  . ARG A 1 102 ? 2.567   4.899   -34.724 1.00 27.62 ? 102 ARG A CB  1 
ATOM   752  C  CG  . ARG A 1 102 ? 2.086   5.500   -36.022 1.00 27.75 ? 102 ARG A CG  1 
ATOM   753  C  CD  . ARG A 1 102 ? 3.273   5.759   -36.914 1.00 27.04 ? 102 ARG A CD  1 
ATOM   754  N  NE  . ARG A 1 102 ? 3.126   5.132   -38.222 1.00 28.46 ? 102 ARG A NE  1 
ATOM   755  C  CZ  . ARG A 1 102 ? 3.496   3.884   -38.488 1.00 27.70 ? 102 ARG A CZ  1 
ATOM   756  N  NH1 . ARG A 1 102 ? 4.012   3.128   -37.533 1.00 29.32 ? 102 ARG A NH1 1 
ATOM   757  N  NH2 . ARG A 1 102 ? 3.325   3.384   -39.697 1.00 29.79 ? 102 ARG A NH2 1 
HETATM 758  N  N   . MSE B 1 1   ? 7.888   0.263   -10.235 1.00 25.56 ? 1   MSE B N   1 
HETATM 759  C  CA  . MSE B 1 1   ? 7.720   1.063   -8.982  1.00 25.62 ? 1   MSE B CA  1 
HETATM 760  C  C   . MSE B 1 1   ? 6.648   0.442   -8.109  1.00 23.98 ? 1   MSE B C   1 
HETATM 761  O  O   . MSE B 1 1   ? 5.522   0.245   -8.550  1.00 23.51 ? 1   MSE B O   1 
HETATM 762  C  CB  . MSE B 1 1   ? 7.348   2.510   -9.307  1.00 27.00 ? 1   MSE B CB  1 
HETATM 763  C  CG  . MSE B 1 1   ? 7.233   3.400   -8.077  1.00 31.75 ? 1   MSE B CG  1 
HETATM 764  SE SE  . MSE B 1 1   ? 8.975   3.923   -7.378  1.00 47.81 ? 1   MSE B SE  1 
HETATM 765  C  CE  . MSE B 1 1   ? 9.556   5.121   -8.810  1.00 42.51 ? 1   MSE B CE  1 
ATOM   766  N  N   . ASN B 1 2   ? 7.003   0.123   -6.867  1.00 23.19 ? 2   ASN B N   1 
ATOM   767  C  CA  . ASN B 1 2   ? 6.058   -0.467  -5.915  1.00 21.80 ? 2   ASN B CA  1 
ATOM   768  C  C   . ASN B 1 2   ? 6.656   -0.367  -4.513  1.00 21.83 ? 2   ASN B C   1 
ATOM   769  O  O   . ASN B 1 2   ? 7.349   -1.280  -4.054  1.00 20.76 ? 2   ASN B O   1 
ATOM   770  C  CB  . ASN B 1 2   ? 5.740   -1.935  -6.265  1.00 21.97 ? 2   ASN B CB  1 
ATOM   771  C  CG  . ASN B 1 2   ? 4.754   -2.580  -5.288  1.00 22.21 ? 2   ASN B CG  1 
ATOM   772  O  OD1 . ASN B 1 2   ? 4.460   -2.022  -4.224  1.00 20.74 ? 2   ASN B OD1 1 
ATOM   773  N  ND2 . ASN B 1 2   ? 4.240   -3.765  -5.645  1.00 21.09 ? 2   ASN B ND2 1 
ATOM   774  N  N   . THR B 1 3   ? 6.410   0.763   -3.859  1.00 21.20 ? 3   THR B N   1 
ATOM   775  C  CA  . THR B 1 3   ? 6.959   1.008   -2.531  1.00 21.63 ? 3   THR B CA  1 
ATOM   776  C  C   . THR B 1 3   ? 5.958   1.758   -1.670  1.00 21.04 ? 3   THR B C   1 
ATOM   777  O  O   . THR B 1 3   ? 5.488   2.842   -2.037  1.00 21.10 ? 3   THR B O   1 
ATOM   778  C  CB  . THR B 1 3   ? 8.312   1.760   -2.582  1.00 21.76 ? 3   THR B CB  1 
ATOM   779  O  OG1 . THR B 1 3   ? 8.719   2.121   -1.253  1.00 22.74 ? 3   THR B OG1 1 
ATOM   780  C  CG2 . THR B 1 3   ? 8.222   3.011   -3.456  1.00 23.96 ? 3   THR B CG2 1 
ATOM   781  N  N   . LEU B 1 4   ? 5.629   1.148   -0.536  1.00 21.02 ? 4   LEU B N   1 
ATOM   782  C  CA  . LEU B 1 4   ? 4.794   1.758   0.484   1.00 20.01 ? 4   LEU B CA  1 
ATOM   783  C  C   . LEU B 1 4   ? 5.659   2.100   1.679   1.00 20.18 ? 4   LEU B C   1 
ATOM   784  O  O   . LEU B 1 4   ? 6.407   1.240   2.169   1.00 19.16 ? 4   LEU B O   1 
ATOM   785  C  CB  . LEU B 1 4   ? 3.705   0.784   0.931   1.00 20.45 ? 4   LEU B CB  1 
ATOM   786  C  CG  . LEU B 1 4   ? 2.884   1.154   2.166   1.00 20.87 ? 4   LEU B CG  1 
ATOM   787  C  CD1 . LEU B 1 4   ? 2.086   2.461   1.945   1.00 21.05 ? 4   LEU B CD1 1 
ATOM   788  C  CD2 . LEU B 1 4   ? 1.945   -0.005  2.545   1.00 23.15 ? 4   LEU B CD2 1 
ATOM   789  N  N   . GLU B 1 5   ? 5.559   3.346   2.136   1.00 19.71 ? 5   GLU B N   1 
ATOM   790  C  CA  . GLU B 1 5   ? 6.223   3.780   3.358   1.00 20.16 ? 5   GLU B CA  1 
ATOM   791  C  C   . GLU B 1 5   ? 5.108   4.065   4.347   1.00 19.64 ? 5   GLU B C   1 
ATOM   792  O  O   . GLU B 1 5   ? 4.174   4.819   4.038   1.00 19.35 ? 5   GLU B O   1 
ATOM   793  C  CB  . GLU B 1 5   ? 7.113   5.015   3.134   1.00 20.31 ? 5   GLU B CB  1 
ATOM   794  C  CG  . GLU B 1 5   ? 8.423   4.713   2.411   1.00 23.06 ? 5   GLU B CG  1 
ATOM   795  C  CD  . GLU B 1 5   ? 9.334   5.922   2.217   1.00 27.15 ? 5   GLU B CD  1 
ATOM   796  O  OE1 . GLU B 1 5   ? 9.297   6.873   3.029   1.00 28.11 ? 5   GLU B OE1 1 
ATOM   797  O  OE2 . GLU B 1 5   ? 10.120  5.909   1.240   1.00 30.55 ? 5   GLU B OE2 1 
ATOM   798  N  N   . LEU B 1 6   ? 5.199   3.455   5.527   1.00 18.55 ? 6   LEU B N   1 
ATOM   799  C  CA  . LEU B 1 6   ? 4.106   3.525   6.498   1.00 18.25 ? 6   LEU B CA  1 
ATOM   800  C  C   . LEU B 1 6   ? 4.628   3.656   7.923   1.00 18.03 ? 6   LEU B C   1 
ATOM   801  O  O   . LEU B 1 6   ? 5.537   2.921   8.321   1.00 17.50 ? 6   LEU B O   1 
ATOM   802  C  CB  . LEU B 1 6   ? 3.257   2.258   6.397   1.00 17.89 ? 6   LEU B CB  1 
ATOM   803  C  CG  . LEU B 1 6   ? 1.823   2.233   6.915   1.00 17.26 ? 6   LEU B CG  1 
ATOM   804  C  CD1 . LEU B 1 6   ? 0.970   3.193   6.091   1.00 15.00 ? 6   LEU B CD1 1 
ATOM   805  C  CD2 . LEU B 1 6   ? 1.279   0.807   6.828   1.00 17.64 ? 6   LEU B CD2 1 
ATOM   806  N  N   . SER B 1 7   ? 4.043   4.578   8.689   1.00 17.57 ? 7   SER B N   1 
ATOM   807  C  CA  . SER B 1 7   ? 4.266   4.608   10.135  1.00 17.52 ? 7   SER B CA  1 
ATOM   808  C  C   . SER B 1 7   ? 3.179   3.697   10.721  1.00 17.61 ? 7   SER B C   1 
ATOM   809  O  O   . SER B 1 7   ? 2.040   3.746   10.281  1.00 17.74 ? 7   SER B O   1 
ATOM   810  C  CB  . SER B 1 7   ? 4.157   6.026   10.679  1.00 17.72 ? 7   SER B CB  1 
ATOM   811  O  OG  . SER B 1 7   ? 2.868   6.558   10.440  1.00 18.40 ? 7   SER B OG  1 
ATOM   812  N  N   . ALA B 1 8   ? 3.538   2.830   11.659  1.00 17.46 ? 8   ALA B N   1 
ATOM   813  C  CA  . ALA B 1 8   ? 2.586   1.815   12.148  1.00 17.98 ? 8   ALA B CA  1 
ATOM   814  C  C   . ALA B 1 8   ? 2.945   1.334   13.547  1.00 18.35 ? 8   ALA B C   1 
ATOM   815  O  O   . ALA B 1 8   ? 4.079   1.525   13.992  1.00 19.25 ? 8   ALA B O   1 
ATOM   816  C  CB  . ALA B 1 8   ? 2.533   0.648   11.182  1.00 17.87 ? 8   ALA B CB  1 
ATOM   817  N  N   . ARG B 1 9   ? 1.983   0.721   14.237  1.00 18.93 ? 9   ARG B N   1 
ATOM   818  C  CA  . ARG B 1 9   ? 2.225   0.095   15.529  1.00 19.59 ? 9   ARG B CA  1 
ATOM   819  C  C   . ARG B 1 9   ? 1.957   -1.407  15.368  1.00 19.84 ? 9   ARG B C   1 
ATOM   820  O  O   . ARG B 1 9   ? 1.088   -1.805  14.596  1.00 19.48 ? 9   ARG B O   1 
ATOM   821  C  CB  . ARG B 1 9   ? 1.309   0.661   16.630  1.00 20.22 ? 9   ARG B CB  1 
ATOM   822  C  CG  . ARG B 1 9   ? 0.792   2.089   16.431  1.00 23.03 ? 9   ARG B CG  1 
ATOM   823  C  CD  . ARG B 1 9   ? -0.047  2.583   17.651  1.00 25.90 ? 9   ARG B CD  1 
ATOM   824  N  NE  . ARG B 1 9   ? -1.050  1.610   18.103  1.00 27.71 ? 9   ARG B NE  1 
ATOM   825  C  CZ  . ARG B 1 9   ? -2.354  1.712   17.867  1.00 29.44 ? 9   ARG B CZ  1 
ATOM   826  N  NH1 . ARG B 1 9   ? -3.199  0.776   18.308  1.00 30.82 ? 9   ARG B NH1 1 
ATOM   827  N  NH2 . ARG B 1 9   ? -2.821  2.756   17.203  1.00 30.54 ? 9   ARG B NH2 1 
ATOM   828  N  N   . VAL B 1 10  ? 2.696   -2.223  16.108  1.00 20.20 ? 10  VAL B N   1 
ATOM   829  C  CA  . VAL B 1 10  ? 2.516   -3.673  16.093  1.00 20.43 ? 10  VAL B CA  1 
ATOM   830  C  C   . VAL B 1 10  ? 1.294   -4.089  16.921  1.00 21.04 ? 10  VAL B C   1 
ATOM   831  O  O   . VAL B 1 10  ? 1.255   -3.863  18.131  1.00 21.62 ? 10  VAL B O   1 
ATOM   832  C  CB  . VAL B 1 10  ? 3.792   -4.406  16.620  1.00 20.14 ? 10  VAL B CB  1 
ATOM   833  C  CG1 . VAL B 1 10  ? 3.627   -5.937  16.565  1.00 19.07 ? 10  VAL B CG1 1 
ATOM   834  C  CG2 . VAL B 1 10  ? 5.026   -3.966  15.831  1.00 19.62 ? 10  VAL B CG2 1 
ATOM   835  N  N   . LEU B 1 11  ? 0.315   -4.704  16.264  1.00 21.58 ? 11  LEU B N   1 
ATOM   836  C  CA  A LEU B 1 11  ? -0.842  -5.270  16.958  0.50 21.89 ? 11  LEU B CA  1 
ATOM   837  C  CA  B LEU B 1 11  ? -0.847  -5.266  16.956  0.50 22.13 ? 11  LEU B CA  1 
ATOM   838  C  C   . LEU B 1 11  ? -0.634  -6.756  17.213  1.00 22.34 ? 11  LEU B C   1 
ATOM   839  O  O   . LEU B 1 11  ? -1.062  -7.275  18.228  1.00 22.57 ? 11  LEU B O   1 
ATOM   840  C  CB  A LEU B 1 11  ? -2.137  -5.044  16.171  0.50 21.54 ? 11  LEU B CB  1 
ATOM   841  C  CB  B LEU B 1 11  ? -2.135  -5.034  16.156  0.50 22.03 ? 11  LEU B CB  1 
ATOM   842  C  CG  A LEU B 1 11  ? -2.727  -3.632  16.069  0.50 21.35 ? 11  LEU B CG  1 
ATOM   843  C  CG  B LEU B 1 11  ? -3.488  -5.088  16.884  0.50 22.73 ? 11  LEU B CG  1 
ATOM   844  C  CD1 A LEU B 1 11  ? -3.958  -3.638  15.182  0.50 21.39 ? 11  LEU B CD1 1 
ATOM   845  C  CD1 B LEU B 1 11  ? -4.516  -4.211  16.182  0.50 23.87 ? 11  LEU B CD1 1 
ATOM   846  C  CD2 A LEU B 1 11  ? -3.077  -3.039  17.439  0.50 20.91 ? 11  LEU B CD2 1 
ATOM   847  C  CD2 B LEU B 1 11  ? -4.026  -6.509  17.023  0.50 24.55 ? 11  LEU B CD2 1 
ATOM   848  N  N   . GLU B 1 12  ? 0.029   -7.435  16.278  1.00 22.90 ? 12  GLU B N   1 
ATOM   849  C  CA  . GLU B 1 12  ? 0.359   -8.859  16.426  1.00 23.59 ? 12  GLU B CA  1 
ATOM   850  C  C   . GLU B 1 12  ? 1.744   -9.121  15.874  1.00 23.61 ? 12  GLU B C   1 
ATOM   851  O  O   . GLU B 1 12  ? 2.128   -8.568  14.848  1.00 23.63 ? 12  GLU B O   1 
ATOM   852  C  CB  . GLU B 1 12  ? -0.654  -9.741  15.686  1.00 23.79 ? 12  GLU B CB  1 
ATOM   853  C  CG  . GLU B 1 12  ? -2.083  -9.656  16.216  1.00 25.65 ? 12  GLU B CG  1 
ATOM   854  C  CD  . GLU B 1 12  ? -3.121  -10.368 15.342  1.00 29.16 ? 12  GLU B CD  1 
ATOM   855  O  OE1 . GLU B 1 12  ? -2.732  -11.029 14.346  1.00 29.41 ? 12  GLU B OE1 1 
ATOM   856  O  OE2 . GLU B 1 12  ? -4.338  -10.243 15.647  1.00 27.42 ? 12  GLU B OE2 1 
ATOM   857  N  N   . CYS B 1 13  ? 2.501   -9.970  16.552  1.00 23.87 ? 13  CYS B N   1 
ATOM   858  C  CA  . CYS B 1 13  ? 3.770   -10.434 16.014  1.00 24.15 ? 13  CYS B CA  1 
ATOM   859  C  C   . CYS B 1 13  ? 3.759   -11.948 16.052  1.00 24.14 ? 13  CYS B C   1 
ATOM   860  O  O   . CYS B 1 13  ? 3.604   -12.534 17.121  1.00 24.13 ? 13  CYS B O   1 
ATOM   861  C  CB  . CYS B 1 13  ? 4.927   -9.889  16.845  1.00 24.39 ? 13  CYS B CB  1 
ATOM   862  S  SG  . CYS B 1 13  ? 6.553   -10.242 16.173  1.00 25.69 ? 13  CYS B SG  1 
ATOM   863  N  N   . GLY B 1 14  ? 3.912   -12.580 14.889  1.00 23.87 ? 14  GLY B N   1 
ATOM   864  C  CA  . GLY B 1 14  ? 3.859   -14.036 14.792  1.00 23.41 ? 14  GLY B CA  1 
ATOM   865  C  C   . GLY B 1 14  ? 5.044   -14.741 15.413  1.00 23.52 ? 14  GLY B C   1 
ATOM   866  O  O   . GLY B 1 14  ? 6.015   -14.105 15.819  1.00 23.37 ? 14  GLY B O   1 
ATOM   867  N  N   . ALA B 1 15  ? 4.958   -16.065 15.492  1.00 23.48 ? 15  ALA B N   1 
ATOM   868  C  CA  . ALA B 1 15  ? 6.105   -16.887 15.850  1.00 23.72 ? 15  ALA B CA  1 
ATOM   869  C  C   . ALA B 1 15  ? 6.978   -17.037 14.602  1.00 23.76 ? 15  ALA B C   1 
ATOM   870  O  O   . ALA B 1 15  ? 6.497   -16.862 13.481  1.00 23.24 ? 15  ALA B O   1 
ATOM   871  C  CB  . ALA B 1 15  ? 5.646   -18.264 16.376  1.00 23.86 ? 15  ALA B CB  1 
HETATM 872  N  N   . MSE B 1 16  ? 8.258   -17.344 14.785  1.00 24.18 ? 16  MSE B N   1 
HETATM 873  C  CA  . MSE B 1 16  ? 9.136   -17.543 13.632  1.00 24.61 ? 16  MSE B CA  1 
HETATM 874  C  C   . MSE B 1 16  ? 8.618   -18.677 12.759  1.00 23.79 ? 16  MSE B C   1 
HETATM 875  O  O   . MSE B 1 16  ? 8.397   -19.783 13.244  1.00 24.23 ? 16  MSE B O   1 
HETATM 876  C  CB  . MSE B 1 16  ? 10.577  -17.832 14.052  1.00 25.27 ? 16  MSE B CB  1 
HETATM 877  C  CG  . MSE B 1 16  ? 11.543  -17.883 12.856  1.00 28.61 ? 16  MSE B CG  1 
HETATM 878  SE SE  . MSE B 1 16  ? 11.544  -16.207 11.837  1.00 38.30 ? 16  MSE B SE  1 
HETATM 879  C  CE  . MSE B 1 16  ? 12.585  -15.142 13.096  1.00 34.63 ? 16  MSE B CE  1 
ATOM   880  N  N   . ARG B 1 17  ? 8.423   -18.379 11.477  1.00 22.93 ? 17  ARG B N   1 
ATOM   881  C  CA  . ARG B 1 17  ? 7.981   -19.352 10.486  1.00 21.98 ? 17  ARG B CA  1 
ATOM   882  C  C   . ARG B 1 17  ? 9.039   -19.478 9.391   1.00 20.91 ? 17  ARG B C   1 
ATOM   883  O  O   . ARG B 1 17  ? 10.136  -18.931 9.523   1.00 20.55 ? 17  ARG B O   1 
ATOM   884  C  CB  . ARG B 1 17  ? 6.630   -18.920 9.900   1.00 22.35 ? 17  ARG B CB  1 
ATOM   885  C  CG  . ARG B 1 17  ? 5.466   -19.069 10.878  1.00 22.97 ? 17  ARG B CG  1 
ATOM   886  C  CD  . ARG B 1 17  ? 4.148   -18.691 10.218  1.00 24.98 ? 17  ARG B CD  1 
ATOM   887  N  NE  . ARG B 1 17  ? 3.763   -19.636 9.172   1.00 26.47 ? 17  ARG B NE  1 
ATOM   888  C  CZ  . ARG B 1 17  ? 2.691   -19.508 8.396   1.00 27.99 ? 17  ARG B CZ  1 
ATOM   889  N  NH1 . ARG B 1 17  ? 1.877   -18.472 8.542   1.00 28.35 ? 17  ARG B NH1 1 
ATOM   890  N  NH2 . ARG B 1 17  ? 2.432   -20.419 7.471   1.00 29.42 ? 17  ARG B NH2 1 
ATOM   891  N  N   . HIS B 1 18  ? 8.719   -20.201 8.318   1.00 20.46 ? 18  HIS B N   1 
ATOM   892  C  CA  . HIS B 1 18  ? 9.659   -20.383 7.204   1.00 19.52 ? 18  HIS B CA  1 
ATOM   893  C  C   . HIS B 1 18  ? 8.971   -20.374 5.837   1.00 19.53 ? 18  HIS B C   1 
ATOM   894  O  O   . HIS B 1 18  ? 7.782   -20.681 5.728   1.00 20.00 ? 18  HIS B O   1 
ATOM   895  C  CB  . HIS B 1 18  ? 10.489  -21.661 7.400   1.00 19.75 ? 18  HIS B CB  1 
ATOM   896  C  CG  . HIS B 1 18  ? 11.366  -21.627 8.614   1.00 19.68 ? 18  HIS B CG  1 
ATOM   897  N  ND1 . HIS B 1 18  ? 10.942  -22.061 9.852   1.00 19.78 ? 18  HIS B ND1 1 
ATOM   898  C  CD2 . HIS B 1 18  ? 12.632  -21.175 8.787   1.00 19.71 ? 18  HIS B CD2 1 
ATOM   899  C  CE1 . HIS B 1 18  ? 11.912  -21.889 10.733  1.00 19.61 ? 18  HIS B CE1 1 
ATOM   900  N  NE2 . HIS B 1 18  ? 12.949  -21.357 10.112  1.00 19.25 ? 18  HIS B NE2 1 
ATOM   901  N  N   . THR B 1 19  ? 9.716   -19.999 4.802   1.00 18.57 ? 19  THR B N   1 
ATOM   902  C  CA  . THR B 1 19  ? 9.237   -20.159 3.429   1.00 17.88 ? 19  THR B CA  1 
ATOM   903  C  C   . THR B 1 19  ? 9.354   -21.630 3.039   1.00 17.36 ? 19  THR B C   1 
ATOM   904  O  O   . THR B 1 19  ? 10.119  -22.383 3.667   1.00 17.45 ? 19  THR B O   1 
ATOM   905  C  CB  . THR B 1 19  ? 10.031  -19.288 2.427   1.00 17.91 ? 19  THR B CB  1 
ATOM   906  O  OG1 . THR B 1 19  ? 11.376  -19.769 2.331   1.00 17.01 ? 19  THR B OG1 1 
ATOM   907  C  CG2 . THR B 1 19  ? 10.034  -17.820 2.858   1.00 17.46 ? 19  THR B CG2 1 
ATOM   908  N  N   . PRO B 1 20  ? 8.596   -22.070 2.015   1.00 16.89 ? 20  PRO B N   1 
ATOM   909  C  CA  . PRO B 1 20  ? 8.775   -23.455 1.570   1.00 16.80 ? 20  PRO B CA  1 
ATOM   910  C  C   . PRO B 1 20  ? 10.244  -23.817 1.303   1.00 16.16 ? 20  PRO B C   1 
ATOM   911  O  O   . PRO B 1 20  ? 10.634  -24.980 1.450   1.00 16.17 ? 20  PRO B O   1 
ATOM   912  C  CB  . PRO B 1 20  ? 7.954   -23.504 0.277   1.00 16.63 ? 20  PRO B CB  1 
ATOM   913  C  CG  . PRO B 1 20  ? 6.863   -22.518 0.528   1.00 17.31 ? 20  PRO B CG  1 
ATOM   914  C  CD  . PRO B 1 20  ? 7.535   -21.384 1.254   1.00 17.33 ? 20  PRO B CD  1 
ATOM   915  N  N   . ALA B 1 21  ? 11.047  -22.822 0.926   1.00 15.80 ? 21  ALA B N   1 
ATOM   916  C  CA  . ALA B 1 21  ? 12.463  -23.039 0.611   1.00 15.59 ? 21  ALA B CA  1 
ATOM   917  C  C   . ALA B 1 21  ? 13.379  -22.948 1.838   1.00 15.22 ? 21  ALA B C   1 
ATOM   918  O  O   . ALA B 1 21  ? 14.607  -23.019 1.704   1.00 14.74 ? 21  ALA B O   1 
ATOM   919  C  CB  . ALA B 1 21  ? 12.924  -22.073 -0.471  1.00 15.76 ? 21  ALA B CB  1 
ATOM   920  N  N   . GLY B 1 22  ? 12.774  -22.788 3.015   1.00 14.83 ? 22  GLY B N   1 
ATOM   921  C  CA  . GLY B 1 22  ? 13.503  -22.828 4.287   1.00 14.63 ? 22  GLY B CA  1 
ATOM   922  C  C   . GLY B 1 22  ? 14.051  -21.508 4.809   1.00 14.24 ? 22  GLY B C   1 
ATOM   923  O  O   . GLY B 1 22  ? 14.823  -21.504 5.755   1.00 14.02 ? 22  GLY B O   1 
ATOM   924  N  N   . LEU B 1 23  ? 13.664  -20.392 4.198   1.00 14.32 ? 23  LEU B N   1 
ATOM   925  C  CA  . LEU B 1 23  ? 14.081  -19.076 4.674   1.00 14.64 ? 23  LEU B CA  1 
ATOM   926  C  C   . LEU B 1 23  ? 13.223  -18.607 5.849   1.00 15.19 ? 23  LEU B C   1 
ATOM   927  O  O   . LEU B 1 23  ? 12.002  -18.817 5.844   1.00 15.44 ? 23  LEU B O   1 
ATOM   928  C  CB  . LEU B 1 23  ? 14.001  -18.050 3.537   1.00 15.21 ? 23  LEU B CB  1 
ATOM   929  C  CG  . LEU B 1 23  ? 14.908  -16.817 3.612   1.00 16.20 ? 23  LEU B CG  1 
ATOM   930  C  CD1 . LEU B 1 23  ? 16.394  -17.218 3.496   1.00 13.69 ? 23  LEU B CD1 1 
ATOM   931  C  CD2 . LEU B 1 23  ? 14.530  -15.828 2.524   1.00 17.72 ? 23  LEU B CD2 1 
ATOM   932  N  N   . PRO B 1 24  ? 13.848  -17.970 6.869   1.00 15.26 ? 24  PRO B N   1 
ATOM   933  C  CA  . PRO B 1 24  ? 13.069  -17.351 7.937   1.00 15.84 ? 24  PRO B CA  1 
ATOM   934  C  C   . PRO B 1 24  ? 11.954  -16.457 7.391   1.00 16.25 ? 24  PRO B C   1 
ATOM   935  O  O   . PRO B 1 24  ? 12.164  -15.740 6.416   1.00 15.99 ? 24  PRO B O   1 
ATOM   936  C  CB  . PRO B 1 24  ? 14.111  -16.499 8.681   1.00 15.81 ? 24  PRO B CB  1 
ATOM   937  C  CG  . PRO B 1 24  ? 15.399  -17.212 8.459   1.00 15.79 ? 24  PRO B CG  1 
ATOM   938  C  CD  . PRO B 1 24  ? 15.302  -17.832 7.089   1.00 14.77 ? 24  PRO B CD  1 
ATOM   939  N  N   . ALA B 1 25  ? 10.774  -16.541 8.002   1.00 17.32 ? 25  ALA B N   1 
ATOM   940  C  CA  . ALA B 1 25  ? 9.620   -15.714 7.655   1.00 18.07 ? 25  ALA B CA  1 
ATOM   941  C  C   . ALA B 1 25  ? 8.854   -15.351 8.922   1.00 18.79 ? 25  ALA B C   1 
ATOM   942  O  O   . ALA B 1 25  ? 8.706   -16.177 9.832   1.00 18.95 ? 25  ALA B O   1 
ATOM   943  C  CB  . ALA B 1 25  ? 8.695   -16.462 6.669   1.00 18.32 ? 25  ALA B CB  1 
ATOM   944  N  N   . LEU B 1 26  ? 8.404   -14.102 8.997   1.00 19.44 ? 26  LEU B N   1 
ATOM   945  C  CA  A LEU B 1 26  ? 7.686   -13.597 10.164  0.50 19.78 ? 26  LEU B CA  1 
ATOM   946  C  CA  B LEU B 1 26  ? 7.652   -13.636 10.153  0.50 19.93 ? 26  LEU B CA  1 
ATOM   947  C  C   . LEU B 1 26  ? 6.563   -12.679 9.720   1.00 19.99 ? 26  LEU B C   1 
ATOM   948  O  O   . LEU B 1 26  ? 6.793   -11.786 8.944   1.00 20.04 ? 26  LEU B O   1 
ATOM   949  C  CB  A LEU B 1 26  ? 8.641   -12.828 11.084  0.50 19.52 ? 26  LEU B CB  1 
ATOM   950  C  CB  B LEU B 1 26  ? 8.574   -12.977 11.182  0.50 19.87 ? 26  LEU B CB  1 
ATOM   951  C  CG  A LEU B 1 26  ? 8.064   -12.186 12.352  0.50 19.62 ? 26  LEU B CG  1 
ATOM   952  C  CG  B LEU B 1 26  ? 8.019   -12.944 12.612  0.50 20.45 ? 26  LEU B CG  1 
ATOM   953  C  CD1 A LEU B 1 26  ? 7.694   -13.234 13.386  0.50 18.57 ? 26  LEU B CD1 1 
ATOM   954  C  CD1 B LEU B 1 26  ? 9.017   -13.555 13.585  0.50 20.46 ? 26  LEU B CD1 1 
ATOM   955  C  CD2 A LEU B 1 26  ? 9.062   -11.224 12.938  0.50 19.37 ? 26  LEU B CD2 1 
ATOM   956  C  CD2 B LEU B 1 26  ? 7.628   -11.532 13.027  0.50 20.37 ? 26  LEU B CD2 1 
ATOM   957  N  N   . GLU B 1 27  ? 5.367   -12.899 10.242  1.00 21.05 ? 27  GLU B N   1 
ATOM   958  C  CA  . GLU B 1 27  ? 4.225   -12.070 9.912   1.00 22.62 ? 27  GLU B CA  1 
ATOM   959  C  C   . GLU B 1 27  ? 3.894   -11.156 11.075  1.00 22.48 ? 27  GLU B C   1 
ATOM   960  O  O   . GLU B 1 27  ? 3.874   -11.595 12.235  1.00 22.28 ? 27  GLU B O   1 
ATOM   961  C  CB  . GLU B 1 27  ? 3.019   -12.947 9.592   1.00 23.01 ? 27  GLU B CB  1 
ATOM   962  C  CG  . GLU B 1 27  ? 2.782   -13.167 8.126   1.00 27.27 ? 27  GLU B CG  1 
ATOM   963  C  CD  . GLU B 1 27  ? 1.416   -13.768 7.852   1.00 30.92 ? 27  GLU B CD  1 
ATOM   964  O  OE1 . GLU B 1 27  ? 0.563   -13.046 7.311   1.00 34.16 ? 27  GLU B OE1 1 
ATOM   965  O  OE2 . GLU B 1 27  ? 1.192   -14.949 8.194   1.00 34.27 ? 27  GLU B OE2 1 
ATOM   966  N  N   . LEU B 1 28  ? 3.648   -9.881  10.770  1.00 22.55 ? 28  LEU B N   1 
ATOM   967  C  CA  . LEU B 1 28  ? 3.131   -8.951  11.778  1.00 22.32 ? 28  LEU B CA  1 
ATOM   968  C  C   . LEU B 1 28  ? 1.801   -8.383  11.307  1.00 22.27 ? 28  LEU B C   1 
ATOM   969  O  O   . LEU B 1 28  ? 1.527   -8.375  10.101  1.00 22.43 ? 28  LEU B O   1 
ATOM   970  C  CB  . LEU B 1 28  ? 4.149   -7.834  12.095  1.00 22.88 ? 28  LEU B CB  1 
ATOM   971  C  CG  . LEU B 1 28  ? 5.533   -8.354  12.534  1.00 23.36 ? 28  LEU B CG  1 
ATOM   972  C  CD1 . LEU B 1 28  ? 6.465   -8.400  11.316  1.00 25.13 ? 28  LEU B CD1 1 
ATOM   973  C  CD2 . LEU B 1 28  ? 6.142   -7.561  13.671  1.00 24.10 ? 28  LEU B CD2 1 
ATOM   974  N  N   . LEU B 1 29  ? 0.956   -7.973  12.255  1.00 21.19 ? 29  LEU B N   1 
ATOM   975  C  CA  A LEU B 1 29  ? -0.197  -7.237  11.971  0.00 20.00 ? 29  LEU B CA  1 
ATOM   976  C  CA  B LEU B 1 29  ? -0.243  -7.193  11.936  1.00 20.20 ? 29  LEU B CA  1 
ATOM   977  C  C   . LEU B 1 29  ? 0.029   -5.777  12.403  1.00 19.91 ? 29  LEU B C   1 
ATOM   978  O  O   . LEU B 1 29  ? 0.335   -5.560  13.588  1.00 18.38 ? 29  LEU B O   1 
ATOM   979  C  CB  A LEU B 1 29  ? -1.407  -7.841  12.698  0.00 20.00 ? 29  LEU B CB  1 
ATOM   980  C  CB  B LEU B 1 29  ? -1.484  -7.744  12.658  1.00 20.33 ? 29  LEU B CB  1 
ATOM   981  C  CG  A LEU B 1 29  ? -2.765  -7.196  12.409  0.00 20.00 ? 29  LEU B CG  1 
ATOM   982  C  CG  B LEU B 1 29  ? -2.855  -7.163  12.320  1.00 21.92 ? 29  LEU B CG  1 
ATOM   983  C  CD1 A LEU B 1 29  ? -3.144  -7.352  10.936  0.00 20.00 ? 29  LEU B CD1 1 
ATOM   984  C  CD1 B LEU B 1 29  ? -3.976  -8.007  12.920  1.00 22.20 ? 29  LEU B CD1 1 
ATOM   985  C  CD2 A LEU B 1 29  ? -3.821  -7.849  13.290  0.00 20.00 ? 29  LEU B CD2 1 
ATOM   986  C  CD2 B LEU B 1 29  ? -2.996  -5.743  12.852  1.00 26.40 ? 29  LEU B CD2 1 
ATOM   987  N  N   . LEU B 1 30  ? -0.085  -4.822  11.474  1.00 19.41 ? 30  LEU B N   1 
ATOM   988  C  CA  . LEU B 1 30  ? 0.257   -3.430  11.754  1.00 19.30 ? 30  LEU B CA  1 
ATOM   989  C  C   . LEU B 1 30  ? -0.944  -2.513  11.637  1.00 19.38 ? 30  LEU B C   1 
ATOM   990  O  O   . LEU B 1 30  ? -1.776  -2.686  10.745  1.00 19.31 ? 30  LEU B O   1 
ATOM   991  C  CB  . LEU B 1 30  ? 1.346   -2.943  10.808  1.00 19.21 ? 30  LEU B CB  1 
ATOM   992  C  CG  . LEU B 1 30  ? 2.626   -3.773  10.712  1.00 19.54 ? 30  LEU B CG  1 
ATOM   993  C  CD1 . LEU B 1 30  ? 3.452   -3.285  9.543   1.00 19.80 ? 30  LEU B CD1 1 
ATOM   994  C  CD2 . LEU B 1 30  ? 3.401   -3.684  11.995  1.00 21.20 ? 30  LEU B CD2 1 
ATOM   995  N  N   . VAL B 1 31  ? -1.035  -1.545  12.544  1.00 18.33 ? 31  VAL B N   1 
ATOM   996  C  CA  . VAL B 1 31  ? -2.083  -0.529  12.463  1.00 18.78 ? 31  VAL B CA  1 
ATOM   997  C  C   . VAL B 1 31  ? -1.466  0.860   12.248  1.00 19.44 ? 31  VAL B C   1 
ATOM   998  O  O   . VAL B 1 31  ? -0.491  1.259   12.909  1.00 17.61 ? 31  VAL B O   1 
ATOM   999  C  CB  . VAL B 1 31  ? -3.018  -0.567  13.690  1.00 19.32 ? 31  VAL B CB  1 
ATOM   1000 C  CG1 . VAL B 1 31  ? -2.241  -0.233  14.959  1.00 19.15 ? 31  VAL B CG1 1 
ATOM   1001 C  CG2 . VAL B 1 31  ? -4.231  0.380   13.515  1.00 20.62 ? 31  VAL B CG2 1 
ATOM   1002 N  N   . HIS B 1 32  ? -2.029  1.561   11.275  1.00 19.30 ? 32  HIS B N   1 
ATOM   1003 C  CA  . HIS B 1 32  ? -1.617  2.905   10.950  1.00 20.48 ? 32  HIS B CA  1 
ATOM   1004 C  C   . HIS B 1 32  ? -2.750  3.870   11.262  1.00 21.10 ? 32  HIS B C   1 
ATOM   1005 O  O   . HIS B 1 32  ? -3.879  3.649   10.875  1.00 21.50 ? 32  HIS B O   1 
ATOM   1006 C  CB  . HIS B 1 32  ? -1.256  3.004   9.468   1.00 19.65 ? 32  HIS B CB  1 
ATOM   1007 C  CG  . HIS B 1 32  ? -1.083  4.408   8.999   1.00 19.23 ? 32  HIS B CG  1 
ATOM   1008 N  ND1 . HIS B 1 32  ? 0.096   5.102   9.170   1.00 15.85 ? 32  HIS B ND1 1 
ATOM   1009 C  CD2 . HIS B 1 32  ? -1.954  5.267   8.413   1.00 18.39 ? 32  HIS B CD2 1 
ATOM   1010 C  CE1 . HIS B 1 32  ? -0.052  6.327   8.693   1.00 17.31 ? 32  HIS B CE1 1 
ATOM   1011 N  NE2 . HIS B 1 32  ? -1.282  6.451   8.230   1.00 19.77 ? 32  HIS B NE2 1 
ATOM   1012 N  N   . GLU B 1 33  ? -2.441  4.955   11.951  1.00 23.07 ? 33  GLU B N   1 
ATOM   1013 C  CA  . GLU B 1 33  ? -3.436  5.992   12.178  1.00 24.90 ? 33  GLU B CA  1 
ATOM   1014 C  C   . GLU B 1 33  ? -2.789  7.338   11.956  1.00 25.09 ? 33  GLU B C   1 
ATOM   1015 O  O   . GLU B 1 33  ? -1.781  7.660   12.572  1.00 25.51 ? 33  GLU B O   1 
ATOM   1016 C  CB  . GLU B 1 33  ? -4.022  5.875   13.586  1.00 25.57 ? 33  GLU B CB  1 
ATOM   1017 C  CG  . GLU B 1 33  ? -5.008  4.717   13.709  1.00 29.45 ? 33  GLU B CG  1 
ATOM   1018 C  CD  . GLU B 1 33  ? -5.066  4.097   15.093  1.00 34.15 ? 33  GLU B CD  1 
ATOM   1019 O  OE1 . GLU B 1 33  ? -4.394  4.607   16.021  1.00 35.89 ? 33  GLU B OE1 1 
ATOM   1020 O  OE2 . GLU B 1 33  ? -5.795  3.088   15.244  1.00 34.76 ? 33  GLU B OE2 1 
ATOM   1021 N  N   . SER B 1 34  ? -3.340  8.106   11.032  1.00 25.89 ? 34  SER B N   1 
ATOM   1022 C  CA  . SER B 1 34  ? -2.850  9.450   10.796  1.00 26.59 ? 34  SER B CA  1 
ATOM   1023 C  C   . SER B 1 34  ? -3.906  10.307  10.129  1.00 27.69 ? 34  SER B C   1 
ATOM   1024 O  O   . SER B 1 34  ? -5.008  9.855   9.830   1.00 27.76 ? 34  SER B O   1 
ATOM   1025 C  CB  . SER B 1 34  ? -1.565  9.429   9.953   1.00 26.33 ? 34  SER B CB  1 
ATOM   1026 O  OG  . SER B 1 34  ? -1.832  9.206   8.570   1.00 24.51 ? 34  SER B OG  1 
ATOM   1027 N  N   . GLU B 1 35  ? -3.558  11.561  9.927   1.00 28.78 ? 35  GLU B N   1 
ATOM   1028 C  CA  . GLU B 1 35  ? -4.361  12.431  9.114   1.00 30.32 ? 35  GLU B CA  1 
ATOM   1029 C  C   . GLU B 1 35  ? -3.483  12.906  7.962   1.00 30.29 ? 35  GLU B C   1 
ATOM   1030 O  O   . GLU B 1 35  ? -2.303  13.208  8.143   1.00 30.68 ? 35  GLU B O   1 
ATOM   1031 C  CB  . GLU B 1 35  ? -4.941  13.576  9.947   1.00 30.86 ? 35  GLU B CB  1 
ATOM   1032 C  CG  . GLU B 1 35  ? -5.986  13.110  10.981  1.00 33.49 ? 35  GLU B CG  1 
ATOM   1033 C  CD  . GLU B 1 35  ? -6.259  14.124  12.075  1.00 37.05 ? 35  GLU B CD  1 
ATOM   1034 O  OE1 . GLU B 1 35  ? -6.389  15.329  11.766  1.00 38.79 ? 35  GLU B OE1 1 
ATOM   1035 O  OE2 . GLU B 1 35  ? -6.362  13.712  13.255  1.00 39.13 ? 35  GLU B OE2 1 
ATOM   1036 N  N   . VAL B 1 36  ? -4.071  12.932  6.775   1.00 30.34 ? 36  VAL B N   1 
ATOM   1037 C  CA  . VAL B 1 36  ? -3.350  13.189  5.530   1.00 30.27 ? 36  VAL B CA  1 
ATOM   1038 C  C   . VAL B 1 36  ? -3.986  14.367  4.808   1.00 30.26 ? 36  VAL B C   1 
ATOM   1039 O  O   . VAL B 1 36  ? -4.957  14.950  5.296   1.00 30.02 ? 36  VAL B O   1 
ATOM   1040 C  CB  . VAL B 1 36  ? -3.421  11.966  4.589   1.00 30.17 ? 36  VAL B CB  1 
ATOM   1041 C  CG1 . VAL B 1 36  ? -2.519  10.855  5.083   1.00 30.53 ? 36  VAL B CG1 1 
ATOM   1042 C  CG2 . VAL B 1 36  ? -4.863  11.471  4.471   1.00 30.09 ? 36  VAL B CG2 1 
ATOM   1043 N  N   . VAL B 1 37  ? -3.422  14.694  3.647   1.00 30.31 ? 37  VAL B N   1 
ATOM   1044 C  CA  . VAL B 1 37  ? -3.963  15.707  2.753   1.00 30.89 ? 37  VAL B CA  1 
ATOM   1045 C  C   . VAL B 1 37  ? -4.654  15.020  1.574   1.00 31.03 ? 37  VAL B C   1 
ATOM   1046 O  O   . VAL B 1 37  ? -4.016  14.286  0.814   1.00 30.89 ? 37  VAL B O   1 
ATOM   1047 C  CB  . VAL B 1 37  ? -2.858  16.634  2.202   1.00 30.74 ? 37  VAL B CB  1 
ATOM   1048 C  CG1 . VAL B 1 37  ? -3.484  17.823  1.472   1.00 31.65 ? 37  VAL B CG1 1 
ATOM   1049 C  CG2 . VAL B 1 37  ? -1.945  17.128  3.321   1.00 31.08 ? 37  VAL B CG2 1 
ATOM   1050 N  N   . GLU B 1 38  ? -5.962  15.226  1.444   1.00 31.58 ? 38  GLU B N   1 
ATOM   1051 C  CA  . GLU B 1 38  ? -6.672  14.782  0.240   1.00 32.06 ? 38  GLU B CA  1 
ATOM   1052 C  C   . GLU B 1 38  ? -7.383  15.945  -0.437  1.00 33.03 ? 38  GLU B C   1 
ATOM   1053 O  O   . GLU B 1 38  ? -8.438  16.405  0.023   1.00 33.16 ? 38  GLU B O   1 
ATOM   1054 C  CB  . GLU B 1 38  ? -7.640  13.640  0.518   1.00 31.63 ? 38  GLU B CB  1 
ATOM   1055 C  CG  . GLU B 1 38  ? -8.024  12.927  -0.765  1.00 30.45 ? 38  GLU B CG  1 
ATOM   1056 C  CD  . GLU B 1 38  ? -8.937  11.751  -0.541  1.00 29.10 ? 38  GLU B CD  1 
ATOM   1057 O  OE1 . GLU B 1 38  ? -9.632  11.722  0.497   1.00 26.15 ? 38  GLU B OE1 1 
ATOM   1058 O  OE2 . GLU B 1 38  ? -8.977  10.873  -1.431  1.00 28.52 ? 38  GLU B OE2 1 
ATOM   1059 N  N   . ALA B 1 39  ? -6.800  16.387  -1.549  1.00 33.89 ? 39  ALA B N   1 
ATOM   1060 C  CA  . ALA B 1 39  ? -7.115  17.666  -2.142  1.00 34.45 ? 39  ALA B CA  1 
ATOM   1061 C  C   . ALA B 1 39  ? -8.614  17.826  -2.377  1.00 34.76 ? 39  ALA B C   1 
ATOM   1062 O  O   . ALA B 1 39  ? -9.203  17.044  -3.118  1.00 34.38 ? 39  ALA B O   1 
ATOM   1063 C  CB  . ALA B 1 39  ? -6.323  17.859  -3.442  1.00 34.92 ? 39  ALA B CB  1 
ATOM   1064 N  N   . GLY B 1 40  ? -9.247  18.784  -1.690  1.00 34.86 ? 40  GLY B N   1 
ATOM   1065 C  CA  . GLY B 1 40  ? -8.652  19.506  -0.564  1.00 35.43 ? 40  GLY B CA  1 
ATOM   1066 C  C   . GLY B 1 40  ? -7.703  20.638  -0.900  1.00 35.94 ? 40  GLY B C   1 
ATOM   1067 O  O   . GLY B 1 40  ? -6.571  20.665  -0.411  1.00 36.52 ? 40  GLY B O   1 
ATOM   1068 N  N   . ARG B 1 43  ? -7.635  15.009  6.427   1.00 35.64 ? 43  ARG B N   1 
ATOM   1069 C  CA  . ARG B 1 43  ? -8.617  13.982  6.749   1.00 35.41 ? 43  ARG B CA  1 
ATOM   1070 C  C   . ARG B 1 43  ? -7.962  12.810  7.462   1.00 35.06 ? 43  ARG B C   1 
ATOM   1071 O  O   . ARG B 1 43  ? -6.752  12.622  7.372   1.00 35.15 ? 43  ARG B O   1 
ATOM   1072 C  CB  . ARG B 1 43  ? -9.317  13.489  5.488   1.00 35.48 ? 43  ARG B CB  1 
ATOM   1073 C  CG  . ARG B 1 43  ? -8.387  12.913  4.436   1.00 36.25 ? 43  ARG B CG  1 
ATOM   1074 C  CD  . ARG B 1 43  ? -9.080  11.794  3.697   1.00 37.84 ? 43  ARG B CD  1 
ATOM   1075 N  NE  . ARG B 1 43  ? -9.156  10.581  4.510   1.00 39.20 ? 43  ARG B NE  1 
ATOM   1076 C  CZ  . ARG B 1 43  ? -9.692  9.432   4.105   1.00 39.64 ? 43  ARG B CZ  1 
ATOM   1077 N  NH1 . ARG B 1 43  ? -10.216 9.329   2.892   1.00 40.43 ? 43  ARG B NH1 1 
ATOM   1078 N  NH2 . ARG B 1 43  ? -9.704  8.381   4.919   1.00 39.31 ? 43  ARG B NH2 1 
ATOM   1079 N  N   . ARG B 1 44  ? -8.776  12.008  8.140   1.00 34.51 ? 44  ARG B N   1 
ATOM   1080 C  CA  . ARG B 1 44  ? -8.278  10.926  8.983   1.00 34.10 ? 44  ARG B CA  1 
ATOM   1081 C  C   . ARG B 1 44  ? -8.176  9.607   8.221   1.00 33.21 ? 44  ARG B C   1 
ATOM   1082 O  O   . ARG B 1 44  ? -9.114  9.214   7.522   1.00 33.52 ? 44  ARG B O   1 
ATOM   1083 C  CB  . ARG B 1 44  ? -9.209  10.770  10.185  1.00 34.39 ? 44  ARG B CB  1 
ATOM   1084 C  CG  . ARG B 1 44  ? -8.655  9.975   11.348  1.00 35.82 ? 44  ARG B CG  1 
ATOM   1085 C  CD  . ARG B 1 44  ? -9.673  9.937   12.492  1.00 37.82 ? 44  ARG B CD  1 
ATOM   1086 N  NE  . ARG B 1 44  ? -9.787  11.219  13.189  1.00 38.63 ? 44  ARG B NE  1 
ATOM   1087 C  CZ  . ARG B 1 44  ? -10.782 12.092  13.037  1.00 40.02 ? 44  ARG B CZ  1 
ATOM   1088 N  NH1 . ARG B 1 44  ? -11.785 11.847  12.199  1.00 40.44 ? 44  ARG B NH1 1 
ATOM   1089 N  NH2 . ARG B 1 44  ? -10.772 13.225  13.728  1.00 40.24 ? 44  ARG B NH2 1 
ATOM   1090 N  N   . VAL B 1 45  ? -7.041  8.924   8.366   1.00 31.85 ? 45  VAL B N   1 
ATOM   1091 C  CA  . VAL B 1 45  ? -6.893  7.568   7.845   1.00 30.67 ? 45  VAL B CA  1 
ATOM   1092 C  C   . VAL B 1 45  ? -6.536  6.602   8.977   1.00 30.11 ? 45  VAL B C   1 
ATOM   1093 O  O   . VAL B 1 45  ? -5.645  6.878   9.780   1.00 29.49 ? 45  VAL B O   1 
ATOM   1094 C  CB  . VAL B 1 45  ? -5.898  7.490   6.626   1.00 30.75 ? 45  VAL B CB  1 
ATOM   1095 C  CG1 . VAL B 1 45  ? -4.587  8.209   6.918   1.00 31.13 ? 45  VAL B CG1 1 
ATOM   1096 C  CG2 . VAL B 1 45  ? -5.622  6.044   6.223   1.00 30.43 ? 45  VAL B CG2 1 
ATOM   1097 N  N   . GLU B 1 46  ? -7.282  5.502   9.071   1.00 29.77 ? 46  GLU B N   1 
ATOM   1098 C  CA  . GLU B 1 46  ? -6.916  4.384   9.937   1.00 29.58 ? 46  GLU B CA  1 
ATOM   1099 C  C   . GLU B 1 46  ? -6.848  3.104   9.102   1.00 28.53 ? 46  GLU B C   1 
ATOM   1100 O  O   . GLU B 1 46  ? -7.854  2.671   8.523   1.00 28.21 ? 46  GLU B O   1 
ATOM   1101 C  CB  . GLU B 1 46  ? -7.863  4.247   11.150  1.00 30.18 ? 46  GLU B CB  1 
ATOM   1102 C  CG  . GLU B 1 46  ? -9.283  3.688   10.889  1.00 33.61 ? 46  GLU B CG  1 
ATOM   1103 C  CD  . GLU B 1 46  ? -10.176 3.694   12.140  1.00 38.36 ? 46  GLU B CD  1 
ATOM   1104 O  OE1 . GLU B 1 46  ? -9.755  4.229   13.196  1.00 39.90 ? 46  GLU B OE1 1 
ATOM   1105 O  OE2 . GLU B 1 46  ? -11.307 3.159   12.072  1.00 40.13 ? 46  GLU B OE2 1 
ATOM   1106 N  N   . LEU B 1 47  ? -5.658  2.511   9.047   1.00 26.51 ? 47  LEU B N   1 
ATOM   1107 C  CA  . LEU B 1 47  ? -5.398  1.357   8.194   1.00 25.31 ? 47  LEU B CA  1 
ATOM   1108 C  C   . LEU B 1 47  ? -4.790  0.183   8.964   1.00 25.00 ? 47  LEU B C   1 
ATOM   1109 O  O   . LEU B 1 47  ? -3.786  0.360   9.648   1.00 24.47 ? 47  LEU B O   1 
ATOM   1110 C  CB  . LEU B 1 47  ? -4.438  1.776   7.072   1.00 25.48 ? 47  LEU B CB  1 
ATOM   1111 C  CG  . LEU B 1 47  ? -3.872  0.692   6.141   1.00 25.78 ? 47  LEU B CG  1 
ATOM   1112 C  CD1 . LEU B 1 47  ? -4.930  0.206   5.158   1.00 23.66 ? 47  LEU B CD1 1 
ATOM   1113 C  CD2 . LEU B 1 47  ? -2.638  1.216   5.393   1.00 24.75 ? 47  LEU B CD2 1 
ATOM   1114 N  N   . THR B 1 48  ? -5.395  -1.002  8.847   1.00 23.93 ? 48  THR B N   1 
ATOM   1115 C  CA  . THR B 1 48  ? -4.802  -2.225  9.392   1.00 24.09 ? 48  THR B CA  1 
ATOM   1116 C  C   . THR B 1 48  ? -4.258  -3.082  8.238   1.00 24.00 ? 48  THR B C   1 
ATOM   1117 O  O   . THR B 1 48  ? -4.954  -3.312  7.246   1.00 23.53 ? 48  THR B O   1 
ATOM   1118 C  CB  . THR B 1 48  ? -5.822  -3.004  10.267  1.00 24.03 ? 48  THR B CB  1 
ATOM   1119 O  OG1 . THR B 1 48  ? -6.167  -2.202  11.404  1.00 23.88 ? 48  THR B OG1 1 
ATOM   1120 C  CG2 . THR B 1 48  ? -5.236  -4.308  10.771  1.00 25.12 ? 48  THR B CG2 1 
ATOM   1121 N  N   . ILE B 1 49  ? -3.005  -3.524  8.353   1.00 23.45 ? 49  ILE B N   1 
ATOM   1122 C  CA  . ILE B 1 49  ? -2.363  -4.255  7.259   1.00 23.09 ? 49  ILE B CA  1 
ATOM   1123 C  C   . ILE B 1 49  ? -1.441  -5.360  7.780   1.00 23.15 ? 49  ILE B C   1 
ATOM   1124 O  O   . ILE B 1 49  ? -0.690  -5.148  8.740   1.00 22.56 ? 49  ILE B O   1 
ATOM   1125 C  CB  . ILE B 1 49  ? -1.601  -3.278  6.311   1.00 23.38 ? 49  ILE B CB  1 
ATOM   1126 C  CG1 . ILE B 1 49  ? -1.116  -3.992  5.035   1.00 23.78 ? 49  ILE B CG1 1 
ATOM   1127 C  CG2 . ILE B 1 49  ? -0.454  -2.560  7.047   1.00 21.79 ? 49  ILE B CG2 1 
ATOM   1128 C  CD1 . ILE B 1 49  ? -0.899  -3.075  3.862   1.00 25.13 ? 49  ILE B CD1 1 
ATOM   1129 N  N   . SER B 1 50  ? -1.515  -6.538  7.157   1.00 22.85 ? 50  SER B N   1 
ATOM   1130 C  CA  . SER B 1 50  ? -0.577  -7.627  7.452   1.00 23.42 ? 50  SER B CA  1 
ATOM   1131 C  C   . SER B 1 50  ? 0.733   -7.367  6.741   1.00 22.98 ? 50  SER B C   1 
ATOM   1132 O  O   . SER B 1 50  ? 0.758   -6.922  5.598   1.00 22.72 ? 50  SER B O   1 
ATOM   1133 C  CB  . SER B 1 50  ? -1.116  -8.989  7.009   1.00 23.49 ? 50  SER B CB  1 
ATOM   1134 O  OG  . SER B 1 50  ? -2.328  -9.294  7.665   1.00 26.87 ? 50  SER B OG  1 
ATOM   1135 N  N   . ALA B 1 51  ? 1.824   -7.672  7.422   1.00 23.11 ? 51  ALA B N   1 
ATOM   1136 C  CA  . ALA B 1 51  ? 3.143   -7.457  6.879   1.00 23.12 ? 51  ALA B CA  1 
ATOM   1137 C  C   . ALA B 1 51  ? 3.958   -8.736  7.059   1.00 23.38 ? 51  ALA B C   1 
ATOM   1138 O  O   . ALA B 1 51  ? 3.760   -9.470  8.029   1.00 24.17 ? 51  ALA B O   1 
ATOM   1139 C  CB  . ALA B 1 51  ? 3.803   -6.279  7.574   1.00 23.13 ? 51  ALA B CB  1 
ATOM   1140 N  N   . VAL B 1 52  ? 4.843   -9.019  6.107   1.00 22.99 ? 52  VAL B N   1 
ATOM   1141 C  CA  . VAL B 1 52  ? 5.717   -10.194 6.202   1.00 22.09 ? 52  VAL B CA  1 
ATOM   1142 C  C   . VAL B 1 52  ? 7.154   -9.780  5.897   1.00 21.50 ? 52  VAL B C   1 
ATOM   1143 O  O   . VAL B 1 52  ? 7.415   -9.049  4.936   1.00 19.72 ? 52  VAL B O   1 
ATOM   1144 C  CB  . VAL B 1 52  ? 5.231   -11.385 5.287   1.00 22.24 ? 52  VAL B CB  1 
ATOM   1145 C  CG1 . VAL B 1 52  ? 5.088   -10.958 3.831   1.00 23.21 ? 52  VAL B CG1 1 
ATOM   1146 C  CG2 . VAL B 1 52  ? 6.166   -12.594 5.382   1.00 22.81 ? 52  VAL B CG2 1 
ATOM   1147 N  N   . ALA B 1 53  ? 8.070   -10.253 6.739   1.00 20.52 ? 53  ALA B N   1 
ATOM   1148 C  CA  . ALA B 1 53  ? 9.486   -10.035 6.560   1.00 20.73 ? 53  ALA B CA  1 
ATOM   1149 C  C   . ALA B 1 53  ? 10.112  -11.400 6.304   1.00 20.69 ? 53  ALA B C   1 
ATOM   1150 O  O   . ALA B 1 53  ? 9.701   -12.397 6.913   1.00 20.26 ? 53  ALA B O   1 
ATOM   1151 C  CB  . ALA B 1 53  ? 10.087  -9.403  7.813   1.00 20.37 ? 53  ALA B CB  1 
ATOM   1152 N  N   . LEU B 1 54  ? 11.076  -11.440 5.391   1.00 20.85 ? 54  LEU B N   1 
ATOM   1153 C  CA  . LEU B 1 54  ? 11.795  -12.675 5.078   1.00 21.36 ? 54  LEU B CA  1 
ATOM   1154 C  C   . LEU B 1 54  ? 13.277  -12.488 5.332   1.00 21.70 ? 54  LEU B C   1 
ATOM   1155 O  O   . LEU B 1 54  ? 13.790  -11.369 5.261   1.00 22.71 ? 54  LEU B O   1 
ATOM   1156 C  CB  . LEU B 1 54  ? 11.562  -13.115 3.619   1.00 21.42 ? 54  LEU B CB  1 
ATOM   1157 C  CG  . LEU B 1 54  ? 10.166  -13.460 3.106   1.00 21.53 ? 54  LEU B CG  1 
ATOM   1158 C  CD1 . LEU B 1 54  ? 10.276  -14.122 1.735   1.00 23.15 ? 54  LEU B CD1 1 
ATOM   1159 C  CD2 . LEU B 1 54  ? 9.407   -14.348 4.055   1.00 22.26 ? 54  LEU B CD2 1 
ATOM   1160 N  N   . GLY B 1 55  ? 13.957  -13.587 5.636   1.00 21.30 ? 55  GLY B N   1 
ATOM   1161 C  CA  . GLY B 1 55  ? 15.395  -13.576 5.799   1.00 21.18 ? 55  GLY B CA  1 
ATOM   1162 C  C   . GLY B 1 55  ? 15.849  -12.883 7.060   1.00 20.95 ? 55  GLY B C   1 
ATOM   1163 O  O   . GLY B 1 55  ? 15.275  -13.078 8.145   1.00 20.92 ? 55  GLY B O   1 
ATOM   1164 N  N   . ASP B 1 56  ? 16.876  -12.057 6.901   1.00 20.74 ? 56  ASP B N   1 
ATOM   1165 C  CA  . ASP B 1 56  ? 17.520  -11.380 8.022   1.00 20.67 ? 56  ASP B CA  1 
ATOM   1166 C  C   . ASP B 1 56  ? 16.609  -10.378 8.733   1.00 19.55 ? 56  ASP B C   1 
ATOM   1167 O  O   . ASP B 1 56  ? 16.695  -10.239 9.952   1.00 19.33 ? 56  ASP B O   1 
ATOM   1168 C  CB  . ASP B 1 56  ? 18.817  -10.710 7.558   1.00 20.99 ? 56  ASP B CB  1 
ATOM   1169 C  CG  . ASP B 1 56  ? 19.938  -11.713 7.290   1.00 23.65 ? 56  ASP B CG  1 
ATOM   1170 O  OD1 . ASP B 1 56  ? 19.729  -12.933 7.492   1.00 26.28 ? 56  ASP B OD1 1 
ATOM   1171 O  OD2 . ASP B 1 56  ? 21.031  -11.277 6.864   1.00 23.24 ? 56  ASP B OD2 1 
ATOM   1172 N  N   . LEU B 1 57  ? 15.734  -9.700  7.981   1.00 18.41 ? 57  LEU B N   1 
ATOM   1173 C  CA  . LEU B 1 57  ? 14.750  -8.785  8.585   1.00 17.73 ? 57  LEU B CA  1 
ATOM   1174 C  C   . LEU B 1 57  ? 13.745  -9.531  9.460   1.00 17.00 ? 57  LEU B C   1 
ATOM   1175 O  O   . LEU B 1 57  ? 13.330  -9.032  10.505  1.00 16.78 ? 57  LEU B O   1 
ATOM   1176 C  CB  . LEU B 1 57  ? 14.020  -7.967  7.524   1.00 17.67 ? 57  LEU B CB  1 
ATOM   1177 C  CG  . LEU B 1 57  ? 13.232  -6.744  8.007   1.00 18.65 ? 57  LEU B CG  1 
ATOM   1178 C  CD1 . LEU B 1 57  ? 14.071  -5.826  8.914   1.00 20.51 ? 57  LEU B CD1 1 
ATOM   1179 C  CD2 . LEU B 1 57  ? 12.744  -5.992  6.790   1.00 18.92 ? 57  LEU B CD2 1 
ATOM   1180 N  N   . ALA B 1 58  ? 13.370  -10.735 9.047   1.00 16.89 ? 58  ALA B N   1 
ATOM   1181 C  CA  . ALA B 1 58  ? 12.527  -11.589 9.869   1.00 17.60 ? 58  ALA B CA  1 
ATOM   1182 C  C   . ALA B 1 58  ? 13.223  -11.902 11.201  1.00 18.01 ? 58  ALA B C   1 
ATOM   1183 O  O   . ALA B 1 58  ? 12.613  -11.803 12.269  1.00 18.09 ? 58  ALA B O   1 
ATOM   1184 C  CB  . ALA B 1 58  ? 12.167  -12.878 9.122   1.00 17.64 ? 58  ALA B CB  1 
ATOM   1185 N  N   . LEU B 1 59  ? 14.504  -12.266 11.144  1.00 18.98 ? 59  LEU B N   1 
ATOM   1186 C  CA  . LEU B 1 59  ? 15.238  -12.553 12.373  1.00 19.27 ? 59  LEU B CA  1 
ATOM   1187 C  C   . LEU B 1 59  ? 15.315  -11.309 13.271  1.00 19.55 ? 59  LEU B C   1 
ATOM   1188 O  O   . LEU B 1 59  ? 15.087  -11.395 14.483  1.00 19.08 ? 59  LEU B O   1 
ATOM   1189 C  CB  . LEU B 1 59  ? 16.631  -13.131 12.073  1.00 19.92 ? 59  LEU B CB  1 
ATOM   1190 C  CG  . LEU B 1 59  ? 16.688  -14.381 11.175  1.00 20.14 ? 59  LEU B CG  1 
ATOM   1191 C  CD1 . LEU B 1 59  ? 18.115  -14.660 10.719  1.00 20.73 ? 59  LEU B CD1 1 
ATOM   1192 C  CD2 . LEU B 1 59  ? 16.104  -15.604 11.871  1.00 21.23 ? 59  LEU B CD2 1 
ATOM   1193 N  N   . LEU B 1 60  ? 15.600  -10.153 12.674  1.00 19.94 ? 60  LEU B N   1 
ATOM   1194 C  CA  . LEU B 1 60  ? 15.640  -8.884  13.420  1.00 21.00 ? 60  LEU B CA  1 
ATOM   1195 C  C   . LEU B 1 60  ? 14.308  -8.525  14.083  1.00 21.53 ? 60  LEU B C   1 
ATOM   1196 O  O   . LEU B 1 60  ? 14.289  -8.009  15.200  1.00 21.77 ? 60  LEU B O   1 
ATOM   1197 C  CB  . LEU B 1 60  ? 16.097  -7.734  12.526  1.00 21.09 ? 60  LEU B CB  1 
ATOM   1198 C  CG  . LEU B 1 60  ? 17.539  -7.778  12.010  1.00 22.83 ? 60  LEU B CG  1 
ATOM   1199 C  CD1 . LEU B 1 60  ? 17.782  -6.731  10.921  1.00 25.03 ? 60  LEU B CD1 1 
ATOM   1200 C  CD2 . LEU B 1 60  ? 18.580  -7.636  13.145  1.00 24.17 ? 60  LEU B CD2 1 
ATOM   1201 N  N   . LEU B 1 61  ? 13.197  -8.792  13.397  1.00 21.58 ? 61  LEU B N   1 
ATOM   1202 C  CA  A LEU B 1 61  ? 11.808  -8.303  13.885  0.00 20.00 ? 61  LEU B CA  1 
ATOM   1203 C  CA  B LEU B 1 61  ? 11.863  -8.429  13.917  1.00 21.67 ? 61  LEU B CA  1 
ATOM   1204 C  C   . LEU B 1 61  ? 11.250  -9.462  14.851  1.00 21.67 ? 61  LEU B C   1 
ATOM   1205 O  O   . LEU B 1 61  ? 10.176  -9.227  15.418  1.00 22.02 ? 61  LEU B O   1 
ATOM   1206 C  CB  A LEU B 1 61  ? 10.824  -8.054  12.750  0.00 20.00 ? 61  LEU B CB  1 
ATOM   1207 C  CB  B LEU B 1 61  ? 10.887  -8.137  12.781  1.00 21.16 ? 61  LEU B CB  1 
ATOM   1208 C  CG  A LEU B 1 61  ? 10.842  -6.643  12.157  0.00 20.00 ? 61  LEU B CG  1 
ATOM   1209 C  CG  B LEU B 1 61  ? 11.169  -6.998  11.799  1.00 22.72 ? 61  LEU B CG  1 
ATOM   1210 C  CD1 A LEU B 1 61  ? 12.259  -6.299  11.718  0.00 20.00 ? 61  LEU B CD1 1 
ATOM   1211 C  CD1 B LEU B 1 61  ? 10.047  -6.967  10.773  1.00 23.59 ? 61  LEU B CD1 1 
ATOM   1212 C  CD2 A LEU B 1 61  ? 9.885   -6.563  10.976  0.00 20.00 ? 61  LEU B CD2 1 
ATOM   1213 C  CD2 B LEU B 1 61  ? 11.316  -5.650  12.481  1.00 23.39 ? 61  LEU B CD2 1 
ATOM   1214 N  N   . ALA B 1 62  ? 11.906  -10.614 14.999  1.00 21.52 ? 62  ALA B N   1 
ATOM   1215 C  CA  . ALA B 1 62  ? 11.437  -11.636 15.933  1.00 21.71 ? 62  ALA B CA  1 
ATOM   1216 C  C   . ALA B 1 62  ? 11.167  -11.021 17.310  1.00 21.64 ? 62  ALA B C   1 
ATOM   1217 O  O   . ALA B 1 62  ? 11.966  -10.228 17.806  1.00 21.62 ? 62  ALA B O   1 
ATOM   1218 C  CB  . ALA B 1 62  ? 12.468  -12.759 16.052  1.00 21.94 ? 62  ALA B CB  1 
ATOM   1219 N  N   . ASP B 1 63  ? 10.034  -11.376 17.912  1.00 21.68 ? 63  ASP B N   1 
ATOM   1220 C  CA  . ASP B 1 63  ? 9.711   -10.965 19.292  1.00 22.42 ? 63  ASP B CA  1 
ATOM   1221 C  C   . ASP B 1 63  ? 9.602   -9.446  19.506  1.00 21.91 ? 63  ASP B C   1 
ATOM   1222 O  O   . ASP B 1 63  ? 9.859   -8.953  20.603  1.00 21.95 ? 63  ASP B O   1 
ATOM   1223 C  CB  . ASP B 1 63  ? 10.702  -11.581 20.296  1.00 22.99 ? 63  ASP B CB  1 
ATOM   1224 C  CG  . ASP B 1 63  ? 10.854  -13.083 20.122  1.00 25.01 ? 63  ASP B CG  1 
ATOM   1225 O  OD1 . ASP B 1 63  ? 9.824   -13.772 19.983  1.00 27.93 ? 63  ASP B OD1 1 
ATOM   1226 O  OD2 . ASP B 1 63  ? 12.004  -13.577 20.131  1.00 29.86 ? 63  ASP B OD2 1 
ATOM   1227 N  N   . THR B 1 64  ? 9.223   -8.707  18.462  1.00 21.14 ? 64  THR B N   1 
ATOM   1228 C  CA  . THR B 1 64  ? 8.926   -7.275  18.611  1.00 20.70 ? 64  THR B CA  1 
ATOM   1229 C  C   . THR B 1 64  ? 7.768   -7.130  19.601  1.00 20.20 ? 64  THR B C   1 
ATOM   1230 O  O   . THR B 1 64  ? 6.711   -7.736  19.400  1.00 20.19 ? 64  THR B O   1 
ATOM   1231 C  CB  . THR B 1 64  ? 8.534   -6.613  17.252  1.00 21.09 ? 64  THR B CB  1 
ATOM   1232 O  OG1 . THR B 1 64  ? 9.583   -6.810  16.296  1.00 20.38 ? 64  THR B OG1 1 
ATOM   1233 C  CG2 . THR B 1 64  ? 8.321   -5.117  17.426  1.00 20.00 ? 64  THR B CG2 1 
ATOM   1234 N  N   . PRO B 1 65  ? 7.964   -6.361  20.698  1.00 20.13 ? 65  PRO B N   1 
ATOM   1235 C  CA  . PRO B 1 65  ? 6.862   -6.211  21.656  1.00 19.64 ? 65  PRO B CA  1 
ATOM   1236 C  C   . PRO B 1 65  ? 5.610   -5.658  20.995  1.00 19.02 ? 65  PRO B C   1 
ATOM   1237 O  O   . PRO B 1 65  ? 5.703   -4.806  20.115  1.00 18.37 ? 65  PRO B O   1 
ATOM   1238 C  CB  . PRO B 1 65  ? 7.413   -5.207  22.680  1.00 19.14 ? 65  PRO B CB  1 
ATOM   1239 C  CG  . PRO B 1 65  ? 8.890   -5.377  22.602  1.00 20.27 ? 65  PRO B CG  1 
ATOM   1240 C  CD  . PRO B 1 65  ? 9.167   -5.631  21.136  1.00 19.94 ? 65  PRO B CD  1 
ATOM   1241 N  N   . LEU B 1 66  ? 4.448   -6.161  21.394  1.00 18.99 ? 66  LEU B N   1 
ATOM   1242 C  CA  . LEU B 1 66  ? 3.187   -5.590  20.905  1.00 18.59 ? 66  LEU B CA  1 
ATOM   1243 C  C   . LEU B 1 66  ? 3.099   -4.135  21.360  1.00 17.47 ? 66  LEU B C   1 
ATOM   1244 O  O   . LEU B 1 66  ? 3.453   -3.812  22.491  1.00 17.91 ? 66  LEU B O   1 
ATOM   1245 C  CB  . LEU B 1 66  ? 1.977   -6.385  21.414  1.00 17.93 ? 66  LEU B CB  1 
ATOM   1246 C  CG  . LEU B 1 66  ? 1.926   -7.856  20.982  1.00 19.24 ? 66  LEU B CG  1 
ATOM   1247 C  CD1 . LEU B 1 66  ? 0.611   -8.511  21.374  1.00 20.37 ? 66  LEU B CD1 1 
ATOM   1248 C  CD2 . LEU B 1 66  ? 2.165   -8.029  19.479  1.00 18.99 ? 66  LEU B CD2 1 
ATOM   1249 N  N   . GLY B 1 67  ? 2.651   -3.264  20.466  1.00 16.79 ? 67  GLY B N   1 
ATOM   1250 C  CA  . GLY B 1 67  ? 2.530   -1.838  20.774  1.00 16.09 ? 67  GLY B CA  1 
ATOM   1251 C  C   . GLY B 1 67  ? 3.674   -0.984  20.258  1.00 15.40 ? 67  GLY B C   1 
ATOM   1252 O  O   . GLY B 1 67  ? 3.557   0.237   20.217  1.00 15.31 ? 67  GLY B O   1 
ATOM   1253 N  N   . THR B 1 68  ? 4.771   -1.629  19.870  1.00 14.99 ? 68  THR B N   1 
ATOM   1254 C  CA  . THR B 1 68  ? 5.951   -0.961  19.339  1.00 15.20 ? 68  THR B CA  1 
ATOM   1255 C  C   . THR B 1 68  ? 5.616   -0.110  18.117  1.00 16.31 ? 68  THR B C   1 
ATOM   1256 O  O   . THR B 1 68  ? 4.997   -0.591  17.175  1.00 15.68 ? 68  THR B O   1 
ATOM   1257 C  CB  . THR B 1 68  ? 7.008   -1.991  18.931  1.00 14.73 ? 68  THR B CB  1 
ATOM   1258 O  OG1 . THR B 1 68  ? 7.359   -2.787  20.065  1.00 14.78 ? 68  THR B OG1 1 
ATOM   1259 C  CG2 . THR B 1 68  ? 8.261   -1.318  18.363  1.00 15.80 ? 68  THR B CG2 1 
ATOM   1260 N  N   . GLU B 1 69  ? 6.015   1.156   18.142  1.00 16.64 ? 69  GLU B N   1 
ATOM   1261 C  CA  . GLU B 1 69  ? 5.775   2.005   16.985  1.00 18.47 ? 69  GLU B CA  1 
ATOM   1262 C  C   . GLU B 1 69  ? 6.955   1.937   16.022  1.00 18.70 ? 69  GLU B C   1 
ATOM   1263 O  O   . GLU B 1 69  ? 8.108   1.850   16.444  1.00 18.63 ? 69  GLU B O   1 
ATOM   1264 C  CB  . GLU B 1 69  ? 5.409   3.431   17.405  1.00 19.05 ? 69  GLU B CB  1 
ATOM   1265 C  CG  . GLU B 1 69  ? 4.128   3.454   18.256  1.00 21.66 ? 69  GLU B CG  1 
ATOM   1266 C  CD  . GLU B 1 69  ? 3.323   4.736   18.161  1.00 24.45 ? 69  GLU B CD  1 
ATOM   1267 O  OE1 . GLU B 1 69  ? 3.913   5.840   18.110  1.00 26.20 ? 69  GLU B OE1 1 
ATOM   1268 O  OE2 . GLU B 1 69  ? 2.078   4.638   18.181  1.00 24.08 ? 69  GLU B OE2 1 
HETATM 1269 N  N   . MSE B 1 70  ? 6.660   1.957   14.724  1.00 19.35 ? 70  MSE B N   1 
HETATM 1270 C  CA  . MSE B 1 70  ? 7.684   1.683   13.708  1.00 21.37 ? 70  MSE B CA  1 
HETATM 1271 C  C   . MSE B 1 70  ? 7.503   2.516   12.444  1.00 20.78 ? 70  MSE B C   1 
HETATM 1272 O  O   . MSE B 1 70  ? 6.408   2.984   12.146  1.00 20.39 ? 70  MSE B O   1 
HETATM 1273 C  CB  . MSE B 1 70  ? 7.684   0.195   13.323  1.00 22.22 ? 70  MSE B CB  1 
HETATM 1274 C  CG  . MSE B 1 70  ? 7.999   -0.773  14.457  1.00 27.06 ? 70  MSE B CG  1 
HETATM 1275 SE SE  . MSE B 1 70  ? 8.259   -2.604  13.833  1.00 39.58 ? 70  MSE B SE  1 
HETATM 1276 C  CE  . MSE B 1 70  ? 6.523   -2.907  13.032  1.00 33.72 ? 70  MSE B CE  1 
ATOM   1277 N  N   . GLN B 1 71  ? 8.602   2.718   11.723  1.00 20.75 ? 71  GLN B N   1 
ATOM   1278 C  CA  . GLN B 1 71  ? 8.539   3.197   10.349  1.00 20.67 ? 71  GLN B CA  1 
ATOM   1279 C  C   . GLN B 1 71  ? 8.943   2.017   9.494   1.00 20.26 ? 71  GLN B C   1 
ATOM   1280 O  O   . GLN B 1 71  ? 10.022  1.446   9.690   1.00 20.01 ? 71  GLN B O   1 
ATOM   1281 C  CB  . GLN B 1 71  ? 9.497   4.373   10.115  1.00 21.35 ? 71  GLN B CB  1 
ATOM   1282 C  CG  . GLN B 1 71  ? 9.185   5.622   10.925  1.00 24.02 ? 71  GLN B CG  1 
ATOM   1283 C  CD  . GLN B 1 71  ? 7.972   6.366   10.411  1.00 27.41 ? 71  GLN B CD  1 
ATOM   1284 O  OE1 . GLN B 1 71  ? 7.394   6.000   9.389   1.00 29.54 ? 71  GLN B OE1 1 
ATOM   1285 N  NE2 . GLN B 1 71  ? 7.576   7.418   11.121  1.00 28.51 ? 71  GLN B NE2 1 
ATOM   1286 N  N   . VAL B 1 72  ? 8.061   1.615   8.578   1.00 19.71 ? 72  VAL B N   1 
ATOM   1287 C  CA  . VAL B 1 72  ? 8.347   0.494   7.692   1.00 18.69 ? 72  VAL B CA  1 
ATOM   1288 C  C   . VAL B 1 72  ? 8.256   0.895   6.220   1.00 18.48 ? 72  VAL B C   1 
ATOM   1289 O  O   . VAL B 1 72  ? 7.608   1.888   5.869   1.00 17.91 ? 72  VAL B O   1 
ATOM   1290 C  CB  . VAL B 1 72  ? 7.396   -0.689  7.947   1.00 18.56 ? 72  VAL B CB  1 
ATOM   1291 C  CG1 . VAL B 1 72  ? 7.582   -1.244  9.378   1.00 17.64 ? 72  VAL B CG1 1 
ATOM   1292 C  CG2 . VAL B 1 72  ? 5.951   -0.278  7.690   1.00 19.70 ? 72  VAL B CG2 1 
ATOM   1293 N  N   . GLN B 1 73  ? 8.904   0.100   5.372   1.00 18.17 ? 73  GLN B N   1 
ATOM   1294 C  CA  . GLN B 1 73  ? 8.868   0.293   3.930   1.00 18.60 ? 73  GLN B CA  1 
ATOM   1295 C  C   . GLN B 1 73  ? 8.907   -1.067  3.254   1.00 18.33 ? 73  GLN B C   1 
ATOM   1296 O  O   . GLN B 1 73  ? 9.574   -1.988  3.725   1.00 17.71 ? 73  GLN B O   1 
ATOM   1297 C  CB  . GLN B 1 73  ? 10.059  1.151   3.469   1.00 18.99 ? 73  GLN B CB  1 
ATOM   1298 C  CG  . GLN B 1 73  ? 10.095  1.445   1.949   1.00 20.97 ? 73  GLN B CG  1 
ATOM   1299 C  CD  . GLN B 1 73  ? 10.761  0.338   1.143   1.00 24.53 ? 73  GLN B CD  1 
ATOM   1300 O  OE1 . GLN B 1 73  ? 11.684  -0.330  1.623   1.00 25.87 ? 73  GLN B OE1 1 
ATOM   1301 N  NE2 . GLN B 1 73  ? 10.299  0.141   -0.092  1.00 26.08 ? 73  GLN B NE2 1 
ATOM   1302 N  N   . GLY B 1 74  ? 8.176   -1.203  2.155   1.00 18.98 ? 74  GLY B N   1 
ATOM   1303 C  CA  . GLY B 1 74  ? 8.289   -2.422  1.346   1.00 19.59 ? 74  GLY B CA  1 
ATOM   1304 C  C   . GLY B 1 74  ? 7.354   -2.395  0.166   1.00 20.06 ? 74  GLY B C   1 
ATOM   1305 O  O   . GLY B 1 74  ? 6.770   -1.354  -0.147  1.00 20.39 ? 74  GLY B O   1 
ATOM   1306 N  N   . PHE B 1 75  ? 7.180   -3.546  -0.472  1.00 20.44 ? 75  PHE B N   1 
ATOM   1307 C  CA  . PHE B 1 75  ? 6.269   -3.625  -1.613  1.00 20.42 ? 75  PHE B CA  1 
ATOM   1308 C  C   . PHE B 1 75  ? 4.951   -4.295  -1.253  1.00 20.79 ? 75  PHE B C   1 
ATOM   1309 O  O   . PHE B 1 75  ? 4.894   -5.155  -0.379  1.00 20.74 ? 75  PHE B O   1 
ATOM   1310 C  CB  . PHE B 1 75  ? 6.930   -4.289  -2.835  1.00 20.31 ? 75  PHE B CB  1 
ATOM   1311 C  CG  . PHE B 1 75  ? 7.290   -5.740  -2.647  1.00 20.06 ? 75  PHE B CG  1 
ATOM   1312 C  CD1 . PHE B 1 75  ? 6.361   -6.745  -2.936  1.00 20.93 ? 75  PHE B CD1 1 
ATOM   1313 C  CD2 . PHE B 1 75  ? 8.557   -6.104  -2.213  1.00 20.66 ? 75  PHE B CD2 1 
ATOM   1314 C  CE1 . PHE B 1 75  ? 6.688   -8.088  -2.784  1.00 21.43 ? 75  PHE B CE1 1 
ATOM   1315 C  CE2 . PHE B 1 75  ? 8.904   -7.456  -2.052  1.00 19.96 ? 75  PHE B CE2 1 
ATOM   1316 C  CZ  . PHE B 1 75  ? 7.964   -8.446  -2.338  1.00 21.72 ? 75  PHE B CZ  1 
ATOM   1317 N  N   . LEU B 1 76  ? 3.892   -3.894  -1.952  1.00 21.40 ? 76  LEU B N   1 
ATOM   1318 C  CA  . LEU B 1 76  ? 2.572   -4.483  -1.768  1.00 21.92 ? 76  LEU B CA  1 
ATOM   1319 C  C   . LEU B 1 76  ? 2.346   -5.654  -2.704  1.00 21.71 ? 76  LEU B C   1 
ATOM   1320 O  O   . LEU B 1 76  ? 2.786   -5.640  -3.863  1.00 21.73 ? 76  LEU B O   1 
ATOM   1321 C  CB  . LEU B 1 76  ? 1.492   -3.425  -2.016  1.00 22.88 ? 76  LEU B CB  1 
ATOM   1322 C  CG  . LEU B 1 76  ? 1.239   -2.344  -0.971  1.00 24.57 ? 76  LEU B CG  1 
ATOM   1323 C  CD1 . LEU B 1 76  ? 0.120   -1.458  -1.485  1.00 26.32 ? 76  LEU B CD1 1 
ATOM   1324 C  CD2 . LEU B 1 76  ? 0.861   -2.968  0.384   1.00 26.18 ? 76  LEU B CD2 1 
ATOM   1325 N  N   . ALA B 1 77  ? 1.642   -6.669  -2.208  1.00 21.25 ? 77  ALA B N   1 
ATOM   1326 C  CA  . ALA B 1 77  ? 1.284   -7.806  -3.023  1.00 21.38 ? 77  ALA B CA  1 
ATOM   1327 C  C   . ALA B 1 77  ? -0.010  -8.393  -2.478  1.00 21.47 ? 77  ALA B C   1 
ATOM   1328 O  O   . ALA B 1 77  ? -0.280  -8.272  -1.280  1.00 21.51 ? 77  ALA B O   1 
ATOM   1329 C  CB  . ALA B 1 77  ? 2.401   -8.860  -3.004  1.00 21.59 ? 77  ALA B CB  1 
ATOM   1330 N  N   . PRO B 1 78  ? -0.823  -9.013  -3.351  1.00 22.13 ? 78  PRO B N   1 
ATOM   1331 C  CA  . PRO B 1 78  ? -2.012  -9.694  -2.814  1.00 22.47 ? 78  PRO B CA  1 
ATOM   1332 C  C   . PRO B 1 78  ? -1.621  -10.817 -1.858  1.00 23.37 ? 78  PRO B C   1 
ATOM   1333 O  O   . PRO B 1 78  ? -0.553  -11.425 -2.012  1.00 22.77 ? 78  PRO B O   1 
ATOM   1334 C  CB  . PRO B 1 78  ? -2.718  -10.256 -4.053  1.00 22.88 ? 78  PRO B CB  1 
ATOM   1335 C  CG  . PRO B 1 78  ? -1.759  -10.105 -5.201  1.00 22.97 ? 78  PRO B CG  1 
ATOM   1336 C  CD  . PRO B 1 78  ? -0.708  -9.105  -4.821  1.00 22.29 ? 78  PRO B CD  1 
ATOM   1337 N  N   . ALA B 1 79  ? -2.474  -11.089 -0.875  1.00 24.21 ? 79  ALA B N   1 
ATOM   1338 C  CA  . ALA B 1 79  ? -2.210  -12.187 0.057   1.00 25.16 ? 79  ALA B CA  1 
ATOM   1339 C  C   . ALA B 1 79  ? -2.196  -13.523 -0.686  1.00 25.70 ? 79  ALA B C   1 
ATOM   1340 O  O   . ALA B 1 79  ? -1.452  -14.412 -0.314  1.00 26.65 ? 79  ALA B O   1 
ATOM   1341 C  CB  . ALA B 1 79  ? -3.227  -12.195 1.203   1.00 25.33 ? 79  ALA B CB  1 
ATOM   1342 N  N   . ARG B 1 80  ? -3.011  -13.636 -1.739  1.00 26.83 ? 80  ARG B N   1 
ATOM   1343 C  CA  . ARG B 1 80  ? -3.073  -14.803 -2.637  1.00 27.05 ? 80  ARG B CA  1 
ATOM   1344 C  C   . ARG B 1 80  ? -3.809  -14.446 -3.934  1.00 27.44 ? 80  ARG B C   1 
ATOM   1345 O  O   . ARG B 1 80  ? -4.327  -13.338 -4.066  1.00 26.95 ? 80  ARG B O   1 
ATOM   1346 C  CB  . ARG B 1 80  ? -3.767  -15.993 -1.959  1.00 27.67 ? 80  ARG B CB  1 
ATOM   1347 C  CG  . ARG B 1 80  ? -5.199  -15.712 -1.502  1.00 28.33 ? 80  ARG B CG  1 
ATOM   1348 C  CD  . ARG B 1 80  ? -5.935  -16.987 -1.106  1.00 31.88 ? 80  ARG B CD  1 
ATOM   1349 N  NE  . ARG B 1 80  ? -6.967  -16.712 -0.109  1.00 33.08 ? 80  ARG B NE  1 
ATOM   1350 C  CZ  . ARG B 1 80  ? -8.066  -17.440 0.060   1.00 34.77 ? 80  ARG B CZ  1 
ATOM   1351 N  NH1 . ARG B 1 80  ? -8.297  -18.503 -0.705  1.00 34.75 ? 80  ARG B NH1 1 
ATOM   1352 N  NH2 . ARG B 1 80  ? -8.938  -17.099 1.002   1.00 35.72 ? 80  ARG B NH2 1 
ATOM   1353 N  N   . LYS B 1 81  ? -3.878  -15.388 -4.883  1.00 27.53 ? 81  LYS B N   1 
ATOM   1354 C  CA  . LYS B 1 81  ? -4.539  -15.148 -6.170  1.00 28.30 ? 81  LYS B CA  1 
ATOM   1355 C  C   . LYS B 1 81  ? -5.977  -14.686 -5.976  1.00 28.52 ? 81  LYS B C   1 
ATOM   1356 O  O   . LYS B 1 81  ? -6.753  -15.330 -5.264  1.00 29.32 ? 81  LYS B O   1 
ATOM   1357 C  CB  . LYS B 1 81  ? -4.512  -16.414 -7.051  1.00 28.45 ? 81  LYS B CB  1 
ATOM   1358 C  CG  . LYS B 1 81  ? -5.514  -16.417 -8.215  1.00 29.62 ? 81  LYS B CG  1 
ATOM   1359 C  CD  . LYS B 1 81  ? -5.278  -17.603 -9.151  1.00 32.14 ? 81  LYS B CD  1 
ATOM   1360 C  CE  . LYS B 1 81  ? -6.231  -17.588 -10.357 1.00 33.62 ? 81  LYS B CE  1 
ATOM   1361 N  NZ  . LYS B 1 81  ? -6.195  -16.277 -11.086 1.00 35.15 ? 81  LYS B NZ  1 
ATOM   1362 N  N   . ASP B 1 82  ? -6.312  -13.569 -6.614  1.00 28.86 ? 82  ASP B N   1 
ATOM   1363 C  CA  . ASP B 1 82  ? -7.650  -12.968 -6.565  1.00 29.22 ? 82  ASP B CA  1 
ATOM   1364 C  C   . ASP B 1 82  ? -8.075  -12.550 -5.161  1.00 28.92 ? 82  ASP B C   1 
ATOM   1365 O  O   . ASP B 1 82  ? -9.246  -12.225 -4.934  1.00 29.66 ? 82  ASP B O   1 
ATOM   1366 C  CB  . ASP B 1 82  ? -8.711  -13.881 -7.196  1.00 29.36 ? 82  ASP B CB  1 
ATOM   1367 C  CG  . ASP B 1 82  ? -8.446  -14.168 -8.670  1.00 30.44 ? 82  ASP B CG  1 
ATOM   1368 O  OD1 . ASP B 1 82  ? -8.064  -13.236 -9.413  1.00 31.75 ? 82  ASP B OD1 1 
ATOM   1369 O  OD2 . ASP B 1 82  ? -8.624  -15.334 -9.079  1.00 32.15 ? 82  ASP B OD2 1 
ATOM   1370 N  N   . SER B 1 83  ? -7.132  -12.542 -4.222  1.00 28.39 ? 83  SER B N   1 
ATOM   1371 C  CA  . SER B 1 83  ? -7.422  -12.015 -2.888  1.00 27.34 ? 83  SER B CA  1 
ATOM   1372 C  C   . SER B 1 83  ? -7.615  -10.509 -2.904  1.00 27.12 ? 83  SER B C   1 
ATOM   1373 O  O   . SER B 1 83  ? -6.949  -9.791  -3.647  1.00 27.24 ? 83  SER B O   1 
ATOM   1374 C  CB  . SER B 1 83  ? -6.340  -12.388 -1.884  1.00 27.24 ? 83  SER B CB  1 
ATOM   1375 O  OG  . SER B 1 83  ? -6.660  -11.850 -0.610  1.00 25.99 ? 83  SER B OG  1 
ATOM   1376 N  N   . VAL B 1 84  ? -8.537  -10.038 -2.072  1.00 26.28 ? 84  VAL B N   1 
ATOM   1377 C  CA  . VAL B 1 84  ? -8.748  -8.610  -1.873  1.00 25.67 ? 84  VAL B CA  1 
ATOM   1378 C  C   . VAL B 1 84  ? -7.808  -8.128  -0.732  1.00 24.94 ? 84  VAL B C   1 
ATOM   1379 O  O   . VAL B 1 84  ? -7.573  -6.932  -0.548  1.00 24.46 ? 84  VAL B O   1 
ATOM   1380 C  CB  . VAL B 1 84  ? -10.254 -8.353  -1.601  1.00 26.09 ? 84  VAL B CB  1 
ATOM   1381 C  CG1 . VAL B 1 84  ? -10.577 -8.319  -0.108  1.00 26.95 ? 84  VAL B CG1 1 
ATOM   1382 C  CG2 . VAL B 1 84  ? -10.726 -7.117  -2.302  1.00 26.82 ? 84  VAL B CG2 1 
ATOM   1383 N  N   . LYS B 1 85  ? -7.279  -9.084  0.029   1.00 23.25 ? 85  LYS B N   1 
ATOM   1384 C  CA  . LYS B 1 85  ? -6.348  -8.787  1.104   1.00 22.45 ? 85  LYS B CA  1 
ATOM   1385 C  C   . LYS B 1 85  ? -4.977  -8.528  0.510   1.00 22.13 ? 85  LYS B C   1 
ATOM   1386 O  O   . LYS B 1 85  ? -4.473  -9.312  -0.293  1.00 21.59 ? 85  LYS B O   1 
ATOM   1387 C  CB  . LYS B 1 85  ? -6.271  -9.966  2.087   1.00 22.55 ? 85  LYS B CB  1 
ATOM   1388 C  CG  . LYS B 1 85  ? -5.516  -9.677  3.382   1.00 22.79 ? 85  LYS B CG  1 
ATOM   1389 C  CD  . LYS B 1 85  ? -5.395  -10.938 4.230   1.00 23.75 ? 85  LYS B CD  1 
ATOM   1390 C  CE  . LYS B 1 85  ? -4.766  -10.633 5.590   1.00 25.87 ? 85  LYS B CE  1 
ATOM   1391 N  NZ  . LYS B 1 85  ? -4.465  -11.890 6.354   1.00 27.13 ? 85  LYS B NZ  1 
ATOM   1392 N  N   . VAL B 1 86  ? -4.376  -7.420  0.910   1.00 22.54 ? 86  VAL B N   1 
ATOM   1393 C  CA  . VAL B 1 86  ? -3.019  -7.122  0.500   1.00 22.88 ? 86  VAL B CA  1 
ATOM   1394 C  C   . VAL B 1 86  ? -2.041  -7.385  1.655   1.00 22.90 ? 86  VAL B C   1 
ATOM   1395 O  O   . VAL B 1 86  ? -2.438  -7.444  2.825   1.00 23.35 ? 86  VAL B O   1 
ATOM   1396 C  CB  . VAL B 1 86  ? -2.890  -5.681  -0.028  1.00 23.58 ? 86  VAL B CB  1 
ATOM   1397 C  CG1 . VAL B 1 86  ? -3.622  -5.543  -1.370  1.00 23.65 ? 86  VAL B CG1 1 
ATOM   1398 C  CG2 . VAL B 1 86  ? -3.417  -4.673  1.007   1.00 24.51 ? 86  VAL B CG2 1 
ATOM   1399 N  N   . LYS B 1 87  ? -0.772  -7.574  1.320   1.00 22.05 ? 87  LYS B N   1 
ATOM   1400 C  CA  . LYS B 1 87  ? 0.249   -7.775  2.331   1.00 21.56 ? 87  LYS B CA  1 
ATOM   1401 C  C   . LYS B 1 87  ? 1.441   -6.922  1.971   1.00 20.61 ? 87  LYS B C   1 
ATOM   1402 O  O   . LYS B 1 87  ? 1.834   -6.851  0.809   1.00 20.30 ? 87  LYS B O   1 
ATOM   1403 C  CB  . LYS B 1 87  ? 0.652   -9.257  2.451   1.00 22.17 ? 87  LYS B CB  1 
ATOM   1404 C  CG  . LYS B 1 87  ? -0.163  -10.023 3.478   1.00 23.97 ? 87  LYS B CG  1 
ATOM   1405 C  CD  . LYS B 1 87  ? 0.174   -11.512 3.521   1.00 27.68 ? 87  LYS B CD  1 
ATOM   1406 C  CE  . LYS B 1 87  ? 1.535   -11.772 4.118   1.00 29.56 ? 87  LYS B CE  1 
ATOM   1407 N  NZ  . LYS B 1 87  ? 1.839   -13.232 4.225   1.00 31.97 ? 87  LYS B NZ  1 
ATOM   1408 N  N   . LEU B 1 88  ? 1.979   -6.249  2.978   1.00 20.02 ? 88  LEU B N   1 
ATOM   1409 C  CA  . LEU B 1 88  ? 3.199   -5.472  2.825   1.00 19.99 ? 88  LEU B CA  1 
ATOM   1410 C  C   . LEU B 1 88  ? 4.371   -6.416  2.999   1.00 19.43 ? 88  LEU B C   1 
ATOM   1411 O  O   . LEU B 1 88  ? 4.534   -7.025  4.061   1.00 19.08 ? 88  LEU B O   1 
ATOM   1412 C  CB  . LEU B 1 88  ? 3.272   -4.340  3.854   1.00 19.83 ? 88  LEU B CB  1 
ATOM   1413 C  CG  . LEU B 1 88  ? 4.567   -3.504  3.910   1.00 21.00 ? 88  LEU B CG  1 
ATOM   1414 C  CD1 . LEU B 1 88  ? 4.866   -2.877  2.568   1.00 22.16 ? 88  LEU B CD1 1 
ATOM   1415 C  CD2 . LEU B 1 88  ? 4.498   -2.429  5.002   1.00 22.60 ? 88  LEU B CD2 1 
ATOM   1416 N  N   . HIS B 1 89  ? 5.177   -6.535  1.950   1.00 18.93 ? 89  HIS B N   1 
ATOM   1417 C  CA  . HIS B 1 89  ? 6.399   -7.313  2.021   1.00 19.37 ? 89  HIS B CA  1 
ATOM   1418 C  C   . HIS B 1 89  ? 7.515   -6.385  2.448   1.00 19.03 ? 89  HIS B C   1 
ATOM   1419 O  O   . HIS B 1 89  ? 8.005   -5.582  1.664   1.00 19.16 ? 89  HIS B O   1 
ATOM   1420 C  CB  . HIS B 1 89  ? 6.674   -8.008  0.693   1.00 19.43 ? 89  HIS B CB  1 
ATOM   1421 C  CG  . HIS B 1 89  ? 5.784   -9.184  0.449   1.00 20.74 ? 89  HIS B CG  1 
ATOM   1422 N  ND1 . HIS B 1 89  ? 4.426   -9.057  0.276   1.00 21.50 ? 89  HIS B ND1 1 
ATOM   1423 C  CD2 . HIS B 1 89  ? 6.051   -10.509 0.384   1.00 20.59 ? 89  HIS B CD2 1 
ATOM   1424 C  CE1 . HIS B 1 89  ? 3.890   -10.256 0.117   1.00 20.23 ? 89  HIS B CE1 1 
ATOM   1425 N  NE2 . HIS B 1 89  ? 4.857   -11.153 0.173   1.00 24.16 ? 89  HIS B NE2 1 
ATOM   1426 N  N   . LEU B 1 90  ? 7.874   -6.486  3.728   1.00 19.12 ? 90  LEU B N   1 
ATOM   1427 C  CA  . LEU B 1 90  ? 8.823   -5.577  4.367   1.00 19.03 ? 90  LEU B CA  1 
ATOM   1428 C  C   . LEU B 1 90  ? 10.222  -5.651  3.769   1.00 19.34 ? 90  LEU B C   1 
ATOM   1429 O  O   . LEU B 1 90  ? 10.800  -6.741  3.642   1.00 18.68 ? 90  LEU B O   1 
ATOM   1430 C  CB  . LEU B 1 90  ? 8.890   -5.861  5.887   1.00 19.09 ? 90  LEU B CB  1 
ATOM   1431 C  CG  . LEU B 1 90  ? 7.559   -5.636  6.631   1.00 20.42 ? 90  LEU B CG  1 
ATOM   1432 C  CD1 . LEU B 1 90  ? 7.585   -6.197  8.052   1.00 19.72 ? 90  LEU B CD1 1 
ATOM   1433 C  CD2 . LEU B 1 90  ? 7.191   -4.161  6.666   1.00 19.50 ? 90  LEU B CD2 1 
ATOM   1434 N  N   . GLN B 1 91  ? 10.771  -4.487  3.422   1.00 19.11 ? 91  GLN B N   1 
ATOM   1435 C  CA  . GLN B 1 91  ? 12.157  -4.396  2.963   1.00 19.45 ? 91  GLN B CA  1 
ATOM   1436 C  C   . GLN B 1 91  ? 13.013  -3.615  3.953   1.00 19.70 ? 91  GLN B C   1 
ATOM   1437 O  O   . GLN B 1 91  ? 14.229  -3.800  4.026   1.00 19.12 ? 91  GLN B O   1 
ATOM   1438 C  CB  . GLN B 1 91  ? 12.229  -3.730  1.592   1.00 20.08 ? 91  GLN B CB  1 
ATOM   1439 C  CG  . GLN B 1 91  ? 11.687  -4.593  0.466   1.00 20.72 ? 91  GLN B CG  1 
ATOM   1440 C  CD  . GLN B 1 91  ? 11.590  -3.836  -0.841  1.00 23.29 ? 91  GLN B CD  1 
ATOM   1441 O  OE1 . GLN B 1 91  ? 11.099  -2.700  -0.884  1.00 24.88 ? 91  GLN B OE1 1 
ATOM   1442 N  NE2 . GLN B 1 91  ? 12.054  -4.457  -1.919  1.00 22.32 ? 91  GLN B NE2 1 
ATOM   1443 N  N   . GLN B 1 92  ? 12.365  -2.726  4.695   1.00 19.67 ? 92  GLN B N   1 
ATOM   1444 C  CA  . GLN B 1 92  ? 13.007  -1.983  5.769   1.00 20.58 ? 92  GLN B CA  1 
ATOM   1445 C  C   . GLN B 1 92  ? 12.008  -1.854  6.910   1.00 20.12 ? 92  GLN B C   1 
ATOM   1446 O  O   . GLN B 1 92  ? 10.799  -1.716  6.682   1.00 20.13 ? 92  GLN B O   1 
ATOM   1447 C  CB  . GLN B 1 92  ? 13.420  -0.586  5.305   1.00 20.78 ? 92  GLN B CB  1 
ATOM   1448 C  CG  . GLN B 1 92  ? 14.448  -0.528  4.197   1.00 23.69 ? 92  GLN B CG  1 
ATOM   1449 C  CD  . GLN B 1 92  ? 14.659  0.883   3.686   1.00 27.13 ? 92  GLN B CD  1 
ATOM   1450 O  OE1 . GLN B 1 92  ? 13.837  1.412   2.939   1.00 29.92 ? 92  GLN B OE1 1 
ATOM   1451 N  NE2 . GLN B 1 92  ? 15.765  1.497   4.077   1.00 29.15 ? 92  GLN B NE2 1 
ATOM   1452 N  N   . ALA B 1 93  ? 12.523  -1.918  8.135   1.00 20.28 ? 93  ALA B N   1 
ATOM   1453 C  CA  . ALA B 1 93  ? 11.731  -1.625  9.327   1.00 20.44 ? 93  ALA B CA  1 
ATOM   1454 C  C   . ALA B 1 93  ? 12.631  -1.051  10.408  1.00 20.89 ? 93  ALA B C   1 
ATOM   1455 O  O   . ALA B 1 93  ? 13.744  -1.550  10.633  1.00 20.53 ? 93  ALA B O   1 
ATOM   1456 C  CB  . ALA B 1 93  ? 11.023  -2.867  9.829   1.00 20.59 ? 93  ALA B CB  1 
ATOM   1457 N  N   . ARG B 1 94  ? 12.152  0.005   11.060  1.00 21.17 ? 94  ARG B N   1 
ATOM   1458 C  CA  . ARG B 1 94  ? 12.868  0.615   12.189  1.00 22.24 ? 94  ARG B CA  1 
ATOM   1459 C  C   . ARG B 1 94  ? 11.885  1.016   13.282  1.00 22.10 ? 94  ARG B C   1 
ATOM   1460 O  O   . ARG B 1 94  ? 10.827  1.559   12.989  1.00 22.16 ? 94  ARG B O   1 
ATOM   1461 C  CB  . ARG B 1 94  ? 13.644  1.850   11.731  1.00 22.59 ? 94  ARG B CB  1 
ATOM   1462 C  CG  . ARG B 1 94  ? 14.938  1.549   10.988  1.00 26.26 ? 94  ARG B CG  1 
ATOM   1463 C  CD  . ARG B 1 94  ? 16.027  1.114   11.953  1.00 31.34 ? 94  ARG B CD  1 
ATOM   1464 N  NE  . ARG B 1 94  ? 17.166  0.501   11.276  1.00 34.50 ? 94  ARG B NE  1 
ATOM   1465 C  CZ  . ARG B 1 94  ? 17.942  -0.433  11.821  1.00 36.42 ? 94  ARG B CZ  1 
ATOM   1466 N  NH1 . ARG B 1 94  ? 17.691  -0.876  13.049  1.00 37.46 ? 94  ARG B NH1 1 
ATOM   1467 N  NH2 . ARG B 1 94  ? 18.966  -0.935  11.136  1.00 37.09 ? 94  ARG B NH2 1 
ATOM   1468 N  N   . ARG B 1 95  ? 12.237  0.755   14.538  1.00 21.81 ? 95  ARG B N   1 
ATOM   1469 C  CA  . ARG B 1 95  ? 11.422  1.207   15.667  1.00 21.35 ? 95  ARG B CA  1 
ATOM   1470 C  C   . ARG B 1 95  ? 11.592  2.708   15.817  1.00 21.10 ? 95  ARG B C   1 
ATOM   1471 O  O   . ARG B 1 95  ? 12.667  3.238   15.558  1.00 20.67 ? 95  ARG B O   1 
ATOM   1472 C  CB  . ARG B 1 95  ? 11.877  0.542   16.971  1.00 21.14 ? 95  ARG B CB  1 
ATOM   1473 C  CG  . ARG B 1 95  ? 11.874  -0.967  16.940  1.00 21.74 ? 95  ARG B CG  1 
ATOM   1474 C  CD  . ARG B 1 95  ? 12.043  -1.507  18.327  1.00 21.59 ? 95  ARG B CD  1 
ATOM   1475 N  NE  . ARG B 1 95  ? 12.069  -2.963  18.347  1.00 21.90 ? 95  ARG B NE  1 
ATOM   1476 C  CZ  . ARG B 1 95  ? 12.024  -3.695  19.457  1.00 22.08 ? 95  ARG B CZ  1 
ATOM   1477 N  NH1 . ARG B 1 95  ? 12.058  -5.022  19.382  1.00 22.65 ? 95  ARG B NH1 1 
ATOM   1478 N  NH2 . ARG B 1 95  ? 11.936  -3.105  20.637  1.00 20.96 ? 95  ARG B NH2 1 
ATOM   1479 N  N   . ILE B 1 96  ? 10.540  3.399   16.239  1.00 21.31 ? 96  ILE B N   1 
ATOM   1480 C  CA  . ILE B 1 96  ? 10.691  4.800   16.603  1.00 21.92 ? 96  ILE B CA  1 
ATOM   1481 C  C   . ILE B 1 96  ? 11.271  4.878   18.019  1.00 22.50 ? 96  ILE B C   1 
ATOM   1482 O  O   . ILE B 1 96  ? 10.542  4.810   19.008  1.00 22.92 ? 96  ILE B O   1 
ATOM   1483 C  CB  . ILE B 1 96  ? 9.379   5.604   16.467  1.00 21.79 ? 96  ILE B CB  1 
ATOM   1484 C  CG1 . ILE B 1 96  ? 8.891   5.550   15.018  1.00 21.63 ? 96  ILE B CG1 1 
ATOM   1485 C  CG2 . ILE B 1 96  ? 9.601   7.063   16.906  1.00 21.75 ? 96  ILE B CG2 1 
ATOM   1486 C  CD1 . ILE B 1 96  ? 7.528   6.147   14.803  1.00 23.28 ? 96  ILE B CD1 1 
ATOM   1487 N  N   . ALA B 1 97  ? 12.593  5.005   18.098  1.00 22.95 ? 97  ALA B N   1 
ATOM   1488 C  CA  . ALA B 1 97  ? 13.291  5.092   19.377  1.00 23.36 ? 97  ALA B CA  1 
ATOM   1489 C  C   . ALA B 1 97  ? 13.061  6.446   20.026  1.00 23.67 ? 97  ALA B C   1 
ATOM   1490 O  O   . ALA B 1 97  ? 13.109  7.477   19.358  1.00 24.06 ? 97  ALA B O   1 
ATOM   1491 C  CB  . ALA B 1 97  ? 14.774  4.834   19.195  1.00 23.41 ? 97  ALA B CB  1 
ATOM   1492 N  N   . GLY B 1 98  ? 12.807  6.435   21.332  1.00 23.86 ? 98  GLY B N   1 
ATOM   1493 C  CA  . GLY B 1 98  ? 12.583  7.660   22.091  1.00 24.36 ? 98  GLY B CA  1 
ATOM   1494 C  C   . GLY B 1 98  ? 13.478  7.734   23.308  1.00 24.84 ? 98  GLY B C   1 
ATOM   1495 O  O   . GLY B 1 98  ? 14.296  6.844   23.536  1.00 24.79 ? 98  GLY B O   1 
ATOM   1496 N  N   . SER B 1 99  ? 13.315  8.791   24.098  1.00 25.34 ? 99  SER B N   1 
ATOM   1497 C  CA  . SER B 1 99  ? 14.204  9.053   25.228  1.00 26.00 ? 99  SER B CA  1 
ATOM   1498 C  C   . SER B 1 99  ? 13.490  9.050   26.579  1.00 26.64 ? 99  SER B C   1 
ATOM   1499 O  O   . SER B 1 99  ? 14.062  9.478   27.584  1.00 26.40 ? 99  SER B O   1 
ATOM   1500 C  CB  . SER B 1 99  ? 14.924  10.388  25.024  1.00 26.01 ? 99  SER B CB  1 
ATOM   1501 O  OG  . SER B 1 99  ? 13.994  11.437  24.821  1.00 25.83 ? 99  SER B OG  1 
HETATM 1502 N  N   . MSE B 1 100 ? 12.255  8.553   26.607  1.00 27.40 ? 100 MSE B N   1 
HETATM 1503 C  CA  . MSE B 1 100 ? 11.440  8.612   27.818  1.00 28.54 ? 100 MSE B CA  1 
HETATM 1504 C  C   . MSE B 1 100 ? 11.969  7.738   28.960  1.00 29.21 ? 100 MSE B C   1 
HETATM 1505 O  O   . MSE B 1 100 ? 12.392  8.251   30.000  1.00 29.33 ? 100 MSE B O   1 
HETATM 1506 C  CB  . MSE B 1 100 ? 9.982   8.250   27.520  1.00 28.53 ? 100 MSE B CB  1 
HETATM 1507 C  CG  . MSE B 1 100 ? 9.093   8.231   28.760  1.00 29.24 ? 100 MSE B CG  1 
HETATM 1508 SE SE  . MSE B 1 100 ? 8.691   10.016  29.417  1.00 32.21 ? 100 MSE B SE  1 
HETATM 1509 C  CE  . MSE B 1 100 ? 7.298   10.454  28.131  1.00 28.31 ? 100 MSE B CE  1 
ATOM   1510 N  N   . GLY B 1 101 ? 11.945  6.426   28.745  1.00 29.94 ? 101 GLY B N   1 
ATOM   1511 C  CA  . GLY B 1 101 ? 12.090  5.454   29.824  1.00 31.37 ? 101 GLY B CA  1 
ATOM   1512 C  C   . GLY B 1 101 ? 11.057  4.366   29.587  1.00 31.93 ? 101 GLY B C   1 
ATOM   1513 O  O   . GLY B 1 101 ? 11.306  3.486   28.771  1.00 32.50 ? 101 GLY B O   1 
ATOM   1514 N  N   . ARG B 1 102 ? 9.932   4.342   30.315  1.00 32.65 ? 102 ARG B N   1 
ATOM   1515 C  CA  . ARG B 1 102 ? 9.690   5.003   31.623  1.00 33.06 ? 102 ARG B CA  1 
ATOM   1516 C  C   . ARG B 1 102 ? 10.041  6.494   31.712  1.00 33.11 ? 102 ARG B C   1 
ATOM   1517 O  O   . ARG B 1 102 ? 9.768   7.164   32.723  1.00 32.72 ? 102 ARG B O   1 
ATOM   1518 C  CB  . ARG B 1 102 ? 10.373  4.218   32.765  1.00 33.53 ? 102 ARG B CB  1 
ATOM   1519 C  CG  . ARG B 1 102 ? 10.758  2.758   32.437  1.00 34.95 ? 102 ARG B CG  1 
ATOM   1520 C  CD  . ARG B 1 102 ? 9.556   1.826   32.357  1.00 37.42 ? 102 ARG B CD  1 
ATOM   1521 N  NE  . ARG B 1 102 ? 9.653   0.910   31.217  1.00 39.36 ? 102 ARG B NE  1 
ATOM   1522 C  CZ  . ARG B 1 102 ? 8.954   -0.221  31.080  1.00 39.96 ? 102 ARG B CZ  1 
ATOM   1523 N  NH1 . ARG B 1 102 ? 8.094   -0.615  32.019  1.00 40.32 ? 102 ARG B NH1 1 
ATOM   1524 N  NH2 . ARG B 1 102 ? 9.125   -0.970  29.999  1.00 41.02 ? 102 ARG B NH2 1 
HETATM 1525 NA NA  . NA  C 2 .   ? -15.590 12.132  1.626   1.00 32.01 ? 116 NA  A NA  1 
HETATM 1526 NA NA  . NA  D 2 .   ? 8.806   -2.321  -8.876  1.00 45.83 ? 117 NA  A NA  1 
HETATM 1527 NA NA  . NA  E 2 .   ? 0.384   9.923   7.170   1.00 40.04 ? 116 NA  B NA  1 
HETATM 1528 C  C1  . PEG F 3 .   ? -3.080  16.257  11.906  1.00 38.40 ? 117 PEG B C1  1 
HETATM 1529 O  O1  . PEG F 3 .   ? -2.996  14.837  12.104  1.00 38.20 ? 117 PEG B O1  1 
HETATM 1530 C  C2  . PEG F 3 .   ? -3.561  16.584  10.492  1.00 37.75 ? 117 PEG B C2  1 
HETATM 1531 O  O2  . PEG F 3 .   ? -4.890  17.105  10.567  1.00 36.63 ? 117 PEG B O2  1 
HETATM 1532 C  C3  . PEG F 3 .   ? -5.430  17.432  9.291   1.00 36.09 ? 117 PEG B C3  1 
HETATM 1533 C  C4  . PEG F 3 .   ? -6.381  18.623  9.414   1.00 36.33 ? 117 PEG B C4  1 
HETATM 1534 O  O4  . PEG F 3 .   ? -7.127  18.561  10.644  1.00 33.82 ? 117 PEG B O4  1 
HETATM 1535 O  O   . HOH G 4 .   ? -13.605 -6.322  2.401   0.50 11.72 ? 118 HOH A O   1 
HETATM 1536 O  O   . HOH G 4 .   ? 0.127   15.919  -7.497  1.00 47.81 ? 119 HOH A O   1 
HETATM 1537 O  O   . HOH G 4 .   ? 4.399   -8.238  -16.805 1.00 52.95 ? 120 HOH A O   1 
HETATM 1538 O  O   . HOH G 4 .   ? -14.126 5.590   -2.028  1.00 35.14 ? 121 HOH A O   1 
HETATM 1539 O  O   . HOH G 4 .   ? 1.983   -6.996  -18.845 1.00 57.31 ? 122 HOH A O   1 
HETATM 1540 O  O   . HOH G 4 .   ? -21.738 9.283   -7.128  1.00 12.31 ? 123 HOH A O   1 
HETATM 1541 O  O   . HOH G 4 .   ? -15.595 18.614  -0.154  1.00 16.11 ? 124 HOH A O   1 
HETATM 1542 O  O   . HOH G 4 .   ? -17.300 19.841  -1.741  1.00 15.18 ? 125 HOH A O   1 
HETATM 1543 O  O   . HOH G 4 .   ? -16.100 19.156  2.505   1.00 18.26 ? 126 HOH A O   1 
HETATM 1544 O  O   . HOH G 4 .   ? -10.562 3.311   -23.435 1.00 18.73 ? 127 HOH A O   1 
HETATM 1545 O  O   . HOH G 4 .   ? -8.285  -2.501  -4.142  1.00 19.72 ? 128 HOH A O   1 
HETATM 1546 O  O   . HOH G 4 .   ? -12.201 0.940   8.095   1.00 19.58 ? 129 HOH A O   1 
HETATM 1547 O  O   . HOH G 4 .   ? -15.757 15.786  -0.153  1.00 19.76 ? 130 HOH A O   1 
HETATM 1548 O  O   . HOH G 4 .   ? -0.093  12.677  -17.275 1.00 22.84 ? 131 HOH A O   1 
HETATM 1549 O  O   . HOH G 4 .   ? 1.901   -11.424 -6.572  1.00 23.48 ? 132 HOH A O   1 
HETATM 1550 O  O   . HOH G 4 .   ? -0.050  13.637  3.057   1.00 23.07 ? 133 HOH A O   1 
HETATM 1551 O  O   . HOH G 4 .   ? -5.878  -5.848  3.078   1.00 22.97 ? 134 HOH A O   1 
HETATM 1552 O  O   . HOH G 4 .   ? -0.161  14.818  -10.484 1.00 23.45 ? 135 HOH A O   1 
HETATM 1553 O  O   . HOH G 4 .   ? -13.683 1.201   -17.569 1.00 23.06 ? 136 HOH A O   1 
HETATM 1554 O  O   . HOH G 4 .   ? -15.722 6.614   -11.002 1.00 23.69 ? 137 HOH A O   1 
HETATM 1555 O  O   . HOH G 4 .   ? -8.631  19.462  -5.797  1.00 25.23 ? 138 HOH A O   1 
HETATM 1556 O  O   . HOH G 4 .   ? -11.639 5.297   -20.165 1.00 25.48 ? 139 HOH A O   1 
HETATM 1557 O  O   . HOH G 4 .   ? -17.000 4.214   -10.207 1.00 27.24 ? 140 HOH A O   1 
HETATM 1558 O  O   . HOH G 4 .   ? -8.216  -2.640  4.799   1.00 27.20 ? 141 HOH A O   1 
HETATM 1559 O  O   . HOH G 4 .   ? -14.167 9.329   -16.708 1.00 27.87 ? 142 HOH A O   1 
HETATM 1560 O  O   . HOH G 4 .   ? -12.484 16.442  -16.561 1.00 27.70 ? 143 HOH A O   1 
HETATM 1561 O  O   . HOH G 4 .   ? 0.771   10.395  0.949   1.00 27.89 ? 144 HOH A O   1 
HETATM 1562 O  O   . HOH G 4 .   ? -17.533 14.153  1.474   1.00 27.37 ? 145 HOH A O   1 
HETATM 1563 O  O   . HOH G 4 .   ? -15.011 -0.525  -2.679  1.00 28.09 ? 146 HOH A O   1 
HETATM 1564 O  O   . HOH G 4 .   ? 2.721   -2.757  -14.476 1.00 30.05 ? 147 HOH A O   1 
HETATM 1565 O  O   . HOH G 4 .   ? -13.313 -3.752  11.431  1.00 27.58 ? 148 HOH A O   1 
HETATM 1566 O  O   . HOH G 4 .   ? -5.279  10.355  -24.515 1.00 27.04 ? 149 HOH A O   1 
HETATM 1567 O  O   . HOH G 4 .   ? -13.447 -5.417  9.610   1.00 28.55 ? 150 HOH A O   1 
HETATM 1568 O  O   . HOH G 4 .   ? -15.910 -2.602  -0.661  1.00 28.17 ? 151 HOH A O   1 
HETATM 1569 O  O   . HOH G 4 .   ? -4.100  -7.740  -6.294  1.00 29.22 ? 152 HOH A O   1 
HETATM 1570 O  O   . HOH G 4 .   ? 5.213   9.803   10.050  1.00 28.35 ? 153 HOH A O   1 
HETATM 1571 O  O   . HOH G 4 .   ? -7.086  16.747  -6.558  1.00 31.50 ? 154 HOH A O   1 
HETATM 1572 O  O   . HOH G 4 .   ? -7.640  11.313  -22.769 1.00 29.88 ? 155 HOH A O   1 
HETATM 1573 O  O   . HOH G 4 .   ? -5.522  10.827  -18.029 1.00 29.99 ? 156 HOH A O   1 
HETATM 1574 O  O   . HOH G 4 .   ? -11.547 4.899   4.207   1.00 32.46 ? 157 HOH A O   1 
HETATM 1575 O  O   . HOH G 4 .   ? 3.227   10.087  3.983   1.00 32.82 ? 158 HOH A O   1 
HETATM 1576 O  O   . HOH G 4 .   ? -21.353 8.734   -12.168 1.00 32.10 ? 159 HOH A O   1 
HETATM 1577 O  O   . HOH G 4 .   ? 5.999   5.463   -9.288  1.00 32.87 ? 160 HOH A O   1 
HETATM 1578 O  O   . HOH G 4 .   ? 3.489   1.968   -15.637 1.00 35.12 ? 161 HOH A O   1 
HETATM 1579 O  O   . HOH G 4 .   ? -16.298 -1.943  13.183  1.00 35.88 ? 162 HOH A O   1 
HETATM 1580 O  O   . HOH G 4 .   ? -23.071 17.227  2.471   1.00 37.20 ? 163 HOH A O   1 
HETATM 1581 O  O   . HOH G 4 .   ? 8.769   -14.677 -8.825  1.00 36.43 ? 164 HOH A O   1 
HETATM 1582 O  O   . HOH G 4 .   ? -17.584 8.184   9.559   1.00 36.32 ? 165 HOH A O   1 
HETATM 1583 O  O   . HOH G 4 .   ? 7.190   9.344   -33.394 1.00 33.41 ? 166 HOH A O   1 
HETATM 1584 O  O   . HOH G 4 .   ? -15.206 1.970   -1.887  1.00 38.65 ? 167 HOH A O   1 
HETATM 1585 O  O   . HOH G 4 .   ? 1.289   14.453  0.543   1.00 38.29 ? 168 HOH A O   1 
HETATM 1586 O  O   . HOH G 4 .   ? -5.950  -4.904  -3.790  1.00 41.34 ? 169 HOH A O   1 
HETATM 1587 O  O   . HOH G 4 .   ? -16.514 10.925  -17.146 1.00 35.48 ? 170 HOH A O   1 
HETATM 1588 O  O   . HOH G 4 .   ? -2.499  12.116  -16.362 1.00 41.88 ? 171 HOH A O   1 
HETATM 1589 O  O   . HOH G 4 .   ? -15.385 4.777   2.825   1.00 45.95 ? 173 HOH A O   1 
HETATM 1590 O  O   . HOH G 4 .   ? 3.019   -0.543  -15.591 1.00 45.51 ? 174 HOH A O   1 
HETATM 1591 O  O   . HOH G 4 .   ? -5.258  15.334  -5.459  1.00 47.64 ? 175 HOH A O   1 
HETATM 1592 O  O   . HOH H 4 .   ? -9.248  1.187   14.445  1.00 49.53 ? 118 HOH B O   1 
HETATM 1593 O  O   . HOH H 4 .   ? 5.821   -22.215 8.540   1.00 10.30 ? 119 HOH B O   1 
HETATM 1594 O  O   . HOH H 4 .   ? 14.996  -19.070 -0.296  1.00 17.97 ? 120 HOH B O   1 
HETATM 1595 O  O   . HOH H 4 .   ? -9.861  5.216   7.031   1.00 19.31 ? 121 HOH B O   1 
HETATM 1596 O  O   . HOH H 4 .   ? 8.577   -1.687  22.245  1.00 17.75 ? 122 HOH B O   1 
HETATM 1597 O  O   . HOH H 4 .   ? 4.584   -8.112  23.773  1.00 18.73 ? 123 HOH B O   1 
HETATM 1598 O  O   . HOH H 4 .   ? -7.495  -4.702  -1.837  1.00 19.85 ? 124 HOH B O   1 
HETATM 1599 O  O   . HOH H 4 .   ? 12.271  -18.508 0.115   1.00 18.80 ? 125 HOH B O   1 
HETATM 1600 O  O   . HOH H 4 .   ? -13.042 19.795  0.226   1.00 21.73 ? 126 HOH B O   1 
HETATM 1601 O  O   . HOH H 4 .   ? 4.905   -15.261 11.763  1.00 20.11 ? 127 HOH B O   1 
HETATM 1602 O  O   . HOH H 4 .   ? -3.577  -7.019  5.060   1.00 21.39 ? 128 HOH B O   1 
HETATM 1603 O  O   . HOH H 4 .   ? 11.037  -4.135  25.251  1.00 20.93 ? 129 HOH B O   1 
HETATM 1604 O  O   . HOH H 4 .   ? 2.381   -16.035 11.599  1.00 21.21 ? 130 HOH B O   1 
HETATM 1605 O  O   . HOH H 4 .   ? 0.945   -11.427 18.634  1.00 23.87 ? 131 HOH B O   1 
HETATM 1606 O  O   . HOH H 4 .   ? 9.952   -20.385 -0.981  1.00 23.26 ? 132 HOH B O   1 
HETATM 1607 O  O   . HOH H 4 .   ? 16.185  -10.324 16.851  1.00 24.43 ? 133 HOH B O   1 
HETATM 1608 O  O   . HOH H 4 .   ? 5.813   -10.015 20.414  1.00 24.66 ? 134 HOH B O   1 
HETATM 1609 O  O   . HOH H 4 .   ? 4.600   -4.398  24.737  1.00 24.84 ? 135 HOH B O   1 
HETATM 1610 O  O   . HOH H 4 .   ? 6.632   5.453   -1.183  1.00 26.65 ? 136 HOH B O   1 
HETATM 1611 O  O   . HOH H 4 .   ? 14.023  -14.106 22.094  1.00 25.79 ? 137 HOH B O   1 
HETATM 1612 O  O   . HOH H 4 .   ? 1.498   -11.693 -0.109  1.00 26.40 ? 138 HOH B O   1 
HETATM 1613 O  O   . HOH H 4 .   ? 17.885  -11.537 4.023   1.00 25.34 ? 139 HOH B O   1 
HETATM 1614 O  O   . HOH H 4 .   ? 14.913  -0.358  15.032  1.00 26.42 ? 140 HOH B O   1 
HETATM 1615 O  O   . HOH H 4 .   ? -7.660  17.296  6.436   1.00 27.54 ? 141 HOH B O   1 
HETATM 1616 O  O   . HOH H 4 .   ? 12.507  -4.479  23.091  1.00 25.96 ? 142 HOH B O   1 
HETATM 1617 O  O   . HOH H 4 .   ? 15.579  -2.057  7.990   1.00 28.26 ? 143 HOH B O   1 
HETATM 1618 O  O   . HOH H 4 .   ? 12.655  -3.518  -4.992  1.00 27.58 ? 144 HOH B O   1 
HETATM 1619 O  O   . HOH H 4 .   ? 7.706   5.966   7.002   1.00 28.49 ? 145 HOH B O   1 
HETATM 1620 O  O   . HOH H 4 .   ? 15.677  -13.864 15.808  1.00 27.14 ? 146 HOH B O   1 
HETATM 1621 O  O   . HOH H 4 .   ? 9.950   -1.523  -2.721  1.00 27.10 ? 147 HOH B O   1 
HETATM 1622 O  O   . HOH H 4 .   ? 1.719   8.986   11.155  1.00 27.28 ? 148 HOH B O   1 
HETATM 1623 O  O   . HOH H 4 .   ? -7.961  11.573  -3.964  1.00 29.78 ? 149 HOH B O   1 
HETATM 1624 O  O   . HOH H 4 .   ? 8.706   -13.705 16.778  1.00 27.84 ? 150 HOH B O   1 
HETATM 1625 O  O   . HOH H 4 .   ? -15.723 12.269  9.725   1.00 31.69 ? 151 HOH B O   1 
HETATM 1626 O  O   . HOH H 4 .   ? -8.302  16.060  10.469  1.00 29.77 ? 152 HOH B O   1 
HETATM 1627 O  O   . HOH H 4 .   ? -13.325 13.864  10.133  1.00 31.72 ? 153 HOH B O   1 
HETATM 1628 O  O   . HOH H 4 .   ? -11.332 12.762  8.790   1.00 32.24 ? 154 HOH B O   1 
HETATM 1629 O  O   . HOH H 4 .   ? 17.928  -15.327 7.016   1.00 31.13 ? 155 HOH B O   1 
HETATM 1630 O  O   . HOH H 4 .   ? -5.118  -7.911  -3.397  1.00 32.11 ? 156 HOH B O   1 
HETATM 1631 O  O   . HOH H 4 .   ? 3.201   8.695   14.572  1.00 32.56 ? 157 HOH B O   1 
HETATM 1632 O  O   . HOH H 4 .   ? 9.800   0.662   -5.954  1.00 31.52 ? 158 HOH B O   1 
HETATM 1633 O  O   . HOH H 4 .   ? -7.719  -1.614  7.084   1.00 32.56 ? 159 HOH B O   1 
HETATM 1634 O  O   . HOH H 4 .   ? 1.427   -12.676 -3.762  1.00 32.99 ? 160 HOH B O   1 
HETATM 1635 O  O   . HOH H 4 .   ? -8.269  5.219   16.255  1.00 32.50 ? 161 HOH B O   1 
HETATM 1636 O  O   . HOH H 4 .   ? 16.136  -9.464  4.967   1.00 34.01 ? 162 HOH B O   1 
HETATM 1637 O  O   . HOH H 4 .   ? -4.944  17.438  14.417  1.00 34.14 ? 164 HOH B O   1 
HETATM 1638 O  O   . HOH H 4 .   ? -4.211  6.360   19.024  1.00 35.21 ? 165 HOH B O   1 
HETATM 1639 O  O   . HOH H 4 .   ? 10.591  -16.029 17.301  1.00 33.75 ? 166 HOH B O   1 
HETATM 1640 O  O   . HOH H 4 .   ? 8.866   1.948   -12.344 1.00 33.86 ? 167 HOH B O   1 
HETATM 1641 O  O   . HOH H 4 .   ? 21.800  -12.868 4.753   1.00 35.44 ? 168 HOH B O   1 
HETATM 1642 O  O   . HOH H 4 .   ? -3.243  -14.226 4.411   1.00 37.31 ? 169 HOH B O   1 
HETATM 1643 O  O   . HOH H 4 .   ? 4.939   4.677   14.184  1.00 35.95 ? 170 HOH B O   1 
HETATM 1644 O  O   . HOH H 4 .   ? -0.905  -3.174  20.444  1.00 35.76 ? 171 HOH B O   1 
HETATM 1645 O  O   . HOH H 4 .   ? 16.200  -3.859  5.874   1.00 38.82 ? 172 HOH B O   1 
HETATM 1646 O  O   . HOH H 4 .   ? -5.056  14.323  -2.497  1.00 38.94 ? 173 HOH B O   1 
HETATM 1647 O  O   . HOH H 4 .   ? -2.397  -17.721 -4.952  1.00 38.88 ? 174 HOH B O   1 
HETATM 1648 O  O   . HOH H 4 .   ? 3.869   8.372   17.145  1.00 41.23 ? 175 HOH B O   1 
HETATM 1649 O  O   . HOH H 4 .   ? -13.295 4.375   10.698  1.00 33.33 ? 176 HOH B O   1 
HETATM 1650 O  O   . HOH H 4 .   ? 2.314   -14.036 0.113   1.00 41.95 ? 177 HOH B O   1 
HETATM 1651 O  O   . HOH H 4 .   ? -1.462  -11.099 20.266  1.00 43.02 ? 178 HOH B O   1 
HETATM 1652 O  O   . HOH H 4 .   ? -6.427  -20.078 -2.502  1.00 47.02 ? 179 HOH B O   1 
HETATM 1653 O  O   . HOH H 4 .   ? -5.368  -4.074  4.669   1.00 45.89 ? 180 HOH B O   1 
HETATM 1654 O  O   . HOH H 4 .   ? -11.431 17.529  0.486   1.00 30.19 ? 181 HOH B O   1 
HETATM 1655 O  O   . HOH H 4 .   ? -10.704 6.649   16.152  1.00 39.41 ? 182 HOH B O   1 
# 
